data_1PVX
# 
_entry.id   1PVX 
# 
_audit_conform.dict_name       mmcif_pdbx.dic 
_audit_conform.dict_version    5.398 
_audit_conform.dict_location   http://mmcif.pdb.org/dictionaries/ascii/mmcif_pdbx.dic 
# 
loop_
_database_2.database_id 
_database_2.database_code 
_database_2.pdbx_database_accession 
_database_2.pdbx_DOI 
PDB   1PVX         pdb_00001pvx 10.2210/pdb1pvx/pdb 
RCSB  RCSB007041   ?            ?                   
WWPDB D_1000007041 ?            ?                   
# 
loop_
_pdbx_audit_revision_history.ordinal 
_pdbx_audit_revision_history.data_content_type 
_pdbx_audit_revision_history.major_revision 
_pdbx_audit_revision_history.minor_revision 
_pdbx_audit_revision_history.revision_date 
1 'Structure model' 1 0 1999-10-20 
2 'Structure model' 1 1 2008-04-01 
3 'Structure model' 1 2 2011-07-13 
4 'Structure model' 1 3 2017-10-04 
5 'Structure model' 1 4 2023-08-16 
6 'Structure model' 1 5 2024-11-13 
# 
_pdbx_audit_revision_details.ordinal             1 
_pdbx_audit_revision_details.revision_ordinal    1 
_pdbx_audit_revision_details.data_content_type   'Structure model' 
_pdbx_audit_revision_details.provider            repository 
_pdbx_audit_revision_details.type                'Initial release' 
_pdbx_audit_revision_details.description         ? 
_pdbx_audit_revision_details.details             ? 
# 
loop_
_pdbx_audit_revision_group.ordinal 
_pdbx_audit_revision_group.revision_ordinal 
_pdbx_audit_revision_group.data_content_type 
_pdbx_audit_revision_group.group 
1 2 'Structure model' 'Version format compliance' 
2 3 'Structure model' 'Version format compliance' 
3 4 'Structure model' 'Refinement description'    
4 5 'Structure model' 'Data collection'           
5 5 'Structure model' 'Database references'       
6 5 'Structure model' 'Refinement description'    
7 6 'Structure model' 'Structure summary'         
# 
loop_
_pdbx_audit_revision_category.ordinal 
_pdbx_audit_revision_category.revision_ordinal 
_pdbx_audit_revision_category.data_content_type 
_pdbx_audit_revision_category.category 
1 4 'Structure model' software                      
2 5 'Structure model' chem_comp_atom                
3 5 'Structure model' chem_comp_bond                
4 5 'Structure model' database_2                    
5 5 'Structure model' pdbx_initial_refinement_model 
6 6 'Structure model' pdbx_entry_details            
7 6 'Structure model' pdbx_modification_feature     
# 
loop_
_pdbx_audit_revision_item.ordinal 
_pdbx_audit_revision_item.revision_ordinal 
_pdbx_audit_revision_item.data_content_type 
_pdbx_audit_revision_item.item 
1 5 'Structure model' '_database_2.pdbx_DOI'                
2 5 'Structure model' '_database_2.pdbx_database_accession' 
# 
_pdbx_database_status.status_code                     REL 
_pdbx_database_status.entry_id                        1PVX 
_pdbx_database_status.recvd_initial_deposition_date   1998-10-20 
_pdbx_database_status.deposit_site                    BNL 
_pdbx_database_status.process_site                    RCSB 
_pdbx_database_status.status_code_sf                  REL 
_pdbx_database_status.status_code_mr                  ? 
_pdbx_database_status.SG_entry                        ? 
_pdbx_database_status.pdb_format_compatible           Y 
_pdbx_database_status.status_code_cs                  ? 
_pdbx_database_status.methods_development_category    ? 
_pdbx_database_status.status_code_nmr_data            ? 
# 
loop_
_audit_author.name 
_audit_author.pdbx_ordinal 
'Rajeshkumar, P.'   1 
'Eswaramoorthy, S.' 2 
'Vithayathil, P.J.' 3 
'Viswamitra, M.A.'  4 
# 
_citation.id                        primary 
_citation.title                     
;The tertiary structure at 1.59 A resolution and the proposed amino acid sequence of a family-11 xylanase from the thermophilic fungus Paecilomyces varioti bainier.
;
_citation.journal_abbrev            J.Mol.Biol. 
_citation.journal_volume            295 
_citation.page_first                581 
_citation.page_last                 593 
_citation.year                      2000 
_citation.journal_id_ASTM           JMOBAK 
_citation.country                   UK 
_citation.journal_id_ISSN           0022-2836 
_citation.journal_id_CSD            0070 
_citation.book_publisher            ? 
_citation.pdbx_database_id_PubMed   10623548 
_citation.pdbx_database_id_DOI      10.1006/jmbi.1999.3348 
# 
loop_
_citation_author.citation_id 
_citation_author.name 
_citation_author.ordinal 
_citation_author.identifier_ORCID 
primary 'Kumar, P.R.'       1 ? 
primary 'Eswaramoorthy, S.' 2 ? 
primary 'Vithayathil, P.J.' 3 ? 
primary 'Viswamitra, M.A.'  4 ? 
# 
loop_
_entity.id 
_entity.type 
_entity.src_method 
_entity.pdbx_description 
_entity.formula_weight 
_entity.pdbx_number_of_molecules 
_entity.pdbx_ec 
_entity.pdbx_mutation 
_entity.pdbx_fragment 
_entity.details 
1 polymer nat 'PROTEIN (ENDO-1,4-BETA-XYLANASE)' 20959.227 1   3.2.1.8 ? ? ? 
2 water   nat water                              18.015    128 ?       ? ? ? 
# 
_entity_name_com.entity_id   1 
_entity_name_com.name        XYLA 
# 
_entity_poly.entity_id                      1 
_entity_poly.type                           'polypeptide(L)' 
_entity_poly.nstd_linkage                   no 
_entity_poly.nstd_monomer                   no 
_entity_poly.pdbx_seq_one_letter_code       
;GTTPNSEGWHDGYYYSWWSDGGGDSTYTNNSGGTYEITWGNGGNLVGGKGWNPGLNARAIHFTGVYQPNGTSYLSVYGWT
RNPLVEYYIVENFGSSNPSSGSTDLGTVSCDGSTYTLGQSTRYNAPSIDGTQTFNQYWSVRQDKRSSGTVQTGCHFDAWA
SAGLNVTGDHYYQIVATEGYFSSGYARITVADVG
;
_entity_poly.pdbx_seq_one_letter_code_can   
;GTTPNSEGWHDGYYYSWWSDGGGDSTYTNNSGGTYEITWGNGGNLVGGKGWNPGLNARAIHFTGVYQPNGTSYLSVYGWT
RNPLVEYYIVENFGSSNPSSGSTDLGTVSCDGSTYTLGQSTRYNAPSIDGTQTFNQYWSVRQDKRSSGTVQTGCHFDAWA
SAGLNVTGDHYYQIVATEGYFSSGYARITVADVG
;
_entity_poly.pdbx_strand_id                 A 
_entity_poly.pdbx_target_identifier         ? 
# 
_pdbx_entity_nonpoly.entity_id   2 
_pdbx_entity_nonpoly.name        water 
_pdbx_entity_nonpoly.comp_id     HOH 
# 
loop_
_entity_poly_seq.entity_id 
_entity_poly_seq.num 
_entity_poly_seq.mon_id 
_entity_poly_seq.hetero 
1 1   GLY n 
1 2   THR n 
1 3   THR n 
1 4   PRO n 
1 5   ASN n 
1 6   SER n 
1 7   GLU n 
1 8   GLY n 
1 9   TRP n 
1 10  HIS n 
1 11  ASP n 
1 12  GLY n 
1 13  TYR n 
1 14  TYR n 
1 15  TYR n 
1 16  SER n 
1 17  TRP n 
1 18  TRP n 
1 19  SER n 
1 20  ASP n 
1 21  GLY n 
1 22  GLY n 
1 23  GLY n 
1 24  ASP n 
1 25  SER n 
1 26  THR n 
1 27  TYR n 
1 28  THR n 
1 29  ASN n 
1 30  ASN n 
1 31  SER n 
1 32  GLY n 
1 33  GLY n 
1 34  THR n 
1 35  TYR n 
1 36  GLU n 
1 37  ILE n 
1 38  THR n 
1 39  TRP n 
1 40  GLY n 
1 41  ASN n 
1 42  GLY n 
1 43  GLY n 
1 44  ASN n 
1 45  LEU n 
1 46  VAL n 
1 47  GLY n 
1 48  GLY n 
1 49  LYS n 
1 50  GLY n 
1 51  TRP n 
1 52  ASN n 
1 53  PRO n 
1 54  GLY n 
1 55  LEU n 
1 56  ASN n 
1 57  ALA n 
1 58  ARG n 
1 59  ALA n 
1 60  ILE n 
1 61  HIS n 
1 62  PHE n 
1 63  THR n 
1 64  GLY n 
1 65  VAL n 
1 66  TYR n 
1 67  GLN n 
1 68  PRO n 
1 69  ASN n 
1 70  GLY n 
1 71  THR n 
1 72  SER n 
1 73  TYR n 
1 74  LEU n 
1 75  SER n 
1 76  VAL n 
1 77  TYR n 
1 78  GLY n 
1 79  TRP n 
1 80  THR n 
1 81  ARG n 
1 82  ASN n 
1 83  PRO n 
1 84  LEU n 
1 85  VAL n 
1 86  GLU n 
1 87  TYR n 
1 88  TYR n 
1 89  ILE n 
1 90  VAL n 
1 91  GLU n 
1 92  ASN n 
1 93  PHE n 
1 94  GLY n 
1 95  SER n 
1 96  SER n 
1 97  ASN n 
1 98  PRO n 
1 99  SER n 
1 100 SER n 
1 101 GLY n 
1 102 SER n 
1 103 THR n 
1 104 ASP n 
1 105 LEU n 
1 106 GLY n 
1 107 THR n 
1 108 VAL n 
1 109 SER n 
1 110 CYS n 
1 111 ASP n 
1 112 GLY n 
1 113 SER n 
1 114 THR n 
1 115 TYR n 
1 116 THR n 
1 117 LEU n 
1 118 GLY n 
1 119 GLN n 
1 120 SER n 
1 121 THR n 
1 122 ARG n 
1 123 TYR n 
1 124 ASN n 
1 125 ALA n 
1 126 PRO n 
1 127 SER n 
1 128 ILE n 
1 129 ASP n 
1 130 GLY n 
1 131 THR n 
1 132 GLN n 
1 133 THR n 
1 134 PHE n 
1 135 ASN n 
1 136 GLN n 
1 137 TYR n 
1 138 TRP n 
1 139 SER n 
1 140 VAL n 
1 141 ARG n 
1 142 GLN n 
1 143 ASP n 
1 144 LYS n 
1 145 ARG n 
1 146 SER n 
1 147 SER n 
1 148 GLY n 
1 149 THR n 
1 150 VAL n 
1 151 GLN n 
1 152 THR n 
1 153 GLY n 
1 154 CYS n 
1 155 HIS n 
1 156 PHE n 
1 157 ASP n 
1 158 ALA n 
1 159 TRP n 
1 160 ALA n 
1 161 SER n 
1 162 ALA n 
1 163 GLY n 
1 164 LEU n 
1 165 ASN n 
1 166 VAL n 
1 167 THR n 
1 168 GLY n 
1 169 ASP n 
1 170 HIS n 
1 171 TYR n 
1 172 TYR n 
1 173 GLN n 
1 174 ILE n 
1 175 VAL n 
1 176 ALA n 
1 177 THR n 
1 178 GLU n 
1 179 GLY n 
1 180 TYR n 
1 181 PHE n 
1 182 SER n 
1 183 SER n 
1 184 GLY n 
1 185 TYR n 
1 186 ALA n 
1 187 ARG n 
1 188 ILE n 
1 189 THR n 
1 190 VAL n 
1 191 ALA n 
1 192 ASP n 
1 193 VAL n 
1 194 GLY n 
# 
_entity_src_nat.entity_id                  1 
_entity_src_nat.pdbx_src_id                1 
_entity_src_nat.pdbx_alt_source_flag       sample 
_entity_src_nat.pdbx_beg_seq_num           ? 
_entity_src_nat.pdbx_end_seq_num           ? 
_entity_src_nat.common_name                ? 
_entity_src_nat.pdbx_organism_scientific   'Paecilomyces variotii' 
_entity_src_nat.pdbx_ncbi_taxonomy_id      45996 
_entity_src_nat.genus                      Paecilomyces 
_entity_src_nat.species                    ? 
_entity_src_nat.strain                     ? 
_entity_src_nat.tissue                     ? 
_entity_src_nat.tissue_fraction            ? 
_entity_src_nat.pdbx_secretion             ? 
_entity_src_nat.pdbx_fragment              ? 
_entity_src_nat.pdbx_variant               ? 
_entity_src_nat.pdbx_cell_line             ? 
_entity_src_nat.pdbx_atcc                  ? 
_entity_src_nat.pdbx_cellular_location     ? 
_entity_src_nat.pdbx_organ                 ? 
_entity_src_nat.pdbx_organelle             ? 
_entity_src_nat.pdbx_cell                  ? 
_entity_src_nat.pdbx_plasmid_name          ? 
_entity_src_nat.pdbx_plasmid_details       ? 
_entity_src_nat.details                    ? 
# 
loop_
_chem_comp.id 
_chem_comp.type 
_chem_comp.mon_nstd_flag 
_chem_comp.name 
_chem_comp.pdbx_synonyms 
_chem_comp.formula 
_chem_comp.formula_weight 
ALA 'L-peptide linking' y ALANINE         ? 'C3 H7 N O2'     89.093  
ARG 'L-peptide linking' y ARGININE        ? 'C6 H15 N4 O2 1' 175.209 
ASN 'L-peptide linking' y ASPARAGINE      ? 'C4 H8 N2 O3'    132.118 
ASP 'L-peptide linking' y 'ASPARTIC ACID' ? 'C4 H7 N O4'     133.103 
CYS 'L-peptide linking' y CYSTEINE        ? 'C3 H7 N O2 S'   121.158 
GLN 'L-peptide linking' y GLUTAMINE       ? 'C5 H10 N2 O3'   146.144 
GLU 'L-peptide linking' y 'GLUTAMIC ACID' ? 'C5 H9 N O4'     147.129 
GLY 'peptide linking'   y GLYCINE         ? 'C2 H5 N O2'     75.067  
HIS 'L-peptide linking' y HISTIDINE       ? 'C6 H10 N3 O2 1' 156.162 
HOH non-polymer         . WATER           ? 'H2 O'           18.015  
ILE 'L-peptide linking' y ISOLEUCINE      ? 'C6 H13 N O2'    131.173 
LEU 'L-peptide linking' y LEUCINE         ? 'C6 H13 N O2'    131.173 
LYS 'L-peptide linking' y LYSINE          ? 'C6 H15 N2 O2 1' 147.195 
PHE 'L-peptide linking' y PHENYLALANINE   ? 'C9 H11 N O2'    165.189 
PRO 'L-peptide linking' y PROLINE         ? 'C5 H9 N O2'     115.130 
SER 'L-peptide linking' y SERINE          ? 'C3 H7 N O3'     105.093 
THR 'L-peptide linking' y THREONINE       ? 'C4 H9 N O3'     119.119 
TRP 'L-peptide linking' y TRYPTOPHAN      ? 'C11 H12 N2 O2'  204.225 
TYR 'L-peptide linking' y TYROSINE        ? 'C9 H11 N O3'    181.189 
VAL 'L-peptide linking' y VALINE          ? 'C5 H11 N O2'    117.146 
# 
loop_
_pdbx_poly_seq_scheme.asym_id 
_pdbx_poly_seq_scheme.entity_id 
_pdbx_poly_seq_scheme.seq_id 
_pdbx_poly_seq_scheme.mon_id 
_pdbx_poly_seq_scheme.ndb_seq_num 
_pdbx_poly_seq_scheme.pdb_seq_num 
_pdbx_poly_seq_scheme.auth_seq_num 
_pdbx_poly_seq_scheme.pdb_mon_id 
_pdbx_poly_seq_scheme.auth_mon_id 
_pdbx_poly_seq_scheme.pdb_strand_id 
_pdbx_poly_seq_scheme.pdb_ins_code 
_pdbx_poly_seq_scheme.hetero 
A 1 1   GLY 1   1   1   GLY GLY A . n 
A 1 2   THR 2   2   2   THR THR A . n 
A 1 3   THR 3   3   3   THR THR A . n 
A 1 4   PRO 4   4   4   PRO PRO A . n 
A 1 5   ASN 5   5   5   ASN ASN A . n 
A 1 6   SER 6   6   6   SER SER A . n 
A 1 7   GLU 7   7   7   GLU GLU A . n 
A 1 8   GLY 8   8   8   GLY GLY A . n 
A 1 9   TRP 9   9   9   TRP TRP A . n 
A 1 10  HIS 10  10  10  HIS HIS A . n 
A 1 11  ASP 11  11  11  ASP ASP A . n 
A 1 12  GLY 12  12  12  GLY GLY A . n 
A 1 13  TYR 13  13  13  TYR TYR A . n 
A 1 14  TYR 14  14  14  TYR TYR A . n 
A 1 15  TYR 15  15  15  TYR TYR A . n 
A 1 16  SER 16  16  16  SER SER A . n 
A 1 17  TRP 17  17  17  TRP TRP A . n 
A 1 18  TRP 18  18  18  TRP TRP A . n 
A 1 19  SER 19  19  19  SER SER A . n 
A 1 20  ASP 20  20  20  ASP ASP A . n 
A 1 21  GLY 21  21  21  GLY GLY A . n 
A 1 22  GLY 22  22  22  GLY GLY A . n 
A 1 23  GLY 23  23  23  GLY GLY A . n 
A 1 24  ASP 24  24  24  ASP ASP A . n 
A 1 25  SER 25  25  25  SER SER A . n 
A 1 26  THR 26  26  26  THR THR A . n 
A 1 27  TYR 27  27  27  TYR TYR A . n 
A 1 28  THR 28  28  28  THR THR A . n 
A 1 29  ASN 29  29  29  ASN ASN A . n 
A 1 30  ASN 30  30  30  ASN ASN A . n 
A 1 31  SER 31  31  31  SER SER A . n 
A 1 32  GLY 32  32  32  GLY GLY A . n 
A 1 33  GLY 33  33  33  GLY GLY A . n 
A 1 34  THR 34  34  34  THR THR A . n 
A 1 35  TYR 35  35  35  TYR TYR A . n 
A 1 36  GLU 36  36  36  GLU GLU A . n 
A 1 37  ILE 37  37  37  ILE ILE A . n 
A 1 38  THR 38  38  38  THR THR A . n 
A 1 39  TRP 39  39  39  TRP TRP A . n 
A 1 40  GLY 40  40  40  GLY GLY A . n 
A 1 41  ASN 41  41  41  ASN ASN A . n 
A 1 42  GLY 42  42  42  GLY GLY A . n 
A 1 43  GLY 43  43  43  GLY GLY A . n 
A 1 44  ASN 44  44  44  ASN ASN A . n 
A 1 45  LEU 45  45  45  LEU LEU A . n 
A 1 46  VAL 46  46  46  VAL VAL A . n 
A 1 47  GLY 47  47  47  GLY GLY A . n 
A 1 48  GLY 48  48  48  GLY GLY A . n 
A 1 49  LYS 49  49  49  LYS LYS A . n 
A 1 50  GLY 50  50  50  GLY GLY A . n 
A 1 51  TRP 51  51  51  TRP TRP A . n 
A 1 52  ASN 52  52  52  ASN ASN A . n 
A 1 53  PRO 53  53  53  PRO PRO A . n 
A 1 54  GLY 54  54  54  GLY GLY A . n 
A 1 55  LEU 55  55  55  LEU LEU A . n 
A 1 56  ASN 56  56  56  ASN ASN A . n 
A 1 57  ALA 57  57  57  ALA ALA A . n 
A 1 58  ARG 58  58  58  ARG ARG A . n 
A 1 59  ALA 59  59  59  ALA ALA A . n 
A 1 60  ILE 60  60  60  ILE ILE A . n 
A 1 61  HIS 61  61  61  HIS HIS A . n 
A 1 62  PHE 62  62  62  PHE PHE A . n 
A 1 63  THR 63  63  63  THR THR A . n 
A 1 64  GLY 64  64  64  GLY GLY A . n 
A 1 65  VAL 65  65  65  VAL VAL A . n 
A 1 66  TYR 66  66  66  TYR TYR A . n 
A 1 67  GLN 67  67  67  GLN GLN A . n 
A 1 68  PRO 68  68  68  PRO PRO A . n 
A 1 69  ASN 69  69  69  ASN ASN A . n 
A 1 70  GLY 70  70  70  GLY GLY A . n 
A 1 71  THR 71  71  71  THR THR A . n 
A 1 72  SER 72  72  72  SER SER A . n 
A 1 73  TYR 73  73  73  TYR TYR A . n 
A 1 74  LEU 74  74  74  LEU LEU A . n 
A 1 75  SER 75  75  75  SER SER A . n 
A 1 76  VAL 76  76  76  VAL VAL A . n 
A 1 77  TYR 77  77  77  TYR TYR A . n 
A 1 78  GLY 78  78  78  GLY GLY A . n 
A 1 79  TRP 79  79  79  TRP TRP A . n 
A 1 80  THR 80  80  80  THR THR A . n 
A 1 81  ARG 81  81  81  ARG ARG A . n 
A 1 82  ASN 82  82  82  ASN ASN A . n 
A 1 83  PRO 83  83  83  PRO PRO A . n 
A 1 84  LEU 84  84  84  LEU LEU A . n 
A 1 85  VAL 85  85  85  VAL VAL A . n 
A 1 86  GLU 86  86  86  GLU GLU A . n 
A 1 87  TYR 87  87  87  TYR TYR A . n 
A 1 88  TYR 88  88  88  TYR TYR A . n 
A 1 89  ILE 89  89  89  ILE ILE A . n 
A 1 90  VAL 90  90  90  VAL VAL A . n 
A 1 91  GLU 91  91  91  GLU GLU A . n 
A 1 92  ASN 92  92  92  ASN ASN A . n 
A 1 93  PHE 93  93  93  PHE PHE A . n 
A 1 94  GLY 94  94  94  GLY GLY A . n 
A 1 95  SER 95  95  95  SER SER A . n 
A 1 96  SER 96  96  96  SER SER A . n 
A 1 97  ASN 97  97  97  ASN ASN A . n 
A 1 98  PRO 98  98  98  PRO PRO A . n 
A 1 99  SER 99  99  99  SER SER A . n 
A 1 100 SER 100 100 100 SER SER A . n 
A 1 101 GLY 101 101 101 GLY GLY A . n 
A 1 102 SER 102 102 102 SER SER A . n 
A 1 103 THR 103 103 103 THR THR A . n 
A 1 104 ASP 104 104 104 ASP ASP A . n 
A 1 105 LEU 105 105 105 LEU LEU A . n 
A 1 106 GLY 106 106 106 GLY GLY A . n 
A 1 107 THR 107 107 107 THR THR A . n 
A 1 108 VAL 108 108 108 VAL VAL A . n 
A 1 109 SER 109 109 109 SER SER A . n 
A 1 110 CYS 110 110 110 CYS CYS A . n 
A 1 111 ASP 111 111 111 ASP ASP A . n 
A 1 112 GLY 112 112 112 GLY GLY A . n 
A 1 113 SER 113 113 113 SER SER A . n 
A 1 114 THR 114 114 114 THR THR A . n 
A 1 115 TYR 115 115 115 TYR TYR A . n 
A 1 116 THR 116 116 116 THR THR A . n 
A 1 117 LEU 117 117 117 LEU LEU A . n 
A 1 118 GLY 118 118 118 GLY GLY A . n 
A 1 119 GLN 119 119 119 GLN GLN A . n 
A 1 120 SER 120 120 120 SER SER A . n 
A 1 121 THR 121 121 121 THR THR A . n 
A 1 122 ARG 122 122 122 ARG ARG A . n 
A 1 123 TYR 123 123 123 TYR TYR A . n 
A 1 124 ASN 124 124 124 ASN ASN A . n 
A 1 125 ALA 125 125 125 ALA ALA A . n 
A 1 126 PRO 126 126 126 PRO PRO A . n 
A 1 127 SER 127 127 127 SER SER A . n 
A 1 128 ILE 128 128 128 ILE ILE A . n 
A 1 129 ASP 129 129 129 ASP ASP A . n 
A 1 130 GLY 130 130 130 GLY GLY A . n 
A 1 131 THR 131 131 131 THR THR A . n 
A 1 132 GLN 132 132 132 GLN GLN A . n 
A 1 133 THR 133 133 133 THR THR A . n 
A 1 134 PHE 134 134 134 PHE PHE A . n 
A 1 135 ASN 135 135 135 ASN ASN A . n 
A 1 136 GLN 136 136 136 GLN GLN A . n 
A 1 137 TYR 137 137 137 TYR TYR A . n 
A 1 138 TRP 138 138 138 TRP TRP A . n 
A 1 139 SER 139 139 139 SER SER A . n 
A 1 140 VAL 140 140 140 VAL VAL A . n 
A 1 141 ARG 141 141 141 ARG ARG A . n 
A 1 142 GLN 142 142 142 GLN GLN A . n 
A 1 143 ASP 143 143 143 ASP ASP A . n 
A 1 144 LYS 144 144 144 LYS LYS A . n 
A 1 145 ARG 145 145 145 ARG ARG A . n 
A 1 146 SER 146 146 146 SER SER A . n 
A 1 147 SER 147 147 147 SER SER A . n 
A 1 148 GLY 148 148 148 GLY GLY A . n 
A 1 149 THR 149 149 149 THR THR A . n 
A 1 150 VAL 150 150 150 VAL VAL A . n 
A 1 151 GLN 151 151 151 GLN GLN A . n 
A 1 152 THR 152 152 152 THR THR A . n 
A 1 153 GLY 153 153 153 GLY GLY A . n 
A 1 154 CYS 154 154 154 CYS CYS A . n 
A 1 155 HIS 155 155 155 HIS HIS A . n 
A 1 156 PHE 156 156 156 PHE PHE A . n 
A 1 157 ASP 157 157 157 ASP ASP A . n 
A 1 158 ALA 158 158 158 ALA ALA A . n 
A 1 159 TRP 159 159 159 TRP TRP A . n 
A 1 160 ALA 160 160 160 ALA ALA A . n 
A 1 161 SER 161 161 161 SER SER A . n 
A 1 162 ALA 162 162 162 ALA ALA A . n 
A 1 163 GLY 163 163 163 GLY GLY A . n 
A 1 164 LEU 164 164 164 LEU LEU A . n 
A 1 165 ASN 165 165 165 ASN ASN A . n 
A 1 166 VAL 166 166 166 VAL VAL A . n 
A 1 167 THR 167 167 167 THR THR A . n 
A 1 168 GLY 168 168 168 GLY GLY A . n 
A 1 169 ASP 169 169 169 ASP ASP A . n 
A 1 170 HIS 170 170 170 HIS HIS A . n 
A 1 171 TYR 171 171 171 TYR TYR A . n 
A 1 172 TYR 172 172 172 TYR TYR A . n 
A 1 173 GLN 173 173 173 GLN GLN A . n 
A 1 174 ILE 174 174 174 ILE ILE A . n 
A 1 175 VAL 175 175 175 VAL VAL A . n 
A 1 176 ALA 176 176 176 ALA ALA A . n 
A 1 177 THR 177 177 177 THR THR A . n 
A 1 178 GLU 178 178 178 GLU GLU A . n 
A 1 179 GLY 179 179 179 GLY GLY A . n 
A 1 180 TYR 180 180 180 TYR TYR A . n 
A 1 181 PHE 181 181 181 PHE PHE A . n 
A 1 182 SER 182 182 182 SER SER A . n 
A 1 183 SER 183 183 183 SER SER A . n 
A 1 184 GLY 184 184 184 GLY GLY A . n 
A 1 185 TYR 185 185 185 TYR TYR A . n 
A 1 186 ALA 186 186 186 ALA ALA A . n 
A 1 187 ARG 187 187 187 ARG ARG A . n 
A 1 188 ILE 188 188 188 ILE ILE A . n 
A 1 189 THR 189 189 189 THR THR A . n 
A 1 190 VAL 190 190 190 VAL VAL A . n 
A 1 191 ALA 191 191 191 ALA ALA A . n 
A 1 192 ASP 192 192 192 ASP ASP A . n 
A 1 193 VAL 193 193 193 VAL VAL A . n 
A 1 194 GLY 194 194 194 GLY GLY A . n 
# 
loop_
_pdbx_nonpoly_scheme.asym_id 
_pdbx_nonpoly_scheme.entity_id 
_pdbx_nonpoly_scheme.mon_id 
_pdbx_nonpoly_scheme.ndb_seq_num 
_pdbx_nonpoly_scheme.pdb_seq_num 
_pdbx_nonpoly_scheme.auth_seq_num 
_pdbx_nonpoly_scheme.pdb_mon_id 
_pdbx_nonpoly_scheme.auth_mon_id 
_pdbx_nonpoly_scheme.pdb_strand_id 
_pdbx_nonpoly_scheme.pdb_ins_code 
B 2 HOH 1   201 201 HOH HOH A . 
B 2 HOH 2   202 202 HOH HOH A . 
B 2 HOH 3   203 203 HOH HOH A . 
B 2 HOH 4   204 204 HOH HOH A . 
B 2 HOH 5   205 205 HOH HOH A . 
B 2 HOH 6   206 206 HOH HOH A . 
B 2 HOH 7   207 207 HOH HOH A . 
B 2 HOH 8   208 208 HOH HOH A . 
B 2 HOH 9   209 209 HOH HOH A . 
B 2 HOH 10  210 210 HOH HOH A . 
B 2 HOH 11  211 211 HOH HOH A . 
B 2 HOH 12  212 212 HOH HOH A . 
B 2 HOH 13  213 213 HOH HOH A . 
B 2 HOH 14  214 214 HOH HOH A . 
B 2 HOH 15  215 215 HOH HOH A . 
B 2 HOH 16  216 216 HOH HOH A . 
B 2 HOH 17  217 217 HOH HOH A . 
B 2 HOH 18  218 218 HOH HOH A . 
B 2 HOH 19  219 219 HOH HOH A . 
B 2 HOH 20  220 220 HOH HOH A . 
B 2 HOH 21  221 221 HOH HOH A . 
B 2 HOH 22  222 222 HOH HOH A . 
B 2 HOH 23  223 223 HOH HOH A . 
B 2 HOH 24  224 224 HOH HOH A . 
B 2 HOH 25  225 225 HOH HOH A . 
B 2 HOH 26  226 226 HOH HOH A . 
B 2 HOH 27  227 227 HOH HOH A . 
B 2 HOH 28  228 228 HOH HOH A . 
B 2 HOH 29  229 229 HOH HOH A . 
B 2 HOH 30  230 230 HOH HOH A . 
B 2 HOH 31  231 231 HOH HOH A . 
B 2 HOH 32  232 232 HOH HOH A . 
B 2 HOH 33  233 233 HOH HOH A . 
B 2 HOH 34  234 234 HOH HOH A . 
B 2 HOH 35  235 235 HOH HOH A . 
B 2 HOH 36  236 236 HOH HOH A . 
B 2 HOH 37  237 237 HOH HOH A . 
B 2 HOH 38  238 238 HOH HOH A . 
B 2 HOH 39  239 239 HOH HOH A . 
B 2 HOH 40  240 240 HOH HOH A . 
B 2 HOH 41  241 241 HOH HOH A . 
B 2 HOH 42  242 242 HOH HOH A . 
B 2 HOH 43  243 243 HOH HOH A . 
B 2 HOH 44  244 244 HOH HOH A . 
B 2 HOH 45  245 245 HOH HOH A . 
B 2 HOH 46  246 246 HOH HOH A . 
B 2 HOH 47  247 247 HOH HOH A . 
B 2 HOH 48  248 248 HOH HOH A . 
B 2 HOH 49  249 249 HOH HOH A . 
B 2 HOH 50  250 250 HOH HOH A . 
B 2 HOH 51  251 251 HOH HOH A . 
B 2 HOH 52  252 252 HOH HOH A . 
B 2 HOH 53  253 253 HOH HOH A . 
B 2 HOH 54  254 254 HOH HOH A . 
B 2 HOH 55  255 255 HOH HOH A . 
B 2 HOH 56  256 256 HOH HOH A . 
B 2 HOH 57  257 257 HOH HOH A . 
B 2 HOH 58  258 258 HOH HOH A . 
B 2 HOH 59  259 259 HOH HOH A . 
B 2 HOH 60  260 260 HOH HOH A . 
B 2 HOH 61  261 261 HOH HOH A . 
B 2 HOH 62  262 262 HOH HOH A . 
B 2 HOH 63  263 263 HOH HOH A . 
B 2 HOH 64  264 264 HOH HOH A . 
B 2 HOH 65  265 265 HOH HOH A . 
B 2 HOH 66  266 266 HOH HOH A . 
B 2 HOH 67  267 267 HOH HOH A . 
B 2 HOH 68  268 268 HOH HOH A . 
B 2 HOH 69  269 269 HOH HOH A . 
B 2 HOH 70  270 270 HOH HOH A . 
B 2 HOH 71  271 271 HOH HOH A . 
B 2 HOH 72  272 272 HOH HOH A . 
B 2 HOH 73  273 273 HOH HOH A . 
B 2 HOH 74  274 274 HOH HOH A . 
B 2 HOH 75  275 275 HOH HOH A . 
B 2 HOH 76  276 276 HOH HOH A . 
B 2 HOH 77  277 277 HOH HOH A . 
B 2 HOH 78  278 278 HOH HOH A . 
B 2 HOH 79  279 279 HOH HOH A . 
B 2 HOH 80  280 280 HOH HOH A . 
B 2 HOH 81  281 281 HOH HOH A . 
B 2 HOH 82  282 282 HOH HOH A . 
B 2 HOH 83  283 283 HOH HOH A . 
B 2 HOH 84  284 284 HOH HOH A . 
B 2 HOH 85  285 285 HOH HOH A . 
B 2 HOH 86  286 286 HOH HOH A . 
B 2 HOH 87  287 287 HOH HOH A . 
B 2 HOH 88  288 288 HOH HOH A . 
B 2 HOH 89  289 289 HOH HOH A . 
B 2 HOH 90  290 290 HOH HOH A . 
B 2 HOH 91  291 291 HOH HOH A . 
B 2 HOH 92  292 292 HOH HOH A . 
B 2 HOH 93  293 293 HOH HOH A . 
B 2 HOH 94  294 294 HOH HOH A . 
B 2 HOH 95  295 295 HOH HOH A . 
B 2 HOH 96  296 296 HOH HOH A . 
B 2 HOH 97  297 297 HOH HOH A . 
B 2 HOH 98  298 298 HOH HOH A . 
B 2 HOH 99  299 299 HOH HOH A . 
B 2 HOH 100 300 300 HOH HOH A . 
B 2 HOH 101 301 301 HOH HOH A . 
B 2 HOH 102 302 302 HOH HOH A . 
B 2 HOH 103 303 303 HOH HOH A . 
B 2 HOH 104 304 304 HOH HOH A . 
B 2 HOH 105 305 305 HOH HOH A . 
B 2 HOH 106 306 306 HOH HOH A . 
B 2 HOH 107 307 307 HOH HOH A . 
B 2 HOH 108 308 308 HOH HOH A . 
B 2 HOH 109 309 309 HOH HOH A . 
B 2 HOH 110 310 310 HOH HOH A . 
B 2 HOH 111 311 311 HOH HOH A . 
B 2 HOH 112 312 312 HOH HOH A . 
B 2 HOH 113 313 313 HOH HOH A . 
B 2 HOH 114 314 314 HOH HOH A . 
B 2 HOH 115 315 315 HOH HOH A . 
B 2 HOH 116 316 316 HOH HOH A . 
B 2 HOH 117 317 317 HOH HOH A . 
B 2 HOH 118 318 318 HOH HOH A . 
B 2 HOH 119 319 319 HOH HOH A . 
B 2 HOH 120 320 320 HOH HOH A . 
B 2 HOH 121 321 321 HOH HOH A . 
B 2 HOH 122 322 322 HOH HOH A . 
B 2 HOH 123 323 323 HOH HOH A . 
B 2 HOH 124 324 324 HOH HOH A . 
B 2 HOH 125 325 325 HOH HOH A . 
B 2 HOH 126 326 326 HOH HOH A . 
B 2 HOH 127 327 327 HOH HOH A . 
B 2 HOH 128 328 328 HOH HOH A . 
# 
loop_
_software.name 
_software.classification 
_software.version 
_software.citation_id 
_software.pdbx_ordinal 
XDS     'data scaling'   .     ? 1 
AUTOMAR 'data reduction' .     ? 2 
AMoRE   phasing          .     ? 3 
X-PLOR  refinement       3.851 ? 4 
XDS     'data reduction' .     ? 5 
# 
_cell.entry_id           1PVX 
_cell.length_a           38.762 
_cell.length_b           54.058 
_cell.length_c           90.064 
_cell.angle_alpha        90.00 
_cell.angle_beta         90.00 
_cell.angle_gamma        90.00 
_cell.Z_PDB              4 
_cell.pdbx_unique_axis   ? 
# 
_symmetry.entry_id                         1PVX 
_symmetry.space_group_name_H-M             'P 21 21 21' 
_symmetry.pdbx_full_space_group_name_H-M   ? 
_symmetry.cell_setting                     ? 
_symmetry.Int_Tables_number                19 
# 
_exptl.entry_id          1PVX 
_exptl.method            'X-RAY DIFFRACTION' 
_exptl.crystals_number   1 
# 
_exptl_crystal.id                    1 
_exptl_crystal.density_meas          ? 
_exptl_crystal.density_Matthews      2.25 
_exptl_crystal.density_percent_sol   45.0 
_exptl_crystal.description           ? 
# 
_exptl_crystal_grow.crystal_id      1 
_exptl_crystal_grow.method          ? 
_exptl_crystal_grow.temp            ? 
_exptl_crystal_grow.temp_details    ? 
_exptl_crystal_grow.pH              4.50 
_exptl_crystal_grow.pdbx_details    'pH 4.50' 
_exptl_crystal_grow.pdbx_pH_range   ? 
# 
_diffrn.id                     1 
_diffrn.ambient_temp           293.0 
_diffrn.ambient_temp_details   ? 
_diffrn.crystal_id             1 
# 
_diffrn_detector.diffrn_id              1 
_diffrn_detector.detector               'IMAGE PLATE' 
_diffrn_detector.type                   MARRESEARCH 
_diffrn_detector.pdbx_collection_date   1997-02-03 
_diffrn_detector.details                MIRRORS 
# 
_diffrn_radiation.diffrn_id                        1 
_diffrn_radiation.wavelength_id                    1 
_diffrn_radiation.pdbx_monochromatic_or_laue_m_l   M 
_diffrn_radiation.monochromator                    'GRAPHITE CRYSTAL' 
_diffrn_radiation.pdbx_diffrn_protocol             'SINGLE WAVELENGTH' 
_diffrn_radiation.pdbx_scattering_type             x-ray 
# 
_diffrn_radiation_wavelength.id           1 
_diffrn_radiation_wavelength.wavelength   1.5418 
_diffrn_radiation_wavelength.wt           1.0 
# 
_diffrn_source.diffrn_id                   1 
_diffrn_source.source                      'ROTATING ANODE' 
_diffrn_source.type                        'RIGAKU RU200' 
_diffrn_source.pdbx_synchrotron_site       ? 
_diffrn_source.pdbx_synchrotron_beamline   ? 
_diffrn_source.pdbx_wavelength             1.5418 
_diffrn_source.pdbx_wavelength_list        ? 
# 
_reflns.entry_id                     1PVX 
_reflns.observed_criterion_sigma_I   0.000 
_reflns.observed_criterion_sigma_F   ? 
_reflns.d_resolution_low             20.000 
_reflns.d_resolution_high            1.590 
_reflns.number_obs                   24200 
_reflns.number_all                   ? 
_reflns.percent_possible_obs         92.5 
_reflns.pdbx_Rmerge_I_obs            0.093 
_reflns.pdbx_Rsym_value              ? 
_reflns.pdbx_netI_over_sigmaI        25.7100 
_reflns.B_iso_Wilson_estimate        19.23 
_reflns.pdbx_redundancy              5.130 
_reflns.R_free_details               ? 
_reflns.pdbx_diffrn_id               1 
_reflns.pdbx_ordinal                 1 
# 
_reflns_shell.d_res_high             1.59 
_reflns_shell.d_res_low              1.70 
_reflns_shell.percent_possible_all   78.0 
_reflns_shell.Rmerge_I_obs           0.358 
_reflns_shell.pdbx_Rsym_value        ? 
_reflns_shell.meanI_over_sigI_obs    3.190 
_reflns_shell.pdbx_redundancy        2.80 
_reflns_shell.percent_possible_obs   ? 
_reflns_shell.number_unique_all      ? 
_reflns_shell.pdbx_diffrn_id         ? 
_reflns_shell.pdbx_ordinal           1 
# 
_refine.entry_id                                 1PVX 
_refine.ls_number_reflns_obs                     24200 
_refine.ls_number_reflns_all                     ? 
_refine.pdbx_ls_sigma_I                          ? 
_refine.pdbx_ls_sigma_F                          0.000 
_refine.pdbx_data_cutoff_high_absF               ? 
_refine.pdbx_data_cutoff_low_absF                ? 
_refine.pdbx_data_cutoff_high_rms_absF           ? 
_refine.ls_d_res_low                             20.0 
_refine.ls_d_res_high                            1.59 
_refine.ls_percent_reflns_obs                    92.5 
_refine.ls_R_factor_obs                          0.191 
_refine.ls_R_factor_all                          ? 
_refine.ls_R_factor_R_work                       0.191 
_refine.ls_R_factor_R_free                       0.219 
_refine.ls_R_factor_R_free_error                 ? 
_refine.ls_R_factor_R_free_error_details         ? 
_refine.ls_percent_reflns_R_free                 10.000 
_refine.ls_number_reflns_R_free                  2394 
_refine.ls_number_parameters                     ? 
_refine.ls_number_restraints                     ? 
_refine.occupancy_min                            ? 
_refine.occupancy_max                            ? 
_refine.B_iso_mean                               23.56 
_refine.aniso_B[1][1]                            ? 
_refine.aniso_B[2][2]                            ? 
_refine.aniso_B[3][3]                            ? 
_refine.aniso_B[1][2]                            ? 
_refine.aniso_B[1][3]                            ? 
_refine.aniso_B[2][3]                            ? 
_refine.solvent_model_details                    ? 
_refine.solvent_model_param_ksol                 ? 
_refine.solvent_model_param_bsol                 ? 
_refine.pdbx_ls_cross_valid_method               THROUGHOUT 
_refine.details                                  
;THE STRUCTURE WAS REFINED USING BOTH X-PLOR AND REFMAC. A BULK SOLVENT 
CORRECTION WAS USED IN EACH CASE.
;
_refine.pdbx_starting_model                      'PDB ENTRY 1YNA' 
_refine.pdbx_method_to_determine_struct          'MOLECULAR REPLACEMENT' 
_refine.pdbx_isotropic_thermal_model             ? 
_refine.pdbx_stereochemistry_target_values       ? 
_refine.pdbx_stereochem_target_val_spec_case     ? 
_refine.pdbx_R_Free_selection_details            RANDOM 
_refine.pdbx_overall_ESU_R                       ? 
_refine.pdbx_overall_ESU_R_Free                  ? 
_refine.overall_SU_ML                            ? 
_refine.overall_SU_B                             ? 
_refine.ls_redundancy_reflns_obs                 ? 
_refine.pdbx_refine_id                           'X-RAY DIFFRACTION' 
_refine.pdbx_diffrn_id                           1 
_refine.pdbx_TLS_residual_ADP_flag               ? 
_refine.correlation_coeff_Fo_to_Fc               ? 
_refine.correlation_coeff_Fo_to_Fc_free          ? 
_refine.pdbx_solvent_vdw_probe_radii             ? 
_refine.pdbx_solvent_ion_probe_radii             ? 
_refine.pdbx_solvent_shrinkage_radii             ? 
_refine.pdbx_overall_phase_error                 ? 
_refine.overall_SU_R_Cruickshank_DPI             ? 
_refine.pdbx_overall_SU_R_free_Cruickshank_DPI   ? 
_refine.pdbx_overall_SU_R_Blow_DPI               ? 
_refine.pdbx_overall_SU_R_free_Blow_DPI          ? 
# 
_refine_hist.pdbx_refine_id                   'X-RAY DIFFRACTION' 
_refine_hist.cycle_id                         LAST 
_refine_hist.pdbx_number_atoms_protein        1493 
_refine_hist.pdbx_number_atoms_nucleic_acid   0 
_refine_hist.pdbx_number_atoms_ligand         0 
_refine_hist.number_atoms_solvent             128 
_refine_hist.number_atoms_total               1621 
_refine_hist.d_res_high                       1.59 
_refine_hist.d_res_low                        20.0 
# 
loop_
_refine_ls_restr.type 
_refine_ls_restr.dev_ideal 
_refine_ls_restr.dev_ideal_target 
_refine_ls_restr.weight 
_refine_ls_restr.number 
_refine_ls_restr.pdbx_refine_id 
_refine_ls_restr.pdbx_restraint_function 
x_bond_d                0.015 ? ? ? 'X-RAY DIFFRACTION' ? 
x_bond_d_na             ?     ? ? ? 'X-RAY DIFFRACTION' ? 
x_bond_d_prot           ?     ? ? ? 'X-RAY DIFFRACTION' ? 
x_angle_d               ?     ? ? ? 'X-RAY DIFFRACTION' ? 
x_angle_d_na            ?     ? ? ? 'X-RAY DIFFRACTION' ? 
x_angle_d_prot          ?     ? ? ? 'X-RAY DIFFRACTION' ? 
x_angle_deg             1.30  ? ? ? 'X-RAY DIFFRACTION' ? 
x_angle_deg_na          ?     ? ? ? 'X-RAY DIFFRACTION' ? 
x_angle_deg_prot        ?     ? ? ? 'X-RAY DIFFRACTION' ? 
x_dihedral_angle_d      27.64 ? ? ? 'X-RAY DIFFRACTION' ? 
x_dihedral_angle_d_na   ?     ? ? ? 'X-RAY DIFFRACTION' ? 
x_dihedral_angle_d_prot ?     ? ? ? 'X-RAY DIFFRACTION' ? 
x_improper_angle_d      2.17  ? ? ? 'X-RAY DIFFRACTION' ? 
x_improper_angle_d_na   ?     ? ? ? 'X-RAY DIFFRACTION' ? 
x_improper_angle_d_prot ?     ? ? ? 'X-RAY DIFFRACTION' ? 
x_mcbond_it             ?     ? ? ? 'X-RAY DIFFRACTION' ? 
x_mcangle_it            ?     ? ? ? 'X-RAY DIFFRACTION' ? 
x_scbond_it             ?     ? ? ? 'X-RAY DIFFRACTION' ? 
x_scangle_it            ?     ? ? ? 'X-RAY DIFFRACTION' ? 
# 
_pdbx_xplor_file.serial_no        1 
_pdbx_xplor_file.param_file       PROTEIN_REP.PARAM 
_pdbx_xplor_file.topol_file       TOPHCSDX.PRO 
_pdbx_xplor_file.pdbx_refine_id   'X-RAY DIFFRACTION' 
# 
_struct.entry_id                  1PVX 
_struct.title                     'DO-1,4-BETA-XYLANASE, ROOM TEMPERATURE, PH 4.5' 
_struct.pdbx_model_details        ? 
_struct.pdbx_CASP_flag            ? 
_struct.pdbx_model_type_details   ? 
# 
_struct_keywords.entry_id        1PVX 
_struct_keywords.pdbx_keywords   HYDROLASE 
_struct_keywords.text            'THERMOPHILIC, XYLANASE, FAMILY-11 OF GLYCOSYL HYDROLASES, HYDROLASE' 
# 
loop_
_struct_asym.id 
_struct_asym.pdbx_blank_PDB_chainid_flag 
_struct_asym.pdbx_modified 
_struct_asym.entity_id 
_struct_asym.details 
A N N 1 ? 
B N N 2 ? 
# 
_struct_ref.id                         1 
_struct_ref.db_name                    UNP 
_struct_ref.db_code                    XYNA_PAEVA 
_struct_ref.pdbx_db_accession          P81536 
_struct_ref.entity_id                  1 
_struct_ref.pdbx_align_begin           1 
_struct_ref.pdbx_db_isoform            ? 
_struct_ref.pdbx_seq_one_letter_code   ? 
# 
_struct_ref_seq.align_id                      1 
_struct_ref_seq.ref_id                        1 
_struct_ref_seq.pdbx_PDB_id_code              1PVX 
_struct_ref_seq.pdbx_strand_id                A 
_struct_ref_seq.seq_align_beg                 1 
_struct_ref_seq.pdbx_seq_align_beg_ins_code   ? 
_struct_ref_seq.seq_align_end                 194 
_struct_ref_seq.pdbx_seq_align_end_ins_code   ? 
_struct_ref_seq.pdbx_db_accession             P81536 
_struct_ref_seq.db_align_beg                  1 
_struct_ref_seq.pdbx_db_align_beg_ins_code    ? 
_struct_ref_seq.db_align_end                  194 
_struct_ref_seq.pdbx_db_align_end_ins_code    ? 
_struct_ref_seq.pdbx_auth_seq_align_beg       1 
_struct_ref_seq.pdbx_auth_seq_align_end       194 
# 
_pdbx_struct_assembly.id                   1 
_pdbx_struct_assembly.details              author_defined_assembly 
_pdbx_struct_assembly.method_details       ? 
_pdbx_struct_assembly.oligomeric_details   monomeric 
_pdbx_struct_assembly.oligomeric_count     1 
# 
_pdbx_struct_assembly_gen.assembly_id       1 
_pdbx_struct_assembly_gen.oper_expression   1 
_pdbx_struct_assembly_gen.asym_id_list      A,B 
# 
_pdbx_struct_oper_list.id                   1 
_pdbx_struct_oper_list.type                 'identity operation' 
_pdbx_struct_oper_list.name                 1_555 
_pdbx_struct_oper_list.symmetry_operation   x,y,z 
_pdbx_struct_oper_list.matrix[1][1]         1.0000000000 
_pdbx_struct_oper_list.matrix[1][2]         0.0000000000 
_pdbx_struct_oper_list.matrix[1][3]         0.0000000000 
_pdbx_struct_oper_list.vector[1]            0.0000000000 
_pdbx_struct_oper_list.matrix[2][1]         0.0000000000 
_pdbx_struct_oper_list.matrix[2][2]         1.0000000000 
_pdbx_struct_oper_list.matrix[2][3]         0.0000000000 
_pdbx_struct_oper_list.vector[2]            0.0000000000 
_pdbx_struct_oper_list.matrix[3][1]         0.0000000000 
_pdbx_struct_oper_list.matrix[3][2]         0.0000000000 
_pdbx_struct_oper_list.matrix[3][3]         1.0000000000 
_pdbx_struct_oper_list.vector[3]            0.0000000000 
# 
_struct_biol.id   1 
# 
_struct_conf.conf_type_id            HELX_P 
_struct_conf.id                      HELX_P1 
_struct_conf.pdbx_PDB_helix_id       1 
_struct_conf.beg_label_comp_id       THR 
_struct_conf.beg_label_asym_id       A 
_struct_conf.beg_label_seq_id        152 
_struct_conf.pdbx_beg_PDB_ins_code   ? 
_struct_conf.end_label_comp_id       SER 
_struct_conf.end_label_asym_id       A 
_struct_conf.end_label_seq_id        161 
_struct_conf.pdbx_end_PDB_ins_code   ? 
_struct_conf.beg_auth_comp_id        THR 
_struct_conf.beg_auth_asym_id        A 
_struct_conf.beg_auth_seq_id         152 
_struct_conf.end_auth_comp_id        SER 
_struct_conf.end_auth_asym_id        A 
_struct_conf.end_auth_seq_id         161 
_struct_conf.pdbx_PDB_helix_class    1 
_struct_conf.details                 ? 
_struct_conf.pdbx_PDB_helix_length   10 
# 
_struct_conf_type.id          HELX_P 
_struct_conf_type.criteria    ? 
_struct_conf_type.reference   ? 
# 
_struct_conn.id                            disulf1 
_struct_conn.conn_type_id                  disulf 
_struct_conn.pdbx_leaving_atom_flag        ? 
_struct_conn.pdbx_PDB_id                   ? 
_struct_conn.ptnr1_label_asym_id           A 
_struct_conn.ptnr1_label_comp_id           CYS 
_struct_conn.ptnr1_label_seq_id            110 
_struct_conn.ptnr1_label_atom_id           SG 
_struct_conn.pdbx_ptnr1_label_alt_id       ? 
_struct_conn.pdbx_ptnr1_PDB_ins_code       ? 
_struct_conn.pdbx_ptnr1_standard_comp_id   ? 
_struct_conn.ptnr1_symmetry                1_555 
_struct_conn.ptnr2_label_asym_id           A 
_struct_conn.ptnr2_label_comp_id           CYS 
_struct_conn.ptnr2_label_seq_id            154 
_struct_conn.ptnr2_label_atom_id           SG 
_struct_conn.pdbx_ptnr2_label_alt_id       ? 
_struct_conn.pdbx_ptnr2_PDB_ins_code       ? 
_struct_conn.ptnr1_auth_asym_id            A 
_struct_conn.ptnr1_auth_comp_id            CYS 
_struct_conn.ptnr1_auth_seq_id             110 
_struct_conn.ptnr2_auth_asym_id            A 
_struct_conn.ptnr2_auth_comp_id            CYS 
_struct_conn.ptnr2_auth_seq_id             154 
_struct_conn.ptnr2_symmetry                1_555 
_struct_conn.pdbx_ptnr3_label_atom_id      ? 
_struct_conn.pdbx_ptnr3_label_seq_id       ? 
_struct_conn.pdbx_ptnr3_label_comp_id      ? 
_struct_conn.pdbx_ptnr3_label_asym_id      ? 
_struct_conn.pdbx_ptnr3_label_alt_id       ? 
_struct_conn.pdbx_ptnr3_PDB_ins_code       ? 
_struct_conn.details                       ? 
_struct_conn.pdbx_dist_value               2.025 
_struct_conn.pdbx_value_order              ? 
_struct_conn.pdbx_role                     ? 
# 
_struct_conn_type.id          disulf 
_struct_conn_type.criteria    ? 
_struct_conn_type.reference   ? 
# 
_pdbx_modification_feature.ordinal                            1 
_pdbx_modification_feature.label_comp_id                      CYS 
_pdbx_modification_feature.label_asym_id                      A 
_pdbx_modification_feature.label_seq_id                       110 
_pdbx_modification_feature.label_alt_id                       ? 
_pdbx_modification_feature.modified_residue_label_comp_id     CYS 
_pdbx_modification_feature.modified_residue_label_asym_id     A 
_pdbx_modification_feature.modified_residue_label_seq_id      154 
_pdbx_modification_feature.modified_residue_label_alt_id      ? 
_pdbx_modification_feature.auth_comp_id                       CYS 
_pdbx_modification_feature.auth_asym_id                       A 
_pdbx_modification_feature.auth_seq_id                        110 
_pdbx_modification_feature.PDB_ins_code                       ? 
_pdbx_modification_feature.symmetry                           1_555 
_pdbx_modification_feature.modified_residue_auth_comp_id      CYS 
_pdbx_modification_feature.modified_residue_auth_asym_id      A 
_pdbx_modification_feature.modified_residue_auth_seq_id       154 
_pdbx_modification_feature.modified_residue_PDB_ins_code      ? 
_pdbx_modification_feature.modified_residue_symmetry          1_555 
_pdbx_modification_feature.comp_id_linking_atom               SG 
_pdbx_modification_feature.modified_residue_id_linking_atom   SG 
_pdbx_modification_feature.modified_residue_id                . 
_pdbx_modification_feature.ref_pcm_id                         . 
_pdbx_modification_feature.ref_comp_id                        . 
_pdbx_modification_feature.type                               None 
_pdbx_modification_feature.category                           'Disulfide bridge' 
# 
loop_
_struct_mon_prot_cis.pdbx_id 
_struct_mon_prot_cis.label_comp_id 
_struct_mon_prot_cis.label_seq_id 
_struct_mon_prot_cis.label_asym_id 
_struct_mon_prot_cis.label_alt_id 
_struct_mon_prot_cis.pdbx_PDB_ins_code 
_struct_mon_prot_cis.auth_comp_id 
_struct_mon_prot_cis.auth_seq_id 
_struct_mon_prot_cis.auth_asym_id 
_struct_mon_prot_cis.pdbx_label_comp_id_2 
_struct_mon_prot_cis.pdbx_label_seq_id_2 
_struct_mon_prot_cis.pdbx_label_asym_id_2 
_struct_mon_prot_cis.pdbx_PDB_ins_code_2 
_struct_mon_prot_cis.pdbx_auth_comp_id_2 
_struct_mon_prot_cis.pdbx_auth_seq_id_2 
_struct_mon_prot_cis.pdbx_auth_asym_id_2 
_struct_mon_prot_cis.pdbx_PDB_model_num 
_struct_mon_prot_cis.pdbx_omega_angle 
1 ASN 52 A . ? ASN 52 A PRO 53 A ? PRO 53 A 1 9.02  
2 ASN 82 A . ? ASN 82 A PRO 83 A ? PRO 83 A 1 13.48 
# 
loop_
_struct_sheet.id 
_struct_sheet.type 
_struct_sheet.number_strands 
_struct_sheet.details 
A ? 9 ? 
B ? 5 ? 
C ? 2 ? 
# 
loop_
_struct_sheet_order.sheet_id 
_struct_sheet_order.range_id_1 
_struct_sheet_order.range_id_2 
_struct_sheet_order.offset 
_struct_sheet_order.sense 
A 1 2 ? anti-parallel 
A 2 3 ? anti-parallel 
A 3 4 ? anti-parallel 
A 4 5 ? anti-parallel 
A 5 6 ? anti-parallel 
A 6 7 ? parallel      
A 7 8 ? anti-parallel 
A 8 9 ? anti-parallel 
B 1 2 ? anti-parallel 
B 2 3 ? anti-parallel 
B 3 4 ? anti-parallel 
B 4 5 ? anti-parallel 
C 1 2 ? anti-parallel 
# 
loop_
_struct_sheet_range.sheet_id 
_struct_sheet_range.id 
_struct_sheet_range.beg_label_comp_id 
_struct_sheet_range.beg_label_asym_id 
_struct_sheet_range.beg_label_seq_id 
_struct_sheet_range.pdbx_beg_PDB_ins_code 
_struct_sheet_range.end_label_comp_id 
_struct_sheet_range.end_label_asym_id 
_struct_sheet_range.end_label_seq_id 
_struct_sheet_range.pdbx_end_PDB_ins_code 
_struct_sheet_range.beg_auth_comp_id 
_struct_sheet_range.beg_auth_asym_id 
_struct_sheet_range.beg_auth_seq_id 
_struct_sheet_range.end_auth_comp_id 
_struct_sheet_range.end_auth_asym_id 
_struct_sheet_range.end_auth_seq_id 
A 1 SER A 6   ? HIS A 10  ? SER A 6   HIS A 10  
A 2 TYR A 13  ? SER A 19  ? TYR A 13  SER A 19  
A 3 ASN A 44  ? TRP A 51  ? ASN A 44  TRP A 51  
A 4 GLN A 173 ? TYR A 180 ? GLN A 173 TYR A 180 
A 5 SER A 72  ? THR A 80  ? SER A 72  THR A 80  
A 6 VAL A 85  ? PHE A 93  ? VAL A 85  PHE A 93  
A 7 PHE A 134 ? ARG A 141 ? PHE A 134 ARG A 141 
A 8 SER A 113 ? ARG A 122 ? SER A 113 ARG A 122 
A 9 THR A 103 ? CYS A 110 ? THR A 103 CYS A 110 
B 1 SER A 25  ? ASN A 29  ? SER A 25  ASN A 29  
B 2 THR A 34  ? TRP A 39  ? THR A 34  TRP A 39  
B 3 GLY A 184 ? ASP A 192 ? GLY A 184 ASP A 192 
B 4 ALA A 59  ? PRO A 68  ? ALA A 59  PRO A 68  
B 5 GLY A 148 ? GLN A 151 ? GLY A 148 GLN A 151 
C 1 ALA A 125 ? SER A 127 ? ALA A 125 SER A 127 
C 2 GLY A 130 ? GLN A 132 ? GLY A 130 GLN A 132 
# 
loop_
_pdbx_struct_sheet_hbond.sheet_id 
_pdbx_struct_sheet_hbond.range_id_1 
_pdbx_struct_sheet_hbond.range_id_2 
_pdbx_struct_sheet_hbond.range_1_label_atom_id 
_pdbx_struct_sheet_hbond.range_1_label_comp_id 
_pdbx_struct_sheet_hbond.range_1_label_asym_id 
_pdbx_struct_sheet_hbond.range_1_label_seq_id 
_pdbx_struct_sheet_hbond.range_1_PDB_ins_code 
_pdbx_struct_sheet_hbond.range_1_auth_atom_id 
_pdbx_struct_sheet_hbond.range_1_auth_comp_id 
_pdbx_struct_sheet_hbond.range_1_auth_asym_id 
_pdbx_struct_sheet_hbond.range_1_auth_seq_id 
_pdbx_struct_sheet_hbond.range_2_label_atom_id 
_pdbx_struct_sheet_hbond.range_2_label_comp_id 
_pdbx_struct_sheet_hbond.range_2_label_asym_id 
_pdbx_struct_sheet_hbond.range_2_label_seq_id 
_pdbx_struct_sheet_hbond.range_2_PDB_ins_code 
_pdbx_struct_sheet_hbond.range_2_auth_atom_id 
_pdbx_struct_sheet_hbond.range_2_auth_comp_id 
_pdbx_struct_sheet_hbond.range_2_auth_asym_id 
_pdbx_struct_sheet_hbond.range_2_auth_seq_id 
A 1 2 O SER A 6   ? O SER A 6   N TRP A 17  ? N TRP A 17  
A 2 3 O TYR A 14  ? O TYR A 14  N GLY A 50  ? N GLY A 50  
A 3 4 O LEU A 45  ? O LEU A 45  N GLY A 179 ? N GLY A 179 
A 4 5 O ILE A 174 ? O ILE A 174 N TYR A 77  ? N TYR A 77  
A 5 6 O LEU A 74  ? O LEU A 74  N ASN A 92  ? N ASN A 92  
A 6 7 O GLU A 86  ? O GLU A 86  N ASN A 135 ? N ASN A 135 
A 7 8 O PHE A 134 ? O PHE A 134 N ARG A 122 ? N ARG A 122 
A 8 9 O SER A 113 ? O SER A 113 N CYS A 110 ? N CYS A 110 
B 1 2 O THR A 26  ? O THR A 26  N THR A 38  ? N THR A 38  
B 2 3 O TYR A 35  ? O TYR A 35  N ILE A 188 ? N ILE A 188 
B 3 4 O TYR A 185 ? O TYR A 185 N GLN A 67  ? N GLN A 67  
B 4 5 O ILE A 60  ? O ILE A 60  N VAL A 150 ? N VAL A 150 
C 1 2 O ALA A 125 ? O ALA A 125 N GLN A 132 ? N GLN A 132 
# 
_pdbx_entry_details.entry_id                   1PVX 
_pdbx_entry_details.compound_details           ? 
_pdbx_entry_details.source_details             ? 
_pdbx_entry_details.nonpolymer_details         ? 
_pdbx_entry_details.sequence_details           ? 
_pdbx_entry_details.has_ligand_of_interest     ? 
_pdbx_entry_details.has_protein_modification   Y 
# 
loop_
_pdbx_validate_rmsd_angle.id 
_pdbx_validate_rmsd_angle.PDB_model_num 
_pdbx_validate_rmsd_angle.auth_atom_id_1 
_pdbx_validate_rmsd_angle.auth_asym_id_1 
_pdbx_validate_rmsd_angle.auth_comp_id_1 
_pdbx_validate_rmsd_angle.auth_seq_id_1 
_pdbx_validate_rmsd_angle.PDB_ins_code_1 
_pdbx_validate_rmsd_angle.label_alt_id_1 
_pdbx_validate_rmsd_angle.auth_atom_id_2 
_pdbx_validate_rmsd_angle.auth_asym_id_2 
_pdbx_validate_rmsd_angle.auth_comp_id_2 
_pdbx_validate_rmsd_angle.auth_seq_id_2 
_pdbx_validate_rmsd_angle.PDB_ins_code_2 
_pdbx_validate_rmsd_angle.label_alt_id_2 
_pdbx_validate_rmsd_angle.auth_atom_id_3 
_pdbx_validate_rmsd_angle.auth_asym_id_3 
_pdbx_validate_rmsd_angle.auth_comp_id_3 
_pdbx_validate_rmsd_angle.auth_seq_id_3 
_pdbx_validate_rmsd_angle.PDB_ins_code_3 
_pdbx_validate_rmsd_angle.label_alt_id_3 
_pdbx_validate_rmsd_angle.angle_value 
_pdbx_validate_rmsd_angle.angle_target_value 
_pdbx_validate_rmsd_angle.angle_deviation 
_pdbx_validate_rmsd_angle.angle_standard_deviation 
_pdbx_validate_rmsd_angle.linker_flag 
1  1 N  A SER 6   ? ? CA A SER 6   ? ? CB  A SER 6   ? ? 98.94  110.50 -11.56 1.50 N 
2  1 CA A SER 6   ? ? CB A SER 6   ? ? OG  A SER 6   ? ? 127.80 111.20 16.60  2.70 N 
3  1 CB A TYR 14  ? ? CG A TYR 14  ? ? CD1 A TYR 14  ? ? 116.17 121.00 -4.83  0.60 N 
4  1 CB A TYR 77  ? ? CG A TYR 77  ? ? CD1 A TYR 77  ? ? 117.28 121.00 -3.72  0.60 N 
5  1 NE A ARG 81  ? ? CZ A ARG 81  ? ? NH1 A ARG 81  ? ? 123.97 120.30 3.67   0.50 N 
6  1 NE A ARG 81  ? ? CZ A ARG 81  ? ? NH2 A ARG 81  ? ? 117.21 120.30 -3.09  0.50 N 
7  1 NE A ARG 141 ? ? CZ A ARG 141 ? ? NH1 A ARG 141 ? ? 125.17 120.30 4.87   0.50 N 
8  1 NE A ARG 141 ? ? CZ A ARG 141 ? ? NH2 A ARG 141 ? ? 116.08 120.30 -4.22  0.50 N 
9  1 CB A ASP 157 ? ? CG A ASP 157 ? ? OD1 A ASP 157 ? ? 124.99 118.30 6.69   0.90 N 
10 1 CD A ARG 187 ? A NE A ARG 187 ? A CZ  A ARG 187 ? A 134.01 123.60 10.41  1.40 N 
11 1 CD A ARG 187 ? B NE A ARG 187 ? B CZ  A ARG 187 ? B 133.17 123.60 9.57   1.40 N 
12 1 NE A ARG 187 ? A CZ A ARG 187 ? A NH1 A ARG 187 ? A 125.57 120.30 5.27   0.50 N 
13 1 NE A ARG 187 ? B CZ A ARG 187 ? B NH1 A ARG 187 ? B 124.97 120.30 4.67   0.50 N 
14 1 NE A ARG 187 ? A CZ A ARG 187 ? A NH2 A ARG 187 ? A 115.75 120.30 -4.55  0.50 N 
15 1 CB A ASP 192 ? ? CG A ASP 192 ? ? OD1 A ASP 192 ? ? 124.41 118.30 6.11   0.90 N 
# 
loop_
_pdbx_validate_torsion.id 
_pdbx_validate_torsion.PDB_model_num 
_pdbx_validate_torsion.auth_comp_id 
_pdbx_validate_torsion.auth_asym_id 
_pdbx_validate_torsion.auth_seq_id 
_pdbx_validate_torsion.PDB_ins_code 
_pdbx_validate_torsion.label_alt_id 
_pdbx_validate_torsion.phi 
_pdbx_validate_torsion.psi 
1 1 THR A 2   ? ? -26.18  125.05  
2 1 TYR A 171 ? ? -101.28 -136.78 
# 
loop_
_chem_comp_atom.comp_id 
_chem_comp_atom.atom_id 
_chem_comp_atom.type_symbol 
_chem_comp_atom.pdbx_aromatic_flag 
_chem_comp_atom.pdbx_stereo_config 
_chem_comp_atom.pdbx_ordinal 
ALA N    N N N 1   
ALA CA   C N S 2   
ALA C    C N N 3   
ALA O    O N N 4   
ALA CB   C N N 5   
ALA OXT  O N N 6   
ALA H    H N N 7   
ALA H2   H N N 8   
ALA HA   H N N 9   
ALA HB1  H N N 10  
ALA HB2  H N N 11  
ALA HB3  H N N 12  
ALA HXT  H N N 13  
ARG N    N N N 14  
ARG CA   C N S 15  
ARG C    C N N 16  
ARG O    O N N 17  
ARG CB   C N N 18  
ARG CG   C N N 19  
ARG CD   C N N 20  
ARG NE   N N N 21  
ARG CZ   C N N 22  
ARG NH1  N N N 23  
ARG NH2  N N N 24  
ARG OXT  O N N 25  
ARG H    H N N 26  
ARG H2   H N N 27  
ARG HA   H N N 28  
ARG HB2  H N N 29  
ARG HB3  H N N 30  
ARG HG2  H N N 31  
ARG HG3  H N N 32  
ARG HD2  H N N 33  
ARG HD3  H N N 34  
ARG HE   H N N 35  
ARG HH11 H N N 36  
ARG HH12 H N N 37  
ARG HH21 H N N 38  
ARG HH22 H N N 39  
ARG HXT  H N N 40  
ASN N    N N N 41  
ASN CA   C N S 42  
ASN C    C N N 43  
ASN O    O N N 44  
ASN CB   C N N 45  
ASN CG   C N N 46  
ASN OD1  O N N 47  
ASN ND2  N N N 48  
ASN OXT  O N N 49  
ASN H    H N N 50  
ASN H2   H N N 51  
ASN HA   H N N 52  
ASN HB2  H N N 53  
ASN HB3  H N N 54  
ASN HD21 H N N 55  
ASN HD22 H N N 56  
ASN HXT  H N N 57  
ASP N    N N N 58  
ASP CA   C N S 59  
ASP C    C N N 60  
ASP O    O N N 61  
ASP CB   C N N 62  
ASP CG   C N N 63  
ASP OD1  O N N 64  
ASP OD2  O N N 65  
ASP OXT  O N N 66  
ASP H    H N N 67  
ASP H2   H N N 68  
ASP HA   H N N 69  
ASP HB2  H N N 70  
ASP HB3  H N N 71  
ASP HD2  H N N 72  
ASP HXT  H N N 73  
CYS N    N N N 74  
CYS CA   C N R 75  
CYS C    C N N 76  
CYS O    O N N 77  
CYS CB   C N N 78  
CYS SG   S N N 79  
CYS OXT  O N N 80  
CYS H    H N N 81  
CYS H2   H N N 82  
CYS HA   H N N 83  
CYS HB2  H N N 84  
CYS HB3  H N N 85  
CYS HG   H N N 86  
CYS HXT  H N N 87  
GLN N    N N N 88  
GLN CA   C N S 89  
GLN C    C N N 90  
GLN O    O N N 91  
GLN CB   C N N 92  
GLN CG   C N N 93  
GLN CD   C N N 94  
GLN OE1  O N N 95  
GLN NE2  N N N 96  
GLN OXT  O N N 97  
GLN H    H N N 98  
GLN H2   H N N 99  
GLN HA   H N N 100 
GLN HB2  H N N 101 
GLN HB3  H N N 102 
GLN HG2  H N N 103 
GLN HG3  H N N 104 
GLN HE21 H N N 105 
GLN HE22 H N N 106 
GLN HXT  H N N 107 
GLU N    N N N 108 
GLU CA   C N S 109 
GLU C    C N N 110 
GLU O    O N N 111 
GLU CB   C N N 112 
GLU CG   C N N 113 
GLU CD   C N N 114 
GLU OE1  O N N 115 
GLU OE2  O N N 116 
GLU OXT  O N N 117 
GLU H    H N N 118 
GLU H2   H N N 119 
GLU HA   H N N 120 
GLU HB2  H N N 121 
GLU HB3  H N N 122 
GLU HG2  H N N 123 
GLU HG3  H N N 124 
GLU HE2  H N N 125 
GLU HXT  H N N 126 
GLY N    N N N 127 
GLY CA   C N N 128 
GLY C    C N N 129 
GLY O    O N N 130 
GLY OXT  O N N 131 
GLY H    H N N 132 
GLY H2   H N N 133 
GLY HA2  H N N 134 
GLY HA3  H N N 135 
GLY HXT  H N N 136 
HIS N    N N N 137 
HIS CA   C N S 138 
HIS C    C N N 139 
HIS O    O N N 140 
HIS CB   C N N 141 
HIS CG   C Y N 142 
HIS ND1  N Y N 143 
HIS CD2  C Y N 144 
HIS CE1  C Y N 145 
HIS NE2  N Y N 146 
HIS OXT  O N N 147 
HIS H    H N N 148 
HIS H2   H N N 149 
HIS HA   H N N 150 
HIS HB2  H N N 151 
HIS HB3  H N N 152 
HIS HD1  H N N 153 
HIS HD2  H N N 154 
HIS HE1  H N N 155 
HIS HE2  H N N 156 
HIS HXT  H N N 157 
HOH O    O N N 158 
HOH H1   H N N 159 
HOH H2   H N N 160 
ILE N    N N N 161 
ILE CA   C N S 162 
ILE C    C N N 163 
ILE O    O N N 164 
ILE CB   C N S 165 
ILE CG1  C N N 166 
ILE CG2  C N N 167 
ILE CD1  C N N 168 
ILE OXT  O N N 169 
ILE H    H N N 170 
ILE H2   H N N 171 
ILE HA   H N N 172 
ILE HB   H N N 173 
ILE HG12 H N N 174 
ILE HG13 H N N 175 
ILE HG21 H N N 176 
ILE HG22 H N N 177 
ILE HG23 H N N 178 
ILE HD11 H N N 179 
ILE HD12 H N N 180 
ILE HD13 H N N 181 
ILE HXT  H N N 182 
LEU N    N N N 183 
LEU CA   C N S 184 
LEU C    C N N 185 
LEU O    O N N 186 
LEU CB   C N N 187 
LEU CG   C N N 188 
LEU CD1  C N N 189 
LEU CD2  C N N 190 
LEU OXT  O N N 191 
LEU H    H N N 192 
LEU H2   H N N 193 
LEU HA   H N N 194 
LEU HB2  H N N 195 
LEU HB3  H N N 196 
LEU HG   H N N 197 
LEU HD11 H N N 198 
LEU HD12 H N N 199 
LEU HD13 H N N 200 
LEU HD21 H N N 201 
LEU HD22 H N N 202 
LEU HD23 H N N 203 
LEU HXT  H N N 204 
LYS N    N N N 205 
LYS CA   C N S 206 
LYS C    C N N 207 
LYS O    O N N 208 
LYS CB   C N N 209 
LYS CG   C N N 210 
LYS CD   C N N 211 
LYS CE   C N N 212 
LYS NZ   N N N 213 
LYS OXT  O N N 214 
LYS H    H N N 215 
LYS H2   H N N 216 
LYS HA   H N N 217 
LYS HB2  H N N 218 
LYS HB3  H N N 219 
LYS HG2  H N N 220 
LYS HG3  H N N 221 
LYS HD2  H N N 222 
LYS HD3  H N N 223 
LYS HE2  H N N 224 
LYS HE3  H N N 225 
LYS HZ1  H N N 226 
LYS HZ2  H N N 227 
LYS HZ3  H N N 228 
LYS HXT  H N N 229 
PHE N    N N N 230 
PHE CA   C N S 231 
PHE C    C N N 232 
PHE O    O N N 233 
PHE CB   C N N 234 
PHE CG   C Y N 235 
PHE CD1  C Y N 236 
PHE CD2  C Y N 237 
PHE CE1  C Y N 238 
PHE CE2  C Y N 239 
PHE CZ   C Y N 240 
PHE OXT  O N N 241 
PHE H    H N N 242 
PHE H2   H N N 243 
PHE HA   H N N 244 
PHE HB2  H N N 245 
PHE HB3  H N N 246 
PHE HD1  H N N 247 
PHE HD2  H N N 248 
PHE HE1  H N N 249 
PHE HE2  H N N 250 
PHE HZ   H N N 251 
PHE HXT  H N N 252 
PRO N    N N N 253 
PRO CA   C N S 254 
PRO C    C N N 255 
PRO O    O N N 256 
PRO CB   C N N 257 
PRO CG   C N N 258 
PRO CD   C N N 259 
PRO OXT  O N N 260 
PRO H    H N N 261 
PRO HA   H N N 262 
PRO HB2  H N N 263 
PRO HB3  H N N 264 
PRO HG2  H N N 265 
PRO HG3  H N N 266 
PRO HD2  H N N 267 
PRO HD3  H N N 268 
PRO HXT  H N N 269 
SER N    N N N 270 
SER CA   C N S 271 
SER C    C N N 272 
SER O    O N N 273 
SER CB   C N N 274 
SER OG   O N N 275 
SER OXT  O N N 276 
SER H    H N N 277 
SER H2   H N N 278 
SER HA   H N N 279 
SER HB2  H N N 280 
SER HB3  H N N 281 
SER HG   H N N 282 
SER HXT  H N N 283 
THR N    N N N 284 
THR CA   C N S 285 
THR C    C N N 286 
THR O    O N N 287 
THR CB   C N R 288 
THR OG1  O N N 289 
THR CG2  C N N 290 
THR OXT  O N N 291 
THR H    H N N 292 
THR H2   H N N 293 
THR HA   H N N 294 
THR HB   H N N 295 
THR HG1  H N N 296 
THR HG21 H N N 297 
THR HG22 H N N 298 
THR HG23 H N N 299 
THR HXT  H N N 300 
TRP N    N N N 301 
TRP CA   C N S 302 
TRP C    C N N 303 
TRP O    O N N 304 
TRP CB   C N N 305 
TRP CG   C Y N 306 
TRP CD1  C Y N 307 
TRP CD2  C Y N 308 
TRP NE1  N Y N 309 
TRP CE2  C Y N 310 
TRP CE3  C Y N 311 
TRP CZ2  C Y N 312 
TRP CZ3  C Y N 313 
TRP CH2  C Y N 314 
TRP OXT  O N N 315 
TRP H    H N N 316 
TRP H2   H N N 317 
TRP HA   H N N 318 
TRP HB2  H N N 319 
TRP HB3  H N N 320 
TRP HD1  H N N 321 
TRP HE1  H N N 322 
TRP HE3  H N N 323 
TRP HZ2  H N N 324 
TRP HZ3  H N N 325 
TRP HH2  H N N 326 
TRP HXT  H N N 327 
TYR N    N N N 328 
TYR CA   C N S 329 
TYR C    C N N 330 
TYR O    O N N 331 
TYR CB   C N N 332 
TYR CG   C Y N 333 
TYR CD1  C Y N 334 
TYR CD2  C Y N 335 
TYR CE1  C Y N 336 
TYR CE2  C Y N 337 
TYR CZ   C Y N 338 
TYR OH   O N N 339 
TYR OXT  O N N 340 
TYR H    H N N 341 
TYR H2   H N N 342 
TYR HA   H N N 343 
TYR HB2  H N N 344 
TYR HB3  H N N 345 
TYR HD1  H N N 346 
TYR HD2  H N N 347 
TYR HE1  H N N 348 
TYR HE2  H N N 349 
TYR HH   H N N 350 
TYR HXT  H N N 351 
VAL N    N N N 352 
VAL CA   C N S 353 
VAL C    C N N 354 
VAL O    O N N 355 
VAL CB   C N N 356 
VAL CG1  C N N 357 
VAL CG2  C N N 358 
VAL OXT  O N N 359 
VAL H    H N N 360 
VAL H2   H N N 361 
VAL HA   H N N 362 
VAL HB   H N N 363 
VAL HG11 H N N 364 
VAL HG12 H N N 365 
VAL HG13 H N N 366 
VAL HG21 H N N 367 
VAL HG22 H N N 368 
VAL HG23 H N N 369 
VAL HXT  H N N 370 
# 
loop_
_chem_comp_bond.comp_id 
_chem_comp_bond.atom_id_1 
_chem_comp_bond.atom_id_2 
_chem_comp_bond.value_order 
_chem_comp_bond.pdbx_aromatic_flag 
_chem_comp_bond.pdbx_stereo_config 
_chem_comp_bond.pdbx_ordinal 
ALA N   CA   sing N N 1   
ALA N   H    sing N N 2   
ALA N   H2   sing N N 3   
ALA CA  C    sing N N 4   
ALA CA  CB   sing N N 5   
ALA CA  HA   sing N N 6   
ALA C   O    doub N N 7   
ALA C   OXT  sing N N 8   
ALA CB  HB1  sing N N 9   
ALA CB  HB2  sing N N 10  
ALA CB  HB3  sing N N 11  
ALA OXT HXT  sing N N 12  
ARG N   CA   sing N N 13  
ARG N   H    sing N N 14  
ARG N   H2   sing N N 15  
ARG CA  C    sing N N 16  
ARG CA  CB   sing N N 17  
ARG CA  HA   sing N N 18  
ARG C   O    doub N N 19  
ARG C   OXT  sing N N 20  
ARG CB  CG   sing N N 21  
ARG CB  HB2  sing N N 22  
ARG CB  HB3  sing N N 23  
ARG CG  CD   sing N N 24  
ARG CG  HG2  sing N N 25  
ARG CG  HG3  sing N N 26  
ARG CD  NE   sing N N 27  
ARG CD  HD2  sing N N 28  
ARG CD  HD3  sing N N 29  
ARG NE  CZ   sing N N 30  
ARG NE  HE   sing N N 31  
ARG CZ  NH1  sing N N 32  
ARG CZ  NH2  doub N N 33  
ARG NH1 HH11 sing N N 34  
ARG NH1 HH12 sing N N 35  
ARG NH2 HH21 sing N N 36  
ARG NH2 HH22 sing N N 37  
ARG OXT HXT  sing N N 38  
ASN N   CA   sing N N 39  
ASN N   H    sing N N 40  
ASN N   H2   sing N N 41  
ASN CA  C    sing N N 42  
ASN CA  CB   sing N N 43  
ASN CA  HA   sing N N 44  
ASN C   O    doub N N 45  
ASN C   OXT  sing N N 46  
ASN CB  CG   sing N N 47  
ASN CB  HB2  sing N N 48  
ASN CB  HB3  sing N N 49  
ASN CG  OD1  doub N N 50  
ASN CG  ND2  sing N N 51  
ASN ND2 HD21 sing N N 52  
ASN ND2 HD22 sing N N 53  
ASN OXT HXT  sing N N 54  
ASP N   CA   sing N N 55  
ASP N   H    sing N N 56  
ASP N   H2   sing N N 57  
ASP CA  C    sing N N 58  
ASP CA  CB   sing N N 59  
ASP CA  HA   sing N N 60  
ASP C   O    doub N N 61  
ASP C   OXT  sing N N 62  
ASP CB  CG   sing N N 63  
ASP CB  HB2  sing N N 64  
ASP CB  HB3  sing N N 65  
ASP CG  OD1  doub N N 66  
ASP CG  OD2  sing N N 67  
ASP OD2 HD2  sing N N 68  
ASP OXT HXT  sing N N 69  
CYS N   CA   sing N N 70  
CYS N   H    sing N N 71  
CYS N   H2   sing N N 72  
CYS CA  C    sing N N 73  
CYS CA  CB   sing N N 74  
CYS CA  HA   sing N N 75  
CYS C   O    doub N N 76  
CYS C   OXT  sing N N 77  
CYS CB  SG   sing N N 78  
CYS CB  HB2  sing N N 79  
CYS CB  HB3  sing N N 80  
CYS SG  HG   sing N N 81  
CYS OXT HXT  sing N N 82  
GLN N   CA   sing N N 83  
GLN N   H    sing N N 84  
GLN N   H2   sing N N 85  
GLN CA  C    sing N N 86  
GLN CA  CB   sing N N 87  
GLN CA  HA   sing N N 88  
GLN C   O    doub N N 89  
GLN C   OXT  sing N N 90  
GLN CB  CG   sing N N 91  
GLN CB  HB2  sing N N 92  
GLN CB  HB3  sing N N 93  
GLN CG  CD   sing N N 94  
GLN CG  HG2  sing N N 95  
GLN CG  HG3  sing N N 96  
GLN CD  OE1  doub N N 97  
GLN CD  NE2  sing N N 98  
GLN NE2 HE21 sing N N 99  
GLN NE2 HE22 sing N N 100 
GLN OXT HXT  sing N N 101 
GLU N   CA   sing N N 102 
GLU N   H    sing N N 103 
GLU N   H2   sing N N 104 
GLU CA  C    sing N N 105 
GLU CA  CB   sing N N 106 
GLU CA  HA   sing N N 107 
GLU C   O    doub N N 108 
GLU C   OXT  sing N N 109 
GLU CB  CG   sing N N 110 
GLU CB  HB2  sing N N 111 
GLU CB  HB3  sing N N 112 
GLU CG  CD   sing N N 113 
GLU CG  HG2  sing N N 114 
GLU CG  HG3  sing N N 115 
GLU CD  OE1  doub N N 116 
GLU CD  OE2  sing N N 117 
GLU OE2 HE2  sing N N 118 
GLU OXT HXT  sing N N 119 
GLY N   CA   sing N N 120 
GLY N   H    sing N N 121 
GLY N   H2   sing N N 122 
GLY CA  C    sing N N 123 
GLY CA  HA2  sing N N 124 
GLY CA  HA3  sing N N 125 
GLY C   O    doub N N 126 
GLY C   OXT  sing N N 127 
GLY OXT HXT  sing N N 128 
HIS N   CA   sing N N 129 
HIS N   H    sing N N 130 
HIS N   H2   sing N N 131 
HIS CA  C    sing N N 132 
HIS CA  CB   sing N N 133 
HIS CA  HA   sing N N 134 
HIS C   O    doub N N 135 
HIS C   OXT  sing N N 136 
HIS CB  CG   sing N N 137 
HIS CB  HB2  sing N N 138 
HIS CB  HB3  sing N N 139 
HIS CG  ND1  sing Y N 140 
HIS CG  CD2  doub Y N 141 
HIS ND1 CE1  doub Y N 142 
HIS ND1 HD1  sing N N 143 
HIS CD2 NE2  sing Y N 144 
HIS CD2 HD2  sing N N 145 
HIS CE1 NE2  sing Y N 146 
HIS CE1 HE1  sing N N 147 
HIS NE2 HE2  sing N N 148 
HIS OXT HXT  sing N N 149 
HOH O   H1   sing N N 150 
HOH O   H2   sing N N 151 
ILE N   CA   sing N N 152 
ILE N   H    sing N N 153 
ILE N   H2   sing N N 154 
ILE CA  C    sing N N 155 
ILE CA  CB   sing N N 156 
ILE CA  HA   sing N N 157 
ILE C   O    doub N N 158 
ILE C   OXT  sing N N 159 
ILE CB  CG1  sing N N 160 
ILE CB  CG2  sing N N 161 
ILE CB  HB   sing N N 162 
ILE CG1 CD1  sing N N 163 
ILE CG1 HG12 sing N N 164 
ILE CG1 HG13 sing N N 165 
ILE CG2 HG21 sing N N 166 
ILE CG2 HG22 sing N N 167 
ILE CG2 HG23 sing N N 168 
ILE CD1 HD11 sing N N 169 
ILE CD1 HD12 sing N N 170 
ILE CD1 HD13 sing N N 171 
ILE OXT HXT  sing N N 172 
LEU N   CA   sing N N 173 
LEU N   H    sing N N 174 
LEU N   H2   sing N N 175 
LEU CA  C    sing N N 176 
LEU CA  CB   sing N N 177 
LEU CA  HA   sing N N 178 
LEU C   O    doub N N 179 
LEU C   OXT  sing N N 180 
LEU CB  CG   sing N N 181 
LEU CB  HB2  sing N N 182 
LEU CB  HB3  sing N N 183 
LEU CG  CD1  sing N N 184 
LEU CG  CD2  sing N N 185 
LEU CG  HG   sing N N 186 
LEU CD1 HD11 sing N N 187 
LEU CD1 HD12 sing N N 188 
LEU CD1 HD13 sing N N 189 
LEU CD2 HD21 sing N N 190 
LEU CD2 HD22 sing N N 191 
LEU CD2 HD23 sing N N 192 
LEU OXT HXT  sing N N 193 
LYS N   CA   sing N N 194 
LYS N   H    sing N N 195 
LYS N   H2   sing N N 196 
LYS CA  C    sing N N 197 
LYS CA  CB   sing N N 198 
LYS CA  HA   sing N N 199 
LYS C   O    doub N N 200 
LYS C   OXT  sing N N 201 
LYS CB  CG   sing N N 202 
LYS CB  HB2  sing N N 203 
LYS CB  HB3  sing N N 204 
LYS CG  CD   sing N N 205 
LYS CG  HG2  sing N N 206 
LYS CG  HG3  sing N N 207 
LYS CD  CE   sing N N 208 
LYS CD  HD2  sing N N 209 
LYS CD  HD3  sing N N 210 
LYS CE  NZ   sing N N 211 
LYS CE  HE2  sing N N 212 
LYS CE  HE3  sing N N 213 
LYS NZ  HZ1  sing N N 214 
LYS NZ  HZ2  sing N N 215 
LYS NZ  HZ3  sing N N 216 
LYS OXT HXT  sing N N 217 
PHE N   CA   sing N N 218 
PHE N   H    sing N N 219 
PHE N   H2   sing N N 220 
PHE CA  C    sing N N 221 
PHE CA  CB   sing N N 222 
PHE CA  HA   sing N N 223 
PHE C   O    doub N N 224 
PHE C   OXT  sing N N 225 
PHE CB  CG   sing N N 226 
PHE CB  HB2  sing N N 227 
PHE CB  HB3  sing N N 228 
PHE CG  CD1  doub Y N 229 
PHE CG  CD2  sing Y N 230 
PHE CD1 CE1  sing Y N 231 
PHE CD1 HD1  sing N N 232 
PHE CD2 CE2  doub Y N 233 
PHE CD2 HD2  sing N N 234 
PHE CE1 CZ   doub Y N 235 
PHE CE1 HE1  sing N N 236 
PHE CE2 CZ   sing Y N 237 
PHE CE2 HE2  sing N N 238 
PHE CZ  HZ   sing N N 239 
PHE OXT HXT  sing N N 240 
PRO N   CA   sing N N 241 
PRO N   CD   sing N N 242 
PRO N   H    sing N N 243 
PRO CA  C    sing N N 244 
PRO CA  CB   sing N N 245 
PRO CA  HA   sing N N 246 
PRO C   O    doub N N 247 
PRO C   OXT  sing N N 248 
PRO CB  CG   sing N N 249 
PRO CB  HB2  sing N N 250 
PRO CB  HB3  sing N N 251 
PRO CG  CD   sing N N 252 
PRO CG  HG2  sing N N 253 
PRO CG  HG3  sing N N 254 
PRO CD  HD2  sing N N 255 
PRO CD  HD3  sing N N 256 
PRO OXT HXT  sing N N 257 
SER N   CA   sing N N 258 
SER N   H    sing N N 259 
SER N   H2   sing N N 260 
SER CA  C    sing N N 261 
SER CA  CB   sing N N 262 
SER CA  HA   sing N N 263 
SER C   O    doub N N 264 
SER C   OXT  sing N N 265 
SER CB  OG   sing N N 266 
SER CB  HB2  sing N N 267 
SER CB  HB3  sing N N 268 
SER OG  HG   sing N N 269 
SER OXT HXT  sing N N 270 
THR N   CA   sing N N 271 
THR N   H    sing N N 272 
THR N   H2   sing N N 273 
THR CA  C    sing N N 274 
THR CA  CB   sing N N 275 
THR CA  HA   sing N N 276 
THR C   O    doub N N 277 
THR C   OXT  sing N N 278 
THR CB  OG1  sing N N 279 
THR CB  CG2  sing N N 280 
THR CB  HB   sing N N 281 
THR OG1 HG1  sing N N 282 
THR CG2 HG21 sing N N 283 
THR CG2 HG22 sing N N 284 
THR CG2 HG23 sing N N 285 
THR OXT HXT  sing N N 286 
TRP N   CA   sing N N 287 
TRP N   H    sing N N 288 
TRP N   H2   sing N N 289 
TRP CA  C    sing N N 290 
TRP CA  CB   sing N N 291 
TRP CA  HA   sing N N 292 
TRP C   O    doub N N 293 
TRP C   OXT  sing N N 294 
TRP CB  CG   sing N N 295 
TRP CB  HB2  sing N N 296 
TRP CB  HB3  sing N N 297 
TRP CG  CD1  doub Y N 298 
TRP CG  CD2  sing Y N 299 
TRP CD1 NE1  sing Y N 300 
TRP CD1 HD1  sing N N 301 
TRP CD2 CE2  doub Y N 302 
TRP CD2 CE3  sing Y N 303 
TRP NE1 CE2  sing Y N 304 
TRP NE1 HE1  sing N N 305 
TRP CE2 CZ2  sing Y N 306 
TRP CE3 CZ3  doub Y N 307 
TRP CE3 HE3  sing N N 308 
TRP CZ2 CH2  doub Y N 309 
TRP CZ2 HZ2  sing N N 310 
TRP CZ3 CH2  sing Y N 311 
TRP CZ3 HZ3  sing N N 312 
TRP CH2 HH2  sing N N 313 
TRP OXT HXT  sing N N 314 
TYR N   CA   sing N N 315 
TYR N   H    sing N N 316 
TYR N   H2   sing N N 317 
TYR CA  C    sing N N 318 
TYR CA  CB   sing N N 319 
TYR CA  HA   sing N N 320 
TYR C   O    doub N N 321 
TYR C   OXT  sing N N 322 
TYR CB  CG   sing N N 323 
TYR CB  HB2  sing N N 324 
TYR CB  HB3  sing N N 325 
TYR CG  CD1  doub Y N 326 
TYR CG  CD2  sing Y N 327 
TYR CD1 CE1  sing Y N 328 
TYR CD1 HD1  sing N N 329 
TYR CD2 CE2  doub Y N 330 
TYR CD2 HD2  sing N N 331 
TYR CE1 CZ   doub Y N 332 
TYR CE1 HE1  sing N N 333 
TYR CE2 CZ   sing Y N 334 
TYR CE2 HE2  sing N N 335 
TYR CZ  OH   sing N N 336 
TYR OH  HH   sing N N 337 
TYR OXT HXT  sing N N 338 
VAL N   CA   sing N N 339 
VAL N   H    sing N N 340 
VAL N   H2   sing N N 341 
VAL CA  C    sing N N 342 
VAL CA  CB   sing N N 343 
VAL CA  HA   sing N N 344 
VAL C   O    doub N N 345 
VAL C   OXT  sing N N 346 
VAL CB  CG1  sing N N 347 
VAL CB  CG2  sing N N 348 
VAL CB  HB   sing N N 349 
VAL CG1 HG11 sing N N 350 
VAL CG1 HG12 sing N N 351 
VAL CG1 HG13 sing N N 352 
VAL CG2 HG21 sing N N 353 
VAL CG2 HG22 sing N N 354 
VAL CG2 HG23 sing N N 355 
VAL OXT HXT  sing N N 356 
# 
_pdbx_initial_refinement_model.id               1 
_pdbx_initial_refinement_model.entity_id_list   ? 
_pdbx_initial_refinement_model.type             'experimental model' 
_pdbx_initial_refinement_model.source_name      PDB 
_pdbx_initial_refinement_model.accession_code   1YNA 
_pdbx_initial_refinement_model.details          'PDB ENTRY 1YNA' 
# 
_atom_sites.entry_id                    1PVX 
_atom_sites.fract_transf_matrix[1][1]   0.02195685 
_atom_sites.fract_transf_matrix[1][2]   -0.01303009 
_atom_sites.fract_transf_matrix[1][3]   0.00369460 
_atom_sites.fract_transf_matrix[2][1]   -0.00818350 
_atom_sites.fract_transf_matrix[2][2]   -0.01004635 
_atom_sites.fract_transf_matrix[2][3]   0.01320281 
_atom_sites.fract_transf_matrix[3][1]   -0.00313886 
_atom_sites.fract_transf_matrix[3][2]   -0.00744780 
_atom_sites.fract_transf_matrix[3][3]   -0.00761278 
_atom_sites.fract_transf_vector[1]      0.366918 
_atom_sites.fract_transf_vector[2]      0.036739 
_atom_sites.fract_transf_vector[3]      0.380395 
# 
loop_
_atom_type.symbol 
C 
N 
O 
S 
# 
loop_
_atom_site.group_PDB 
_atom_site.id 
_atom_site.type_symbol 
_atom_site.label_atom_id 
_atom_site.label_alt_id 
_atom_site.label_comp_id 
_atom_site.label_asym_id 
_atom_site.label_entity_id 
_atom_site.label_seq_id 
_atom_site.pdbx_PDB_ins_code 
_atom_site.Cartn_x 
_atom_site.Cartn_y 
_atom_site.Cartn_z 
_atom_site.occupancy 
_atom_site.B_iso_or_equiv 
_atom_site.pdbx_formal_charge 
_atom_site.auth_seq_id 
_atom_site.auth_comp_id 
_atom_site.auth_asym_id 
_atom_site.auth_atom_id 
_atom_site.pdbx_PDB_model_num 
ATOM   1    N N   . GLY A 1 1   ? -20.534 2.306   13.238  1.00 39.29 ? 1   GLY A N   1 
ATOM   2    C CA  . GLY A 1 1   ? -19.637 2.584   14.397  1.00 39.97 ? 1   GLY A CA  1 
ATOM   3    C C   . GLY A 1 1   ? -18.146 2.428   14.180  1.00 39.95 ? 1   GLY A C   1 
ATOM   4    O O   . GLY A 1 1   ? -17.451 1.704   14.897  1.00 42.94 ? 1   GLY A O   1 
ATOM   5    N N   . THR A 1 2   ? -17.538 3.144   13.265  1.00 38.53 ? 2   THR A N   1 
ATOM   6    C CA  . THR A 1 2   ? -16.144 3.142   12.867  1.00 33.41 ? 2   THR A CA  1 
ATOM   7    C C   . THR A 1 2   ? -15.081 2.716   13.852  1.00 32.10 ? 2   THR A C   1 
ATOM   8    O O   . THR A 1 2   ? -14.926 3.162   14.990  1.00 32.74 ? 2   THR A O   1 
ATOM   9    C CB  . THR A 1 2   ? -15.877 4.557   12.308  1.00 34.72 ? 2   THR A CB  1 
ATOM   10   O OG1 . THR A 1 2   ? -16.928 4.866   11.363  1.00 34.48 ? 2   THR A OG1 1 
ATOM   11   C CG2 . THR A 1 2   ? -14.515 4.634   11.633  1.00 35.00 ? 2   THR A CG2 1 
ATOM   12   N N   . THR A 1 3   ? -14.252 1.715   13.455  1.00 27.67 ? 3   THR A N   1 
ATOM   13   C CA  . THR A 1 3   ? -13.166 1.242   14.326  1.00 26.33 ? 3   THR A CA  1 
ATOM   14   C C   . THR A 1 3   ? -12.153 2.353   14.490  1.00 24.30 ? 3   THR A C   1 
ATOM   15   O O   . THR A 1 3   ? -11.643 2.961   13.549  1.00 23.36 ? 3   THR A O   1 
ATOM   16   C CB  . THR A 1 3   ? -12.469 0.052   13.586  1.00 23.90 ? 3   THR A CB  1 
ATOM   17   O OG1 . THR A 1 3   ? -13.450 -0.918  13.208  1.00 21.79 ? 3   THR A OG1 1 
ATOM   18   C CG2 . THR A 1 3   ? -11.394 -0.529  14.472  1.00 24.58 ? 3   THR A CG2 1 
ATOM   19   N N   . PRO A 1 4   ? -11.743 2.683   15.726  1.00 26.37 ? 4   PRO A N   1 
ATOM   20   C CA  . PRO A 1 4   ? -10.731 3.701   15.955  1.00 25.62 ? 4   PRO A CA  1 
ATOM   21   C C   . PRO A 1 4   ? -9.360  3.366   15.359  1.00 25.57 ? 4   PRO A C   1 
ATOM   22   O O   . PRO A 1 4   ? -8.960  2.177   15.273  1.00 25.17 ? 4   PRO A O   1 
ATOM   23   C CB  . PRO A 1 4   ? -10.571 3.790   17.464  1.00 27.31 ? 4   PRO A CB  1 
ATOM   24   C CG  . PRO A 1 4   ? -11.467 2.789   18.070  1.00 29.50 ? 4   PRO A CG  1 
ATOM   25   C CD  . PRO A 1 4   ? -12.250 2.072   16.976  1.00 27.06 ? 4   PRO A CD  1 
ATOM   26   N N   . ASN A 1 5   ? -8.617  4.397   15.018  1.00 23.48 ? 5   ASN A N   1 
ATOM   27   C CA  . ASN A 1 5   ? -7.290  4.241   14.445  1.00 24.78 ? 5   ASN A CA  1 
ATOM   28   C C   . ASN A 1 5   ? -6.397  3.370   15.315  1.00 25.89 ? 5   ASN A C   1 
ATOM   29   O O   . ASN A 1 5   ? -6.317  3.523   16.529  1.00 24.59 ? 5   ASN A O   1 
ATOM   30   C CB  . ASN A 1 5   ? -6.615  5.602   14.233  1.00 25.16 ? 5   ASN A CB  1 
ATOM   31   C CG  . ASN A 1 5   ? -7.276  6.436   13.165  1.00 26.14 ? 5   ASN A CG  1 
ATOM   32   O OD1 . ASN A 1 5   ? -8.070  5.923   12.365  1.00 25.15 ? 5   ASN A OD1 1 
ATOM   33   N ND2 . ASN A 1 5   ? -6.965  7.744   13.146  1.00 28.77 ? 5   ASN A ND2 1 
ATOM   34   N N   . SER A 1 6   ? -5.550  2.538   14.676  1.00 23.29 ? 6   SER A N   1 
ATOM   35   C CA  . SER A 1 6   ? -4.669  1.700   15.502  1.00 24.44 ? 6   SER A CA  1 
ATOM   36   C C   . SER A 1 6   ? -3.454  1.237   14.696  1.00 21.90 ? 6   SER A C   1 
ATOM   37   O O   . SER A 1 6   ? -3.625  1.046   13.501  1.00 20.14 ? 6   SER A O   1 
ATOM   38   C CB  . SER A 1 6   ? -5.613  0.536   15.746  1.00 26.83 ? 6   SER A CB  1 
ATOM   39   O OG  . SER A 1 6   ? -5.369  -0.597  16.447  1.00 26.93 ? 6   SER A OG  1 
ATOM   40   N N   . GLU A 1 7   ? -2.336  1.002   15.375  1.00 21.68 ? 7   GLU A N   1 
ATOM   41   C CA  . GLU A 1 7   ? -1.187  0.423   14.685  1.00 19.85 ? 7   GLU A CA  1 
ATOM   42   C C   . GLU A 1 7   ? -0.371  -0.376  15.703  1.00 17.92 ? 7   GLU A C   1 
ATOM   43   O O   . GLU A 1 7   ? -0.390  0.002   16.891  1.00 20.76 ? 7   GLU A O   1 
ATOM   44   C CB  . GLU A 1 7   ? -0.369  1.530   14.046  1.00 22.45 ? 7   GLU A CB  1 
ATOM   45   C CG  . GLU A 1 7   ? 0.971   1.255   13.429  1.00 29.45 ? 7   GLU A CG  1 
ATOM   46   C CD  . GLU A 1 7   ? 1.806   2.516   13.174  1.00 32.66 ? 7   GLU A CD  1 
ATOM   47   O OE1 . GLU A 1 7   ? 1.254   3.626   12.975  1.00 34.62 ? 7   GLU A OE1 1 
ATOM   48   O OE2 . GLU A 1 7   ? 3.054   2.445   13.166  1.00 33.24 ? 7   GLU A OE2 1 
ATOM   49   N N   . GLY A 1 8   ? 0.318   -1.409  15.291  1.00 16.73 ? 8   GLY A N   1 
ATOM   50   C CA  . GLY A 1 8   ? 1.101   -2.187  16.269  1.00 14.97 ? 8   GLY A CA  1 
ATOM   51   C C   . GLY A 1 8   ? 1.135   -3.647  15.807  1.00 15.51 ? 8   GLY A C   1 
ATOM   52   O O   . GLY A 1 8   ? 1.130   -3.955  14.604  1.00 14.26 ? 8   GLY A O   1 
ATOM   53   N N   . TRP A 1 9   ? 1.216   -4.588  16.766  1.00 14.22 ? 9   TRP A N   1 
ATOM   54   C CA  . TRP A 1 9   ? 1.406   -5.978  16.466  1.00 14.61 ? 9   TRP A CA  1 
ATOM   55   C C   . TRP A 1 9   ? 0.178   -6.831  16.687  1.00 15.97 ? 9   TRP A C   1 
ATOM   56   O O   . TRP A 1 9   ? -0.573  -6.625  17.647  1.00 17.67 ? 9   TRP A O   1 
ATOM   57   C CB  . TRP A 1 9   ? 2.563   -6.619  17.327  1.00 16.35 ? 9   TRP A CB  1 
ATOM   58   C CG  . TRP A 1 9   ? 3.880   -5.898  17.073  1.00 16.49 ? 9   TRP A CG  1 
ATOM   59   C CD1 . TRP A 1 9   ? 4.403   -4.903  17.821  1.00 18.33 ? 9   TRP A CD1 1 
ATOM   60   C CD2 . TRP A 1 9   ? 4.788   -6.134  15.974  1.00 17.45 ? 9   TRP A CD2 1 
ATOM   61   N NE1 . TRP A 1 9   ? 5.617   -4.505  17.289  1.00 20.60 ? 9   TRP A NE1 1 
ATOM   62   C CE2 . TRP A 1 9   ? 5.879   -5.263  16.166  1.00 20.07 ? 9   TRP A CE2 1 
ATOM   63   C CE3 . TRP A 1 9   ? 4.798   -7.035  14.911  1.00 18.58 ? 9   TRP A CE3 1 
ATOM   64   C CZ2 . TRP A 1 9   ? 6.962   -5.199  15.281  1.00 22.22 ? 9   TRP A CZ2 1 
ATOM   65   C CZ3 . TRP A 1 9   ? 5.887   -6.991  14.029  1.00 18.97 ? 9   TRP A CZ3 1 
ATOM   66   C CH2 . TRP A 1 9   ? 6.947   -6.084  14.224  1.00 20.05 ? 9   TRP A CH2 1 
ATOM   67   N N   . HIS A 1 10  ? -0.066  -7.780  15.800  1.00 15.50 ? 10  HIS A N   1 
ATOM   68   C CA  . HIS A 1 10  ? -1.124  -8.784  15.914  1.00 14.07 ? 10  HIS A CA  1 
ATOM   69   C C   . HIS A 1 10  ? -0.710  -10.112 15.309  1.00 17.18 ? 10  HIS A C   1 
ATOM   70   O O   . HIS A 1 10  ? -0.401  -10.230 14.105  1.00 17.99 ? 10  HIS A O   1 
ATOM   71   C CB  . HIS A 1 10  ? -2.454  -8.310  15.263  1.00 15.27 ? 10  HIS A CB  1 
ATOM   72   C CG  . HIS A 1 10  ? -3.546  -9.332  15.431  1.00 17.75 ? 10  HIS A CG  1 
ATOM   73   N ND1 . HIS A 1 10  ? -3.846  -10.347 14.590  1.00 15.27 ? 10  HIS A ND1 1 
ATOM   74   C CD2 . HIS A 1 10  ? -4.393  -9.452  16.514  1.00 18.10 ? 10  HIS A CD2 1 
ATOM   75   C CE1 . HIS A 1 10  ? -4.850  -11.067 15.084  1.00 19.35 ? 10  HIS A CE1 1 
ATOM   76   N NE2 . HIS A 1 10  ? -5.195  -10.526 16.286  1.00 18.49 ? 10  HIS A NE2 1 
ATOM   77   N N   . ASP A 1 11  ? -0.676  -11.164 16.164  1.00 17.01 ? 11  ASP A N   1 
ATOM   78   C CA  . ASP A 1 11  ? -0.257  -12.501 15.697  1.00 17.78 ? 11  ASP A CA  1 
ATOM   79   C C   . ASP A 1 11  ? 1.061   -12.580 14.944  1.00 18.09 ? 11  ASP A C   1 
ATOM   80   O O   . ASP A 1 11  ? 1.207   -13.398 14.022  1.00 20.00 ? 11  ASP A O   1 
ATOM   81   C CB  . ASP A 1 11  ? -1.368  -13.119 14.858  1.00 23.23 ? 11  ASP A CB  1 
ATOM   82   C CG  . ASP A 1 11  ? -2.380  -13.856 15.722  1.00 28.18 ? 11  ASP A CG  1 
ATOM   83   O OD1 . ASP A 1 11  ? -2.344  -13.580 16.942  1.00 31.23 ? 11  ASP A OD1 1 
ATOM   84   O OD2 . ASP A 1 11  ? -3.150  -14.651 15.142  1.00 28.39 ? 11  ASP A OD2 1 
ATOM   85   N N   . GLY A 1 12  ? 2.040   -11.813 15.357  1.00 16.12 ? 12  GLY A N   1 
ATOM   86   C CA  . GLY A 1 12  ? 3.367   -11.781 14.769  1.00 18.03 ? 12  GLY A CA  1 
ATOM   87   C C   . GLY A 1 12  ? 3.497   -10.910 13.509  1.00 17.68 ? 12  GLY A C   1 
ATOM   88   O O   . GLY A 1 12  ? 4.603   -10.838 12.969  1.00 21.04 ? 12  GLY A O   1 
ATOM   89   N N   . TYR A 1 13  ? 2.422   -10.242 13.122  1.00 16.88 ? 13  TYR A N   1 
ATOM   90   C CA  . TYR A 1 13  ? 2.521   -9.328  11.970  1.00 14.87 ? 13  TYR A CA  1 
ATOM   91   C C   . TYR A 1 13  ? 2.285   -7.904  12.419  1.00 15.79 ? 13  TYR A C   1 
ATOM   92   O O   . TYR A 1 13  ? 1.528   -7.608  13.346  1.00 17.67 ? 13  TYR A O   1 
ATOM   93   C CB  . TYR A 1 13  ? 1.333   -9.676  10.996  1.00 13.39 ? 13  TYR A CB  1 
ATOM   94   C CG  . TYR A 1 13  ? 1.559   -10.987 10.230  1.00 13.96 ? 13  TYR A CG  1 
ATOM   95   C CD1 . TYR A 1 13  ? 1.185   -12.205 10.814  1.00 17.67 ? 13  TYR A CD1 1 
ATOM   96   C CD2 . TYR A 1 13  ? 2.212   -11.013 9.001   1.00 16.54 ? 13  TYR A CD2 1 
ATOM   97   C CE1 . TYR A 1 13  ? 1.442   -13.401 10.141  1.00 17.43 ? 13  TYR A CE1 1 
ATOM   98   C CE2 . TYR A 1 13  ? 2.476   -12.205 8.355   1.00 18.29 ? 13  TYR A CE2 1 
ATOM   99   C CZ  . TYR A 1 13  ? 2.068   -13.398 8.938   1.00 18.24 ? 13  TYR A CZ  1 
ATOM   100  O OH  . TYR A 1 13  ? 2.316   -14.577 8.265   1.00 20.76 ? 13  TYR A OH  1 
ATOM   101  N N   . TYR A 1 14  ? 2.948   -6.943  11.738  1.00 12.98 ? 14  TYR A N   1 
ATOM   102  C CA  . TYR A 1 14  ? 2.649   -5.555  12.066  1.00 13.31 ? 14  TYR A CA  1 
ATOM   103  C C   . TYR A 1 14  ? 1.380   -5.182  11.302  1.00 15.50 ? 14  TYR A C   1 
ATOM   104  O O   . TYR A 1 14  ? 1.053   -5.734  10.266  1.00 16.11 ? 14  TYR A O   1 
ATOM   105  C CB  . TYR A 1 14  ? 3.786   -4.674  11.587  1.00 15.77 ? 14  TYR A CB  1 
ATOM   106  C CG  . TYR A 1 14  ? 3.803   -3.279  12.180  1.00 16.52 ? 14  TYR A CG  1 
ATOM   107  C CD1 . TYR A 1 14  ? 4.274   -3.172  13.500  1.00 21.53 ? 14  TYR A CD1 1 
ATOM   108  C CD2 . TYR A 1 14  ? 3.339   -2.178  11.489  1.00 20.41 ? 14  TYR A CD2 1 
ATOM   109  C CE1 . TYR A 1 14  ? 4.273   -1.933  14.123  1.00 22.99 ? 14  TYR A CE1 1 
ATOM   110  C CE2 . TYR A 1 14  ? 3.343   -0.939  12.152  1.00 22.19 ? 14  TYR A CE2 1 
ATOM   111  C CZ  . TYR A 1 14  ? 3.795   -0.849  13.432  1.00 22.80 ? 14  TYR A CZ  1 
ATOM   112  O OH  . TYR A 1 14  ? 3.864   0.378   14.084  1.00 28.46 ? 14  TYR A OH  1 
ATOM   113  N N   . TYR A 1 15  ? 0.615   -4.216  11.805  1.00 13.43 ? 15  TYR A N   1 
ATOM   114  C CA  . TYR A 1 15  ? -0.577  -3.760  11.057  1.00 13.52 ? 15  TYR A CA  1 
ATOM   115  C C   . TYR A 1 15  ? -0.708  -2.259  11.282  1.00 14.16 ? 15  TYR A C   1 
ATOM   116  O O   . TYR A 1 15  ? -0.265  -1.688  12.258  1.00 14.18 ? 15  TYR A O   1 
ATOM   117  C CB  . TYR A 1 15  ? -1.888  -4.450  11.466  1.00 13.48 ? 15  TYR A CB  1 
ATOM   118  C CG  . TYR A 1 15  ? -2.435  -4.034  12.829  1.00 13.50 ? 15  TYR A CG  1 
ATOM   119  C CD1 . TYR A 1 15  ? -1.916  -4.572  13.981  1.00 15.47 ? 15  TYR A CD1 1 
ATOM   120  C CD2 . TYR A 1 15  ? -3.419  -3.042  12.885  1.00 14.18 ? 15  TYR A CD2 1 
ATOM   121  C CE1 . TYR A 1 15  ? -2.411  -4.195  15.231  1.00 16.56 ? 15  TYR A CE1 1 
ATOM   122  C CE2 . TYR A 1 15  ? -3.905  -2.624  14.141  1.00 15.28 ? 15  TYR A CE2 1 
ATOM   123  C CZ  . TYR A 1 15  ? -3.371  -3.244  15.285  1.00 16.10 ? 15  TYR A CZ  1 
ATOM   124  O OH  . TYR A 1 15  ? -3.933  -2.735  16.463  1.00 18.54 ? 15  TYR A OH  1 
ATOM   125  N N   . SER A 1 16  ? -1.395  -1.616  10.317  1.00 11.16 ? 16  SER A N   1 
ATOM   126  C CA  . SER A 1 16  ? -1.747  -0.200  10.491  1.00 14.66 ? 16  SER A CA  1 
ATOM   127  C C   . SER A 1 16  ? -3.180  -0.003  10.009  1.00 16.72 ? 16  SER A C   1 
ATOM   128  O O   . SER A 1 16  ? -3.499  -0.612  8.963   1.00 17.07 ? 16  SER A O   1 
ATOM   129  C CB  . SER A 1 16  ? -0.757  0.635   9.681   1.00 16.00 ? 16  SER A CB  1 
ATOM   130  O OG  . SER A 1 16  ? -1.134  2.005   9.688   1.00 19.99 ? 16  SER A OG  1 
ATOM   131  N N   . TRP A 1 17  ? -4.006  0.756   10.702  1.00 16.86 ? 17  TRP A N   1 
ATOM   132  C CA  . TRP A 1 17  ? -5.377  1.052   10.236  1.00 15.47 ? 17  TRP A CA  1 
ATOM   133  C C   . TRP A 1 17  ? -5.668  2.537   10.537  1.00 17.50 ? 17  TRP A C   1 
ATOM   134  O O   . TRP A 1 17  ? -5.411  3.004   11.655  1.00 18.99 ? 17  TRP A O   1 
ATOM   135  C CB  . TRP A 1 17  ? -6.369  0.186   11.059  1.00 17.44 ? 17  TRP A CB  1 
ATOM   136  C CG  . TRP A 1 17  ? -7.769  0.709   11.056  1.00 18.12 ? 17  TRP A CG  1 
ATOM   137  C CD1 . TRP A 1 17  ? -8.440  1.158   12.166  1.00 19.35 ? 17  TRP A CD1 1 
ATOM   138  C CD2 . TRP A 1 17  ? -8.624  0.964   9.939   1.00 18.29 ? 17  TRP A CD2 1 
ATOM   139  N NE1 . TRP A 1 17  ? -9.692  1.654   11.804  1.00 20.63 ? 17  TRP A NE1 1 
ATOM   140  C CE2 . TRP A 1 17  ? -9.797  1.558   10.440  1.00 19.45 ? 17  TRP A CE2 1 
ATOM   141  C CE3 . TRP A 1 17  ? -8.518  0.721   8.561   1.00 16.86 ? 17  TRP A CE3 1 
ATOM   142  C CZ2 . TRP A 1 17  ? -10.882 1.903   9.639   1.00 19.05 ? 17  TRP A CZ2 1 
ATOM   143  C CZ3 . TRP A 1 17  ? -9.586  1.086   7.756   1.00 19.43 ? 17  TRP A CZ3 1 
ATOM   144  C CH2 . TRP A 1 17  ? -10.771 1.656   8.294   1.00 19.23 ? 17  TRP A CH2 1 
ATOM   145  N N   . TRP A 1 18  ? -6.051  3.265   9.501   1.00 17.88 ? 18  TRP A N   1 
ATOM   146  C CA  . TRP A 1 18  ? -6.361  4.700   9.720   1.00 20.75 ? 18  TRP A CA  1 
ATOM   147  C C   . TRP A 1 18  ? -7.572  5.095   8.883   1.00 21.13 ? 18  TRP A C   1 
ATOM   148  O O   . TRP A 1 18  ? -7.675  4.645   7.759   1.00 19.69 ? 18  TRP A O   1 
ATOM   149  C CB  . TRP A 1 18  ? -5.168  5.538   9.255   1.00 26.01 ? 18  TRP A CB  1 
ATOM   150  C CG  . TRP A 1 18  ? -5.442  7.031   9.213   1.00 28.29 ? 18  TRP A CG  1 
ATOM   151  C CD1 . TRP A 1 18  ? -5.290  7.912   10.263  1.00 30.07 ? 18  TRP A CD1 1 
ATOM   152  C CD2 . TRP A 1 18  ? -5.904  7.792   8.084   1.00 28.67 ? 18  TRP A CD2 1 
ATOM   153  N NE1 . TRP A 1 18  ? -5.626  9.181   9.826   1.00 30.86 ? 18  TRP A NE1 1 
ATOM   154  C CE2 . TRP A 1 18  ? -6.010  9.126   8.511   1.00 30.28 ? 18  TRP A CE2 1 
ATOM   155  C CE3 . TRP A 1 18  ? -6.224  7.474   6.755   1.00 28.80 ? 18  TRP A CE3 1 
ATOM   156  C CZ2 . TRP A 1 18  ? -6.449  10.158  7.670   1.00 30.23 ? 18  TRP A CZ2 1 
ATOM   157  C CZ3 . TRP A 1 18  ? -6.646  8.501   5.915   1.00 31.27 ? 18  TRP A CZ3 1 
ATOM   158  C CH2 . TRP A 1 18  ? -6.754  9.823   6.383   1.00 30.29 ? 18  TRP A CH2 1 
ATOM   159  N N   . SER A 1 19  ? -8.433  5.991   9.420   1.00 21.34 ? 19  SER A N   1 
ATOM   160  C CA  . SER A 1 19  ? -9.475  6.551   8.543   1.00 23.01 ? 19  SER A CA  1 
ATOM   161  C C   . SER A 1 19  ? -9.649  8.035   8.924   1.00 23.60 ? 19  SER A C   1 
ATOM   162  O O   . SER A 1 19  ? -9.230  8.412   10.027  1.00 25.66 ? 19  SER A O   1 
ATOM   163  C CB  . SER A 1 19  ? -10.805 5.844   8.590   1.00 22.32 ? 19  SER A CB  1 
ATOM   164  O OG  . SER A 1 19  ? -11.530 6.098   9.796   1.00 24.61 ? 19  SER A OG  1 
ATOM   165  N N   . ASP A 1 20  ? -10.330 8.777   8.067   1.00 24.63 ? 20  ASP A N   1 
ATOM   166  C CA  . ASP A 1 20  ? -10.515 10.219  8.429   1.00 27.70 ? 20  ASP A CA  1 
ATOM   167  C C   . ASP A 1 20  ? -11.735 10.398  9.273   1.00 28.82 ? 20  ASP A C   1 
ATOM   168  O O   . ASP A 1 20  ? -12.137 11.548  9.608   1.00 30.54 ? 20  ASP A O   1 
ATOM   169  C CB  . ASP A 1 20  ? -10.495 11.004  7.112   1.00 27.11 ? 20  ASP A CB  1 
ATOM   170  C CG  . ASP A 1 20  ? -11.669 10.808  6.180   1.00 28.12 ? 20  ASP A CG  1 
ATOM   171  O OD1 . ASP A 1 20  ? -12.621 10.072  6.506   1.00 28.31 ? 20  ASP A OD1 1 
ATOM   172  O OD2 . ASP A 1 20  ? -11.624 11.369  5.068   1.00 29.56 ? 20  ASP A OD2 1 
ATOM   173  N N   . GLY A 1 21  ? -12.458 9.351   9.619   1.00 26.48 ? 21  GLY A N   1 
ATOM   174  C CA  . GLY A 1 21  ? -13.632 9.359   10.475  1.00 28.15 ? 21  GLY A CA  1 
ATOM   175  C C   . GLY A 1 21  ? -14.939 9.675   9.760   1.00 31.53 ? 21  GLY A C   1 
ATOM   176  O O   . GLY A 1 21  ? -15.995 9.535   10.390  1.00 31.66 ? 21  GLY A O   1 
ATOM   177  N N   . GLY A 1 22  ? -14.902 9.994   8.477   1.00 30.16 ? 22  GLY A N   1 
ATOM   178  C CA  . GLY A 1 22  ? -16.094 10.332  7.721   1.00 31.26 ? 22  GLY A CA  1 
ATOM   179  C C   . GLY A 1 22  ? -16.943 9.180   7.215   1.00 32.84 ? 22  GLY A C   1 
ATOM   180  O O   . GLY A 1 22  ? -18.094 9.359   6.788   1.00 31.33 ? 22  GLY A O   1 
ATOM   181  N N   . GLY A 1 23  ? -16.332 7.994   7.071   1.00 32.08 ? 23  GLY A N   1 
ATOM   182  C CA  . GLY A 1 23  ? -17.074 6.842   6.553   1.00 31.79 ? 23  GLY A CA  1 
ATOM   183  C C   . GLY A 1 23  ? -17.355 5.866   7.682   1.00 29.68 ? 23  GLY A C   1 
ATOM   184  O O   . GLY A 1 23  ? -16.639 5.817   8.672   1.00 28.66 ? 23  GLY A O   1 
ATOM   185  N N   . ASP A 1 24  ? -18.450 5.154   7.594   1.00 29.93 ? 24  ASP A N   1 
ATOM   186  C CA  . ASP A 1 24  ? -18.684 4.058   8.527   1.00 30.57 ? 24  ASP A CA  1 
ATOM   187  C C   . ASP A 1 24  ? -17.717 2.934   8.080   1.00 28.58 ? 24  ASP A C   1 
ATOM   188  O O   . ASP A 1 24  ? -17.675 2.680   6.876   1.00 29.03 ? 24  ASP A O   1 
ATOM   189  C CB  . ASP A 1 24  ? -20.139 3.648   8.347   1.00 35.76 ? 24  ASP A CB  1 
ATOM   190  C CG  . ASP A 1 24  ? -20.439 2.265   8.829   1.00 39.71 ? 24  ASP A CG  1 
ATOM   191  O OD1 . ASP A 1 24  ? -20.290 2.058   10.047  1.00 42.84 ? 24  ASP A OD1 1 
ATOM   192  O OD2 . ASP A 1 24  ? -20.769 1.397   7.986   1.00 43.87 ? 24  ASP A OD2 1 
ATOM   193  N N   . SER A 1 25  ? -17.000 2.300   9.001   1.00 24.49 ? 25  SER A N   1 
ATOM   194  C CA  . SER A 1 25  ? -16.242 1.133   8.539   1.00 24.03 ? 25  SER A CA  1 
ATOM   195  C C   . SER A 1 25  ? -15.636 0.343   9.687   1.00 23.67 ? 25  SER A C   1 
ATOM   196  O O   . SER A 1 25  ? -15.412 0.888   10.767  1.00 25.11 ? 25  SER A O   1 
ATOM   197  C CB  . SER A 1 25  ? -15.231 1.445   7.476   1.00 27.68 ? 25  SER A CB  1 
ATOM   198  O OG  . SER A 1 25  ? -14.289 2.310   7.970   1.00 30.39 ? 25  SER A OG  1 
ATOM   199  N N   . THR A 1 26  ? -15.438 -0.941  9.438   1.00 20.84 ? 26  THR A N   1 
ATOM   200  C CA  . THR A 1 26  ? -14.935 -1.878  10.425  1.00 18.58 ? 26  THR A CA  1 
ATOM   201  C C   . THR A 1 26  ? -13.633 -2.547  9.899   1.00 17.48 ? 26  THR A C   1 
ATOM   202  O O   . THR A 1 26  ? -13.654 -3.004  8.770   1.00 18.84 ? 26  THR A O   1 
ATOM   203  C CB  . THR A 1 26  ? -16.008 -2.955  10.691  1.00 23.08 ? 26  THR A CB  1 
ATOM   204  O OG1 . THR A 1 26  ? -17.211 -2.234  11.159  1.00 27.62 ? 26  THR A OG1 1 
ATOM   205  C CG2 . THR A 1 26  ? -15.664 -3.909  11.807  1.00 24.86 ? 26  THR A CG2 1 
ATOM   206  N N   . TYR A 1 27  ? -12.576 -2.444  10.704  1.00 16.54 ? 27  TYR A N   1 
ATOM   207  C CA  . TYR A 1 27  ? -11.311 -3.090  10.422  1.00 16.33 ? 27  TYR A CA  1 
ATOM   208  C C   . TYR A 1 27  ? -11.143 -4.176  11.477  1.00 16.55 ? 27  TYR A C   1 
ATOM   209  O O   . TYR A 1 27  ? -11.301 -3.905  12.681  1.00 18.04 ? 27  TYR A O   1 
ATOM   210  C CB  . TYR A 1 27  ? -10.138 -2.041  10.492  1.00 15.89 ? 27  TYR A CB  1 
ATOM   211  C CG  . TYR A 1 27  ? -8.805  -2.767  10.447  1.00 16.30 ? 27  TYR A CG  1 
ATOM   212  C CD1 . TYR A 1 27  ? -8.141  -3.255  11.586  1.00 14.26 ? 27  TYR A CD1 1 
ATOM   213  C CD2 . TYR A 1 27  ? -8.188  -2.923  9.205   1.00 16.93 ? 27  TYR A CD2 1 
ATOM   214  C CE1 . TYR A 1 27  ? -6.914  -3.929  11.436  1.00 15.62 ? 27  TYR A CE1 1 
ATOM   215  C CE2 . TYR A 1 27  ? -6.991  -3.598  9.076   1.00 16.14 ? 27  TYR A CE2 1 
ATOM   216  C CZ  . TYR A 1 27  ? -6.347  -4.088  10.192  1.00 17.42 ? 27  TYR A CZ  1 
ATOM   217  O OH  . TYR A 1 27  ? -5.164  -4.799  10.052  1.00 16.69 ? 27  TYR A OH  1 
ATOM   218  N N   . THR A 1 28  ? -10.912 -5.421  11.037  1.00 14.77 ? 28  THR A N   1 
ATOM   219  C CA  . THR A 1 28  ? -10.704 -6.494  12.008  1.00 16.07 ? 28  THR A CA  1 
ATOM   220  C C   . THR A 1 28  ? -9.404  -7.255  11.667  1.00 15.65 ? 28  THR A C   1 
ATOM   221  O O   . THR A 1 28  ? -9.240  -7.735  10.532  1.00 16.35 ? 28  THR A O   1 
ATOM   222  C CB  . THR A 1 28  ? -11.867 -7.515  11.925  1.00 19.29 ? 28  THR A CB  1 
ATOM   223  O OG1 . THR A 1 28  ? -13.101 -6.808  12.021  1.00 20.91 ? 28  THR A OG1 1 
ATOM   224  C CG2 . THR A 1 28  ? -11.790 -8.563  13.024  1.00 21.09 ? 28  THR A CG2 1 
ATOM   225  N N   . ASN A 1 29  ? -8.581  -7.473  12.689  1.00 15.71 ? 29  ASN A N   1 
ATOM   226  C CA  . ASN A 1 29  ? -7.425  -8.327  12.521  1.00 14.58 ? 29  ASN A CA  1 
ATOM   227  C C   . ASN A 1 29  ? -7.878  -9.784  12.790  1.00 18.31 ? 29  ASN A C   1 
ATOM   228  O O   . ASN A 1 29  ? -8.503  -10.047 13.854  1.00 19.65 ? 29  ASN A O   1 
ATOM   229  C CB  . ASN A 1 29  ? -6.379  -8.032  13.600  1.00 15.80 ? 29  ASN A CB  1 
ATOM   230  C CG  . ASN A 1 29  ? -5.543  -6.818  13.289  1.00 16.37 ? 29  ASN A CG  1 
ATOM   231  O OD1 . ASN A 1 29  ? -5.230  -5.978  14.175  1.00 19.95 ? 29  ASN A OD1 1 
ATOM   232  N ND2 . ASN A 1 29  ? -5.169  -6.670  12.035  1.00 15.38 ? 29  ASN A ND2 1 
ATOM   233  N N   . ASN A 1 30  ? -7.681  -10.636 11.813  1.00 17.02 ? 30  ASN A N   1 
ATOM   234  C CA  . ASN A 1 30  ? -8.051  -12.051 11.960  1.00 18.14 ? 30  ASN A CA  1 
ATOM   235  C C   . ASN A 1 30  ? -6.782  -12.851 12.213  1.00 19.45 ? 30  ASN A C   1 
ATOM   236  O O   . ASN A 1 30  ? -5.634  -12.402 12.331  1.00 17.59 ? 30  ASN A O   1 
ATOM   237  C CB  . ASN A 1 30  ? -8.824  -12.549 10.739  1.00 21.26 ? 30  ASN A CB  1 
ATOM   238  C CG  . ASN A 1 30  ? -10.245 -12.076 10.551  1.00 26.47 ? 30  ASN A CG  1 
ATOM   239  O OD1 . ASN A 1 30  ? -10.802 -11.967 9.439   1.00 31.90 ? 30  ASN A OD1 1 
ATOM   240  N ND2 . ASN A 1 30  ? -10.996 -11.944 11.669  1.00 32.16 ? 30  ASN A ND2 1 
ATOM   241  N N   . SER A 1 31  ? -6.942  -14.207 12.283  1.00 22.04 ? 31  SER A N   1 
ATOM   242  C CA  . SER A 1 31  ? -5.819  -15.059 12.634  1.00 22.80 ? 31  SER A CA  1 
ATOM   243  C C   . SER A 1 31  ? -4.660  -15.018 11.644  1.00 21.57 ? 31  SER A C   1 
ATOM   244  O O   . SER A 1 31  ? -4.789  -14.932 10.413  1.00 21.30 ? 31  SER A O   1 
ATOM   245  C CB  . SER A 1 31  ? -6.313  -16.522 12.761  1.00 24.91 ? 31  SER A CB  1 
ATOM   246  O OG  . SER A 1 31  ? -7.217  -16.601 13.868  1.00 33.57 ? 31  SER A OG  1 
ATOM   247  N N   . GLY A 1 32  ? -3.468  -15.017 12.210  1.00 19.97 ? 32  GLY A N   1 
ATOM   248  C CA  . GLY A 1 32  ? -2.242  -15.049 11.420  1.00 18.65 ? 32  GLY A CA  1 
ATOM   249  C C   . GLY A 1 32  ? -2.065  -13.825 10.500  1.00 15.86 ? 32  GLY A C   1 
ATOM   250  O O   . GLY A 1 32  ? -2.059  -12.709 10.981  1.00 16.40 ? 32  GLY A O   1 
ATOM   251  N N   . GLY A 1 33  ? -1.908  -14.107 9.203   1.00 16.09 ? 33  GLY A N   1 
ATOM   252  C CA  . GLY A 1 33  ? -1.645  -12.975 8.297   1.00 14.51 ? 33  GLY A CA  1 
ATOM   253  C C   . GLY A 1 33  ? -2.891  -12.298 7.743   1.00 13.46 ? 33  GLY A C   1 
ATOM   254  O O   . GLY A 1 33  ? -2.757  -11.573 6.721   1.00 13.36 ? 33  GLY A O   1 
ATOM   255  N N   . THR A 1 34  ? -4.044  -12.586 8.288   1.00 14.18 ? 34  THR A N   1 
ATOM   256  C CA  . THR A 1 34  ? -5.319  -12.139 7.696   1.00 13.21 ? 34  THR A CA  1 
ATOM   257  C C   . THR A 1 34  ? -5.934  -10.926 8.344   1.00 14.61 ? 34  THR A C   1 
ATOM   258  O O   . THR A 1 34  ? -5.894  -10.698 9.561   1.00 14.00 ? 34  THR A O   1 
ATOM   259  C CB  . THR A 1 34  ? -6.355  -13.316 7.786   1.00 13.94 ? 34  THR A CB  1 
ATOM   260  O OG1 . THR A 1 34  ? -5.751  -14.499 7.212   1.00 16.89 ? 34  THR A OG1 1 
ATOM   261  C CG2 . THR A 1 34  ? -7.636  -13.005 7.020   1.00 18.09 ? 34  THR A CG2 1 
ATOM   262  N N   . TYR A 1 35  ? -6.547  -10.047 7.542   1.00 13.25 ? 35  TYR A N   1 
ATOM   263  C CA  . TYR A 1 35  ? -7.279  -8.911  8.014   1.00 12.15 ? 35  TYR A CA  1 
ATOM   264  C C   . TYR A 1 35  ? -8.528  -8.719  7.131   1.00 14.30 ? 35  TYR A C   1 
ATOM   265  O O   . TYR A 1 35  ? -8.580  -9.207  6.008   1.00 13.72 ? 35  TYR A O   1 
ATOM   266  C CB  . TYR A 1 35  ? -6.516  -7.548  7.992   1.00 13.36 ? 35  TYR A CB  1 
ATOM   267  C CG  . TYR A 1 35  ? -6.043  -7.013  6.650   1.00 11.71 ? 35  TYR A CG  1 
ATOM   268  C CD1 . TYR A 1 35  ? -4.861  -7.418  6.046   1.00 11.87 ? 35  TYR A CD1 1 
ATOM   269  C CD2 . TYR A 1 35  ? -6.876  -6.128  5.959   1.00 13.93 ? 35  TYR A CD2 1 
ATOM   270  C CE1 . TYR A 1 35  ? -4.457  -6.934  4.800   1.00 13.59 ? 35  TYR A CE1 1 
ATOM   271  C CE2 . TYR A 1 35  ? -6.528  -5.617  4.716   1.00 13.52 ? 35  TYR A CE2 1 
ATOM   272  C CZ  . TYR A 1 35  ? -5.321  -6.014  4.165   1.00 13.28 ? 35  TYR A CZ  1 
ATOM   273  O OH  . TYR A 1 35  ? -4.960  -5.464  2.924   1.00 13.77 ? 35  TYR A OH  1 
ATOM   274  N N   . GLU A 1 36  ? -9.539  -8.051  7.665   1.00 12.68 ? 36  GLU A N   1 
ATOM   275  C CA  . GLU A 1 36  ? -10.771 -7.813  6.882   1.00 13.73 ? 36  GLU A CA  1 
ATOM   276  C C   . GLU A 1 36  ? -11.227 -6.363  7.043   1.00 12.34 ? 36  GLU A C   1 
ATOM   277  O O   . GLU A 1 36  ? -11.045 -5.782  8.135   1.00 15.17 ? 36  GLU A O   1 
ATOM   278  C CB  . GLU A 1 36  ? -11.887 -8.768  7.441   1.00 16.13 ? 36  GLU A CB  1 
ATOM   279  C CG  . GLU A 1 36  ? -13.239 -8.601  6.775   1.00 18.56 ? 36  GLU A CG  1 
ATOM   280  C CD  . GLU A 1 36  ? -14.294 -9.491  7.404   1.00 23.52 ? 36  GLU A CD  1 
ATOM   281  O OE1 . GLU A 1 36  ? -14.525 -9.264  8.612   1.00 27.37 ? 36  GLU A OE1 1 
ATOM   282  O OE2 . GLU A 1 36  ? -14.909 -10.360 6.802   1.00 24.98 ? 36  GLU A OE2 1 
ATOM   283  N N   . ILE A 1 37  ? -11.712 -5.740  5.963   1.00 12.11 ? 37  ILE A N   1 
ATOM   284  C CA  . ILE A 1 37  ? -12.206 -4.364  6.053   1.00 13.30 ? 37  ILE A CA  1 
ATOM   285  C C   . ILE A 1 37  ? -13.567 -4.294  5.324   1.00 15.39 ? 37  ILE A C   1 
ATOM   286  O O   . ILE A 1 37  ? -13.658 -4.678  4.172   1.00 14.64 ? 37  ILE A O   1 
ATOM   287  C CB  . ILE A 1 37  ? -11.314 -3.309  5.425   1.00 13.38 ? 37  ILE A CB  1 
ATOM   288  C CG1 . ILE A 1 37  ? -9.822  -3.502  5.811   1.00 15.20 ? 37  ILE A CG1 1 
ATOM   289  C CG2 . ILE A 1 37  ? -11.772 -1.904  5.856   1.00 16.27 ? 37  ILE A CG2 1 
ATOM   290  C CD1 . ILE A 1 37  ? -8.878  -2.427  5.261   1.00 17.07 ? 37  ILE A CD1 1 
ATOM   291  N N   . THR A 1 38  ? -14.561 -3.718  6.028   1.00 14.84 ? 38  THR A N   1 
ATOM   292  C CA  . THR A 1 38  ? -15.872 -3.480  5.392   1.00 18.07 ? 38  THR A CA  1 
ATOM   293  C C   . THR A 1 38  ? -16.118 -1.964  5.482   1.00 16.93 ? 38  THR A C   1 
ATOM   294  O O   . THR A 1 38  ? -16.084 -1.466  6.610   1.00 18.40 ? 38  THR A O   1 
ATOM   295  C CB  . THR A 1 38  ? -17.006 -4.161  6.176   1.00 22.36 ? 38  THR A CB  1 
ATOM   296  O OG1 . THR A 1 38  ? -16.817 -5.577  6.232   1.00 28.70 ? 38  THR A OG1 1 
ATOM   297  C CG2 . THR A 1 38  ? -18.282 -4.056  5.387   1.00 23.26 ? 38  THR A CG2 1 
ATOM   298  N N   . TRP A 1 39  ? -16.354 -1.276  4.347   1.00 17.61 ? 39  TRP A N   1 
ATOM   299  C CA  . TRP A 1 39  ? -16.479 0.159   4.494   1.00 16.85 ? 39  TRP A CA  1 
ATOM   300  C C   . TRP A 1 39  ? -17.602 0.740   3.645   1.00 17.88 ? 39  TRP A C   1 
ATOM   301  O O   . TRP A 1 39  ? -17.932 0.219   2.585   1.00 19.21 ? 39  TRP A O   1 
ATOM   302  C CB  . TRP A 1 39  ? -15.155 0.837   4.145   1.00 16.80 ? 39  TRP A CB  1 
ATOM   303  C CG  . TRP A 1 39  ? -14.644 0.856   2.747   1.00 16.05 ? 39  TRP A CG  1 
ATOM   304  C CD1 . TRP A 1 39  ? -14.829 1.883   1.835   1.00 15.31 ? 39  TRP A CD1 1 
ATOM   305  C CD2 . TRP A 1 39  ? -13.899 -0.150  2.056   1.00 15.95 ? 39  TRP A CD2 1 
ATOM   306  N NE1 . TRP A 1 39  ? -14.212 1.566   0.662   1.00 18.66 ? 39  TRP A NE1 1 
ATOM   307  C CE2 . TRP A 1 39  ? -13.606 0.330   0.761   1.00 17.88 ? 39  TRP A CE2 1 
ATOM   308  C CE3 . TRP A 1 39  ? -13.386 -1.409  2.420   1.00 17.24 ? 39  TRP A CE3 1 
ATOM   309  C CZ2 . TRP A 1 39  ? -12.879 -0.373  -0.195  1.00 18.86 ? 39  TRP A CZ2 1 
ATOM   310  C CZ3 . TRP A 1 39  ? -12.676 -2.113  1.468   1.00 15.82 ? 39  TRP A CZ3 1 
ATOM   311  C CH2 . TRP A 1 39  ? -12.416 -1.630  0.181   1.00 17.96 ? 39  TRP A CH2 1 
ATOM   312  N N   . GLY A 1 40  ? -18.110 1.874   4.175   1.00 20.20 ? 40  GLY A N   1 
ATOM   313  C CA  . GLY A 1 40  ? -19.126 2.619   3.391   1.00 22.98 ? 40  GLY A CA  1 
ATOM   314  C C   . GLY A 1 40  ? -18.510 3.853   2.738   1.00 25.55 ? 40  GLY A C   1 
ATOM   315  O O   . GLY A 1 40  ? -17.317 4.157   2.798   1.00 25.00 ? 40  GLY A O   1 
ATOM   316  N N   . ASN A 1 41  ? -19.389 4.665   2.112   1.00 25.12 ? 41  ASN A N   1 
ATOM   317  C CA  . ASN A 1 41  ? -18.967 5.908   1.487   1.00 23.46 ? 41  ASN A CA  1 
ATOM   318  C C   . ASN A 1 41  ? -18.730 7.009   2.517   1.00 24.90 ? 41  ASN A C   1 
ATOM   319  O O   . ASN A 1 41  ? -19.178 6.934   3.669   1.00 27.72 ? 41  ASN A O   1 
ATOM   320  C CB  . ASN A 1 41  ? -20.192 6.330   0.612   1.00 25.07 ? 41  ASN A CB  1 
ATOM   321  C CG  . ASN A 1 41  ? -19.874 7.378   -0.429  1.00 27.20 ? 41  ASN A CG  1 
ATOM   322  O OD1 . ASN A 1 41  ? -18.729 7.829   -0.669  1.00 26.22 ? 41  ASN A OD1 1 
ATOM   323  N ND2 . ASN A 1 41  ? -20.908 7.841   -1.106  1.00 22.91 ? 41  ASN A ND2 1 
ATOM   324  N N   . GLY A 1 42  ? -18.012 8.072   2.131   1.00 22.80 ? 42  GLY A N   1 
ATOM   325  C CA  . GLY A 1 42  ? -17.898 9.208   3.024   1.00 23.53 ? 42  GLY A CA  1 
ATOM   326  C C   . GLY A 1 42  ? -16.491 9.629   3.396   1.00 25.68 ? 42  GLY A C   1 
ATOM   327  O O   . GLY A 1 42  ? -16.349 10.678  4.028   1.00 26.08 ? 42  GLY A O   1 
ATOM   328  N N   . GLY A 1 43  ? -15.508 8.744   3.091   1.00 22.69 ? 43  GLY A N   1 
ATOM   329  C CA  . GLY A 1 43  ? -14.190 9.200   3.609   1.00 24.51 ? 43  GLY A CA  1 
ATOM   330  C C   . GLY A 1 43  ? -13.043 8.425   3.011   1.00 20.63 ? 43  GLY A C   1 
ATOM   331  O O   . GLY A 1 43  ? -13.188 7.696   2.041   1.00 22.24 ? 43  GLY A O   1 
ATOM   332  N N   . ASN A 1 44  ? -11.872 8.712   3.589   1.00 21.26 ? 44  ASN A N   1 
ATOM   333  C CA  . ASN A 1 44  ? -10.601 8.135   3.112   1.00 21.76 ? 44  ASN A CA  1 
ATOM   334  C C   . ASN A 1 44  ? -10.112 7.180   4.215   1.00 20.62 ? 44  ASN A C   1 
ATOM   335  O O   . ASN A 1 44  ? -10.207 7.514   5.377   1.00 21.70 ? 44  ASN A O   1 
ATOM   336  C CB  . ASN A 1 44  ? -9.627  9.310   2.982   1.00 25.41 ? 44  ASN A CB  1 
ATOM   337  C CG  . ASN A 1 44  ? -8.256  8.952   2.458   1.00 27.57 ? 44  ASN A CG  1 
ATOM   338  O OD1 . ASN A 1 44  ? -7.328  9.736   2.712   1.00 32.02 ? 44  ASN A OD1 1 
ATOM   339  N ND2 . ASN A 1 44  ? -8.056  7.857   1.763   1.00 28.12 ? 44  ASN A ND2 1 
ATOM   340  N N   . LEU A 1 45  ? -9.669  5.981   3.819   1.00 18.26 ? 45  LEU A N   1 
ATOM   341  C CA  . LEU A 1 45  ? -9.265  4.973   4.835   1.00 16.80 ? 45  LEU A CA  1 
ATOM   342  C C   . LEU A 1 45  ? -8.234  4.060   4.176   1.00 16.90 ? 45  LEU A C   1 
ATOM   343  O O   . LEU A 1 45  ? -8.267  3.774   2.979   1.00 15.59 ? 45  LEU A O   1 
ATOM   344  C CB  . LEU A 1 45  ? -10.477 4.147   5.291   1.00 18.65 ? 45  LEU A CB  1 
ATOM   345  C CG  . LEU A 1 45  ? -11.299 3.534   4.129   1.00 20.97 ? 45  LEU A CG  1 
ATOM   346  C CD1 . LEU A 1 45  ? -11.242 2.010   4.153   1.00 21.32 ? 45  LEU A CD1 1 
ATOM   347  C CD2 . LEU A 1 45  ? -12.723 4.081   4.155   1.00 22.67 ? 45  LEU A CD2 1 
ATOM   348  N N   . VAL A 1 46  ? -7.323  3.538   5.037   1.00 18.18 ? 46  VAL A N   1 
ATOM   349  C CA  . VAL A 1 46  ? -6.296  2.601   4.523   1.00 18.90 ? 46  VAL A CA  1 
ATOM   350  C C   . VAL A 1 46  ? -5.885  1.659   5.656   1.00 15.70 ? 46  VAL A C   1 
ATOM   351  O O   . VAL A 1 46  ? -5.677  2.126   6.789   1.00 15.65 ? 46  VAL A O   1 
ATOM   352  C CB  . VAL A 1 46  ? -5.063  3.305   3.968   1.00 21.85 ? 46  VAL A CB  1 
ATOM   353  C CG1 . VAL A 1 46  ? -4.494  4.393   4.835   1.00 24.95 ? 46  VAL A CG1 1 
ATOM   354  C CG2 . VAL A 1 46  ? -3.899  2.316   3.677   1.00 23.94 ? 46  VAL A CG2 1 
ATOM   355  N N   . GLY A 1 47  ? -5.787  0.333   5.410   1.00 15.23 ? 47  GLY A N   1 
ATOM   356  C CA  . GLY A 1 47  ? -5.385  -0.577  6.481   1.00 14.28 ? 47  GLY A CA  1 
ATOM   357  C C   . GLY A 1 47  ? -4.785  -1.884  5.903   1.00 12.53 ? 47  GLY A C   1 
ATOM   358  O O   . GLY A 1 47  ? -4.962  -2.185  4.745   1.00 13.13 ? 47  GLY A O   1 
ATOM   359  N N   . GLY A 1 48  ? -3.930  -2.494  6.735   1.00 10.99 ? 48  GLY A N   1 
ATOM   360  C CA  . GLY A 1 48  ? -3.399  -3.810  6.292   1.00 14.20 ? 48  GLY A CA  1 
ATOM   361  C C   . GLY A 1 48  ? -2.354  -4.374  7.271   1.00 11.89 ? 48  GLY A C   1 
ATOM   362  O O   . GLY A 1 48  ? -1.938  -3.751  8.233   1.00 12.76 ? 48  GLY A O   1 
ATOM   363  N N   . LYS A 1 49  ? -1.869  -5.594  6.909   1.00 12.62 ? 49  LYS A N   1 
ATOM   364  C CA  . LYS A 1 49  ? -0.893  -6.308  7.718   1.00 11.59 ? 49  LYS A CA  1 
ATOM   365  C C   . LYS A 1 49  ? 0.422   -6.486  6.960   1.00 11.85 ? 49  LYS A C   1 
ATOM   366  O O   . LYS A 1 49  ? 0.456   -6.539  5.703   1.00 10.59 ? 49  LYS A O   1 
ATOM   367  C CB  . LYS A 1 49  ? -1.377  -7.748  8.085   1.00 12.55 ? 49  LYS A CB  1 
ATOM   368  C CG  . LYS A 1 49  ? -2.115  -7.740  9.372   1.00 13.18 ? 49  LYS A CG  1 
ATOM   369  C CD  . LYS A 1 49  ? -2.655  -9.123  9.784   1.00 13.37 ? 49  LYS A CD  1 
ATOM   370  C CE  . LYS A 1 49  ? -3.025  -9.166  11.280  1.00 14.00 ? 49  LYS A CE  1 
ATOM   371  N NZ  . LYS A 1 49  ? -3.558  -10.557 11.600  1.00 15.32 ? 49  LYS A NZ  1 
ATOM   372  N N   . GLY A 1 50  ? 1.513   -6.663  7.702   1.00 11.20 ? 50  GLY A N   1 
ATOM   373  C CA  . GLY A 1 50  ? 2.832   -6.850  7.134   1.00 11.69 ? 50  GLY A CA  1 
ATOM   374  C C   . GLY A 1 50  ? 3.911   -6.886  8.221   1.00 13.66 ? 50  GLY A C   1 
ATOM   375  O O   . GLY A 1 50  ? 3.864   -7.709  9.144   1.00 13.84 ? 50  GLY A O   1 
ATOM   376  N N   . TRP A 1 51  ? 4.958   -6.098  7.926   1.00 13.78 ? 51  TRP A N   1 
ATOM   377  C CA  . TRP A 1 51  ? 6.219   -6.206  8.664   1.00 13.65 ? 51  TRP A CA  1 
ATOM   378  C C   . TRP A 1 51  ? 6.706   -4.838  9.144   1.00 15.05 ? 51  TRP A C   1 
ATOM   379  O O   . TRP A 1 51  ? 6.388   -3.811  8.533   1.00 14.75 ? 51  TRP A O   1 
ATOM   380  C CB  . TRP A 1 51  ? 7.297   -6.864  7.712   1.00 13.32 ? 51  TRP A CB  1 
ATOM   381  C CG  . TRP A 1 51  ? 6.803   -8.217  7.272   1.00 14.59 ? 51  TRP A CG  1 
ATOM   382  C CD1 . TRP A 1 51  ? 7.046   -9.381  7.923   1.00 17.02 ? 51  TRP A CD1 1 
ATOM   383  C CD2 . TRP A 1 51  ? 5.950   -8.551  6.167   1.00 15.32 ? 51  TRP A CD2 1 
ATOM   384  N NE1 . TRP A 1 51  ? 6.373   -10.438 7.362   1.00 17.27 ? 51  TRP A NE1 1 
ATOM   385  C CE2 . TRP A 1 51  ? 5.692   -9.947  6.253   1.00 16.77 ? 51  TRP A CE2 1 
ATOM   386  C CE3 . TRP A 1 51  ? 5.378   -7.801  5.122   1.00 14.55 ? 51  TRP A CE3 1 
ATOM   387  C CZ2 . TRP A 1 51  ? 4.885   -10.614 5.343   1.00 17.22 ? 51  TRP A CZ2 1 
ATOM   388  C CZ3 . TRP A 1 51  ? 4.554   -8.478  4.231   1.00 14.31 ? 51  TRP A CZ3 1 
ATOM   389  C CH2 . TRP A 1 51  ? 4.337   -9.867  4.313   1.00 17.17 ? 51  TRP A CH2 1 
ATOM   390  N N   . ASN A 1 52  ? 7.589   -4.832  10.158  1.00 14.21 ? 52  ASN A N   1 
ATOM   391  C CA  . ASN A 1 52  ? 8.297   -3.591  10.515  1.00 15.17 ? 52  ASN A CA  1 
ATOM   392  C C   . ASN A 1 52  ? 9.624   -4.035  11.193  1.00 17.61 ? 52  ASN A C   1 
ATOM   393  O O   . ASN A 1 52  ? 9.556   -4.667  12.257  1.00 17.24 ? 52  ASN A O   1 
ATOM   394  C CB  . ASN A 1 52  ? 7.416   -2.874  11.532  1.00 17.30 ? 52  ASN A CB  1 
ATOM   395  C CG  . ASN A 1 52  ? 7.926   -1.502  11.922  1.00 21.91 ? 52  ASN A CG  1 
ATOM   396  O OD1 . ASN A 1 52  ? 8.954   -1.127  11.387  1.00 21.98 ? 52  ASN A OD1 1 
ATOM   397  N ND2 . ASN A 1 52  ? 7.240   -0.807  12.839  1.00 25.40 ? 52  ASN A ND2 1 
ATOM   398  N N   . PRO A 1 53  ? 10.745  -3.757  10.571  1.00 16.71 ? 53  PRO A N   1 
ATOM   399  C CA  . PRO A 1 53  ? 10.891  -2.919  9.405   1.00 14.53 ? 53  PRO A CA  1 
ATOM   400  C C   . PRO A 1 53  ? 10.683  -3.642  8.078   1.00 15.46 ? 53  PRO A C   1 
ATOM   401  O O   . PRO A 1 53  ? 10.805  -4.874  7.936   1.00 16.19 ? 53  PRO A O   1 
ATOM   402  C CB  . PRO A 1 53  ? 12.369  -2.448  9.513   1.00 16.34 ? 53  PRO A CB  1 
ATOM   403  C CG  . PRO A 1 53  ? 13.054  -3.701  10.061  1.00 18.75 ? 53  PRO A CG  1 
ATOM   404  C CD  . PRO A 1 53  ? 12.080  -4.148  11.172  1.00 17.53 ? 53  PRO A CD  1 
ATOM   405  N N   . GLY A 1 54  ? 10.403  -2.786  7.066   1.00 12.12 ? 54  GLY A N   1 
ATOM   406  C CA  . GLY A 1 54  ? 10.342  -3.283  5.690   1.00 13.35 ? 54  GLY A CA  1 
ATOM   407  C C   . GLY A 1 54  ? 11.801  -3.588  5.233   1.00 14.48 ? 54  GLY A C   1 
ATOM   408  O O   . GLY A 1 54  ? 12.756  -3.157  5.916   1.00 17.42 ? 54  GLY A O   1 
ATOM   409  N N   . LEU A 1 55  ? 11.883  -4.276  4.105   1.00 16.85 ? 55  LEU A N   1 
ATOM   410  C CA  . LEU A 1 55  ? 13.168  -4.512  3.443   1.00 18.00 ? 55  LEU A CA  1 
ATOM   411  C C   . LEU A 1 55  ? 13.100  -4.077  1.981   1.00 17.91 ? 55  LEU A C   1 
ATOM   412  O O   . LEU A 1 55  ? 12.002  -4.132  1.435   1.00 18.92 ? 55  LEU A O   1 
ATOM   413  C CB  . LEU A 1 55  ? 13.450  -6.029  3.382   1.00 17.41 ? 55  LEU A CB  1 
ATOM   414  C CG  . LEU A 1 55  ? 13.487  -6.800  4.703   1.00 21.41 ? 55  LEU A CG  1 
ATOM   415  C CD1 . LEU A 1 55  ? 13.624  -8.290  4.457   1.00 22.34 ? 55  LEU A CD1 1 
ATOM   416  C CD2 . LEU A 1 55  ? 14.639  -6.303  5.560   1.00 22.26 ? 55  LEU A CD2 1 
ATOM   417  N N   . ASN A 1 56  ? 14.182  -3.667  1.312   1.00 18.19 ? 56  ASN A N   1 
ATOM   418  C CA  . ASN A 1 56  ? 14.170  -3.339  -0.094  1.00 19.96 ? 56  ASN A CA  1 
ATOM   419  C C   . ASN A 1 56  ? 13.818  -4.595  -0.914  1.00 19.33 ? 56  ASN A C   1 
ATOM   420  O O   . ASN A 1 56  ? 13.066  -4.444  -1.893  1.00 19.67 ? 56  ASN A O   1 
ATOM   421  C CB  . ASN A 1 56  ? 15.551  -2.834  -0.578  1.00 22.16 ? 56  ASN A CB  1 
ATOM   422  C CG  . ASN A 1 56  ? 15.682  -1.332  -0.455  1.00 26.35 ? 56  ASN A CG  1 
ATOM   423  O OD1 . ASN A 1 56  ? 14.894  -0.674  0.229   1.00 27.76 ? 56  ASN A OD1 1 
ATOM   424  N ND2 . ASN A 1 56  ? 16.642  -0.680  -1.151  1.00 25.70 ? 56  ASN A ND2 1 
ATOM   425  N N   . ALA A 1 57  ? 14.203  -5.777  -0.441  1.00 19.28 ? 57  ALA A N   1 
ATOM   426  C CA  . ALA A 1 57  ? 13.897  -6.997  -1.168  1.00 19.87 ? 57  ALA A CA  1 
ATOM   427  C C   . ALA A 1 57  ? 13.255  -8.050  -0.284  1.00 21.85 ? 57  ALA A C   1 
ATOM   428  O O   . ALA A 1 57  ? 13.882  -8.742  0.527   1.00 24.01 ? 57  ALA A O   1 
ATOM   429  C CB  . ALA A 1 57  ? 15.218  -7.585  -1.756  1.00 20.10 ? 57  ALA A CB  1 
ATOM   430  N N   . ARG A 1 58  ? 11.929  -8.038  -0.236  1.00 17.86 ? 58  ARG A N   1 
ATOM   431  C CA  . ARG A 1 58  ? 11.149  -9.074  0.474   1.00 17.64 ? 58  ARG A CA  1 
ATOM   432  C C   . ARG A 1 58  ? 10.244  -9.725  -0.563  1.00 16.96 ? 58  ARG A C   1 
ATOM   433  O O   . ARG A 1 58  ? 9.687   -8.998  -1.425  1.00 17.65 ? 58  ARG A O   1 
ATOM   434  C CB  . ARG A 1 58  ? 10.330  -8.399  1.584   1.00 14.70 ? 58  ARG A CB  1 
ATOM   435  C CG  . ARG A 1 58  ? 9.616   -9.422  2.453   1.00 15.29 ? 58  ARG A CG  1 
ATOM   436  C CD  . ARG A 1 58  ? 8.693   -8.926  3.528   1.00 18.61 ? 58  ARG A CD  1 
ATOM   437  N NE  . ARG A 1 58  ? 9.252   -7.936  4.397   1.00 22.69 ? 58  ARG A NE  1 
ATOM   438  C CZ  . ARG A 1 58  ? 9.885   -8.216  5.523   1.00 21.79 ? 58  ARG A CZ  1 
ATOM   439  N NH1 . ARG A 1 58  ? 10.021  -9.469  5.891   1.00 21.75 ? 58  ARG A NH1 1 
ATOM   440  N NH2 . ARG A 1 58  ? 10.310  -7.203  6.255   1.00 24.10 ? 58  ARG A NH2 1 
ATOM   441  N N   . ALA A 1 59  ? 10.014  -11.047 -0.491  1.00 16.45 ? 59  ALA A N   1 
ATOM   442  C CA  . ALA A 1 59  ? 9.065   -11.708 -1.399  1.00 15.85 ? 59  ALA A CA  1 
ATOM   443  C C   . ALA A 1 59  ? 7.770   -11.871 -0.612  1.00 17.06 ? 59  ALA A C   1 
ATOM   444  O O   . ALA A 1 59  ? 7.722   -12.535 0.413   1.00 16.66 ? 59  ALA A O   1 
ATOM   445  C CB  . ALA A 1 59  ? 9.567   -13.093 -1.849  1.00 16.35 ? 59  ALA A CB  1 
ATOM   446  N N   . ILE A 1 60  ? 6.728   -11.142 -1.053  1.00 13.79 ? 60  ILE A N   1 
ATOM   447  C CA  . ILE A 1 60  ? 5.489   -11.073 -0.290  1.00 14.14 ? 60  ILE A CA  1 
ATOM   448  C C   . ILE A 1 60  ? 4.386   -11.797 -1.049  1.00 16.25 ? 60  ILE A C   1 
ATOM   449  O O   . ILE A 1 60  ? 4.114   -11.396 -2.210  1.00 17.25 ? 60  ILE A O   1 
ATOM   450  C CB  . ILE A 1 60  ? 5.068   -9.588  -0.185  1.00 15.78 ? 60  ILE A CB  1 
ATOM   451  C CG1 . ILE A 1 60  ? 6.093   -8.866  0.712   1.00 17.19 ? 60  ILE A CG1 1 
ATOM   452  C CG2 . ILE A 1 60  ? 3.640   -9.428  0.352   1.00 16.41 ? 60  ILE A CG2 1 
ATOM   453  C CD1 . ILE A 1 60  ? 5.905   -7.341  0.883   1.00 16.95 ? 60  ILE A CD1 1 
ATOM   454  N N   . HIS A 1 61  ? 3.703   -12.774 -0.481  1.00 15.73 ? 61  HIS A N   1 
ATOM   455  C CA  . HIS A 1 61  ? 2.550   -13.389 -1.117  1.00 14.49 ? 61  HIS A CA  1 
ATOM   456  C C   . HIS A 1 61  ? 1.278   -12.794 -0.480  1.00 15.63 ? 61  HIS A C   1 
ATOM   457  O O   . HIS A 1 61  ? 1.202   -12.476 0.708   1.00 15.72 ? 61  HIS A O   1 
ATOM   458  C CB  . HIS A 1 61  ? 2.530   -14.916 -0.836  1.00 14.70 ? 61  HIS A CB  1 
ATOM   459  C CG  . HIS A 1 61  ? 1.443   -15.614 -1.541  1.00 16.27 ? 61  HIS A CG  1 
ATOM   460  N ND1 . HIS A 1 61  ? 0.235   -15.978 -0.956  1.00 17.54 ? 61  HIS A ND1 1 
ATOM   461  C CD2 . HIS A 1 61  ? 1.372   -16.037 -2.807  1.00 19.76 ? 61  HIS A CD2 1 
ATOM   462  C CE1 . HIS A 1 61  ? -0.542  -16.533 -1.858  1.00 16.00 ? 61  HIS A CE1 1 
ATOM   463  N NE2 . HIS A 1 61  ? 0.111   -16.590 -3.007  1.00 18.58 ? 61  HIS A NE2 1 
ATOM   464  N N   . PHE A 1 62  ? 0.243   -12.609 -1.309  1.00 14.60 ? 62  PHE A N   1 
ATOM   465  C CA  . PHE A 1 62  ? -1.048  -12.210 -0.805  1.00 13.17 ? 62  PHE A CA  1 
ATOM   466  C C   . PHE A 1 62  ? -2.146  -12.934 -1.563  1.00 12.76 ? 62  PHE A C   1 
ATOM   467  O O   . PHE A 1 62  ? -1.982  -13.369 -2.700  1.00 15.51 ? 62  PHE A O   1 
ATOM   468  C CB  . PHE A 1 62  ? -1.263  -10.671 -0.968  1.00 15.21 ? 62  PHE A CB  1 
ATOM   469  C CG  . PHE A 1 62  ? -1.296  -10.185 -2.398  1.00 15.40 ? 62  PHE A CG  1 
ATOM   470  C CD1 . PHE A 1 62  ? -0.129  -10.018 -3.137  1.00 19.44 ? 62  PHE A CD1 1 
ATOM   471  C CD2 . PHE A 1 62  ? -2.519  -9.845  -2.998  1.00 15.62 ? 62  PHE A CD2 1 
ATOM   472  C CE1 . PHE A 1 62  ? -0.167  -9.605  -4.467  1.00 19.58 ? 62  PHE A CE1 1 
ATOM   473  C CE2 . PHE A 1 62  ? -2.542  -9.395  -4.304  1.00 16.37 ? 62  PHE A CE2 1 
ATOM   474  C CZ  . PHE A 1 62  ? -1.395  -9.295  -5.044  1.00 18.85 ? 62  PHE A CZ  1 
ATOM   475  N N   . THR A 1 63  ? -3.293  -13.104 -0.904  1.00 14.25 ? 63  THR A N   1 
ATOM   476  C CA  . THR A 1 63  ? -4.467  -13.684 -1.549  1.00 15.60 ? 63  THR A CA  1 
ATOM   477  C C   . THR A 1 63  ? -5.726  -13.261 -0.818  1.00 16.35 ? 63  THR A C   1 
ATOM   478  O O   . THR A 1 63  ? -5.665  -12.810 0.314   1.00 16.92 ? 63  THR A O   1 
ATOM   479  C CB  . THR A 1 63  ? -4.445  -15.247 -1.524  1.00 17.46 ? 63  THR A CB  1 
ATOM   480  O OG1 . THR A 1 63  ? -5.487  -15.757 -2.341  1.00 30.91 ? 63  THR A OG1 1 
ATOM   481  C CG2 . THR A 1 63  ? -4.837  -15.756 -0.100  1.00 23.70 ? 63  THR A CG2 1 
ATOM   482  N N   . GLY A 1 64  ? -6.886  -13.472 -1.470  1.00 17.14 ? 64  GLY A N   1 
ATOM   483  C CA  . GLY A 1 64  ? -8.118  -13.177 -0.718  1.00 16.19 ? 64  GLY A CA  1 
ATOM   484  C C   . GLY A 1 64  ? -9.239  -12.623 -1.602  1.00 17.41 ? 64  GLY A C   1 
ATOM   485  O O   . GLY A 1 64  ? -9.259  -12.949 -2.776  1.00 20.11 ? 64  GLY A O   1 
ATOM   486  N N   . VAL A 1 65  ? -10.090 -11.809 -1.023  1.00 14.56 ? 65  VAL A N   1 
ATOM   487  C CA  . VAL A 1 65  ? -11.268 -11.240 -1.694  1.00 15.18 ? 65  VAL A CA  1 
ATOM   488  C C   . VAL A 1 65  ? -11.157 -9.723  -1.689  1.00 15.47 ? 65  VAL A C   1 
ATOM   489  O O   . VAL A 1 65  ? -10.903 -9.122  -0.649  1.00 17.72 ? 65  VAL A O   1 
ATOM   490  C CB  . VAL A 1 65  ? -12.515 -11.616 -0.864  1.00 15.37 ? 65  VAL A CB  1 
ATOM   491  C CG1 . VAL A 1 65  ? -13.735 -10.872 -1.459  1.00 16.79 ? 65  VAL A CG1 1 
ATOM   492  C CG2 . VAL A 1 65  ? -12.762 -13.125 -0.959  1.00 18.83 ? 65  VAL A CG2 1 
ATOM   493  N N   . TYR A 1 66  ? -11.274 -9.108  -2.872  1.00 14.60 ? 66  TYR A N   1 
ATOM   494  C CA  . TYR A 1 66  ? -11.084 -7.651  -2.989  1.00 14.62 ? 66  TYR A CA  1 
ATOM   495  C C   . TYR A 1 66  ? -12.233 -7.122  -3.859  1.00 15.52 ? 66  TYR A C   1 
ATOM   496  O O   . TYR A 1 66  ? -12.260 -7.390  -5.066  1.00 18.00 ? 66  TYR A O   1 
ATOM   497  C CB  . TYR A 1 66  ? -9.715  -7.355  -3.646  1.00 14.57 ? 66  TYR A CB  1 
ATOM   498  C CG  . TYR A 1 66  ? -9.493  -5.859  -3.868  1.00 15.28 ? 66  TYR A CG  1 
ATOM   499  C CD1 . TYR A 1 66  ? -9.470  -4.914  -2.855  1.00 17.02 ? 66  TYR A CD1 1 
ATOM   500  C CD2 . TYR A 1 66  ? -9.293  -5.398  -5.159  1.00 17.05 ? 66  TYR A CD2 1 
ATOM   501  C CE1 . TYR A 1 66  ? -9.255  -3.556  -3.136  1.00 16.94 ? 66  TYR A CE1 1 
ATOM   502  C CE2 . TYR A 1 66  ? -9.097  -4.056  -5.456  1.00 16.70 ? 66  TYR A CE2 1 
ATOM   503  C CZ  . TYR A 1 66  ? -9.102  -3.143  -4.462  1.00 16.82 ? 66  TYR A CZ  1 
ATOM   504  O OH  . TYR A 1 66  ? -8.922  -1.790  -4.739  1.00 19.64 ? 66  TYR A OH  1 
ATOM   505  N N   . GLN A 1 67  ? -13.181 -6.432  -3.227  1.00 15.88 ? 67  GLN A N   1 
ATOM   506  C CA  . GLN A 1 67  ? -14.368 -5.973  -3.938  1.00 18.39 ? 67  GLN A CA  1 
ATOM   507  C C   . GLN A 1 67  ? -14.691 -4.508  -3.706  1.00 18.18 ? 67  GLN A C   1 
ATOM   508  O O   . GLN A 1 67  ? -15.607 -4.160  -2.933  1.00 19.71 ? 67  GLN A O   1 
ATOM   509  C CB  . GLN A 1 67  ? -15.596 -6.796  -3.430  1.00 17.98 ? 67  GLN A CB  1 
ATOM   510  C CG  . GLN A 1 67  ? -15.642 -8.205  -3.987  1.00 17.90 ? 67  GLN A CG  1 
ATOM   511  C CD  . GLN A 1 67  ? -16.863 -9.037  -3.543  1.00 18.29 ? 67  GLN A CD  1 
ATOM   512  O OE1 . GLN A 1 67  ? -17.341 -8.756  -2.439  1.00 18.81 ? 67  GLN A OE1 1 
ATOM   513  N NE2 . GLN A 1 67  ? -17.172 -9.926  -4.456  1.00 16.48 ? 67  GLN A NE2 1 
ATOM   514  N N   . PRO A 1 68  ? -13.978 -3.599  -4.355  1.00 19.21 ? 68  PRO A N   1 
ATOM   515  C CA  . PRO A 1 68  ? -14.262 -2.169  -4.338  1.00 18.92 ? 68  PRO A CA  1 
ATOM   516  C C   . PRO A 1 68  ? -15.479 -1.830  -5.192  1.00 20.09 ? 68  PRO A C   1 
ATOM   517  O O   . PRO A 1 68  ? -15.655 -2.415  -6.239  1.00 22.51 ? 68  PRO A O   1 
ATOM   518  C CB  . PRO A 1 68  ? -12.980 -1.589  -4.982  1.00 18.08 ? 68  PRO A CB  1 
ATOM   519  C CG  . PRO A 1 68  ? -12.583 -2.597  -5.981  1.00 19.69 ? 68  PRO A CG  1 
ATOM   520  C CD  . PRO A 1 68  ? -12.868 -3.919  -5.289  1.00 19.62 ? 68  PRO A CD  1 
ATOM   521  N N   . ASN A 1 69  ? -16.315 -0.908  -4.727  1.00 21.64 ? 69  ASN A N   1 
ATOM   522  C CA  . ASN A 1 69  ? -17.463 -0.407  -5.489  1.00 24.69 ? 69  ASN A CA  1 
ATOM   523  C C   . ASN A 1 69  ? -17.082 0.873   -6.222  1.00 27.64 ? 69  ASN A C   1 
ATOM   524  O O   . ASN A 1 69  ? -17.797 1.252   -7.178  1.00 30.10 ? 69  ASN A O   1 
ATOM   525  C CB  . ASN A 1 69  ? -18.628 -0.130  -4.537  1.00 27.46 ? 69  ASN A CB  1 
ATOM   526  C CG  . ASN A 1 69  ? -19.387 -1.392  -4.155  1.00 32.62 ? 69  ASN A CG  1 
ATOM   527  O OD1 . ASN A 1 69  ? -19.556 -2.298  -4.983  1.00 36.07 ? 69  ASN A OD1 1 
ATOM   528  N ND2 . ASN A 1 69  ? -19.822 -1.525  -2.912  1.00 34.99 ? 69  ASN A ND2 1 
ATOM   529  N N   . GLY A 1 70  ? -15.959 1.499   -5.886  1.00 24.99 ? 70  GLY A N   1 
ATOM   530  C CA  . GLY A 1 70  ? -15.490 2.714   -6.526  1.00 24.94 ? 70  GLY A CA  1 
ATOM   531  C C   . GLY A 1 70  ? -13.971 2.937   -6.477  1.00 25.76 ? 70  GLY A C   1 
ATOM   532  O O   . GLY A 1 70  ? -13.246 2.028   -6.909  1.00 28.54 ? 70  GLY A O   1 
ATOM   533  N N   . THR A 1 71  ? -13.520 4.097   -6.094  1.00 23.76 ? 71  THR A N   1 
ATOM   534  C CA  . THR A 1 71  ? -12.073 4.425   -6.067  1.00 22.69 ? 71  THR A CA  1 
ATOM   535  C C   . THR A 1 71  ? -11.436 3.711   -4.852  1.00 21.59 ? 71  THR A C   1 
ATOM   536  O O   . THR A 1 71  ? -11.923 3.852   -3.724  1.00 20.06 ? 71  THR A O   1 
ATOM   537  C CB  . THR A 1 71  ? -11.821 5.938   -5.915  1.00 26.15 ? 71  THR A CB  1 
ATOM   538  O OG1 . THR A 1 71  ? -12.431 6.656   -6.999  1.00 34.10 ? 71  THR A OG1 1 
ATOM   539  C CG2 . THR A 1 71  ? -10.308 6.222   -6.028  1.00 26.69 ? 71  THR A CG2 1 
ATOM   540  N N   . SER A 1 72  ? -10.416 2.914   -5.162  1.00 18.37 ? 72  SER A N   1 
ATOM   541  C CA  . SER A 1 72  ? -9.781  2.101   -4.092  1.00 16.01 ? 72  SER A CA  1 
ATOM   542  C C   . SER A 1 72  ? -8.510  1.530   -4.680  1.00 17.15 ? 72  SER A C   1 
ATOM   543  O O   . SER A 1 72  ? -8.359  1.432   -5.921  1.00 18.25 ? 72  SER A O   1 
ATOM   544  C CB  . SER A 1 72  ? -10.804 0.967   -3.838  1.00 16.55 ? 72  SER A CB  1 
ATOM   545  O OG  . SER A 1 72  ? -10.219 -0.138  -3.105  1.00 16.09 ? 72  SER A OG  1 
ATOM   546  N N   . TYR A 1 73  ? -7.557  0.998   -3.889  1.00 16.18 ? 73  TYR A N   1 
ATOM   547  C CA  . TYR A 1 73  ? -6.423  0.272   -4.427  1.00 15.69 ? 73  TYR A CA  1 
ATOM   548  C C   . TYR A 1 73  ? -5.984  -0.854  -3.433  1.00 15.08 ? 73  TYR A C   1 
ATOM   549  O O   . TYR A 1 73  ? -6.349  -0.782  -2.290  1.00 14.92 ? 73  TYR A O   1 
ATOM   550  C CB  . TYR A 1 73  ? -5.199  1.162   -4.746  1.00 17.21 ? 73  TYR A CB  1 
ATOM   551  C CG  . TYR A 1 73  ? -4.622  1.983   -3.660  1.00 19.44 ? 73  TYR A CG  1 
ATOM   552  C CD1 . TYR A 1 73  ? -3.877  1.396   -2.650  1.00 23.64 ? 73  TYR A CD1 1 
ATOM   553  C CD2 . TYR A 1 73  ? -4.849  3.382   -3.578  1.00 23.98 ? 73  TYR A CD2 1 
ATOM   554  C CE1 . TYR A 1 73  ? -3.327  2.113   -1.583  1.00 26.61 ? 73  TYR A CE1 1 
ATOM   555  C CE2 . TYR A 1 73  ? -4.293  4.098   -2.530  1.00 26.27 ? 73  TYR A CE2 1 
ATOM   556  C CZ  . TYR A 1 73  ? -3.559  3.469   -1.561  1.00 27.31 ? 73  TYR A CZ  1 
ATOM   557  O OH  . TYR A 1 73  ? -3.053  4.161   -0.478  1.00 32.77 ? 73  TYR A OH  1 
ATOM   558  N N   . LEU A 1 74  ? -5.244  -1.796  -3.953  1.00 12.44 ? 74  LEU A N   1 
ATOM   559  C CA  . LEU A 1 74  ? -4.648  -2.899  -3.177  1.00 13.59 ? 74  LEU A CA  1 
ATOM   560  C C   . LEU A 1 74  ? -3.166  -2.809  -3.492  1.00 14.30 ? 74  LEU A C   1 
ATOM   561  O O   . LEU A 1 74  ? -2.797  -2.901  -4.693  1.00 13.84 ? 74  LEU A O   1 
ATOM   562  C CB  . LEU A 1 74  ? -5.274  -4.216  -3.657  1.00 15.55 ? 74  LEU A CB  1 
ATOM   563  C CG  . LEU A 1 74  ? -4.725  -5.469  -2.968  1.00 14.40 ? 74  LEU A CG  1 
ATOM   564  C CD1 . LEU A 1 74  ? -4.967  -5.474  -1.461  1.00 18.83 ? 74  LEU A CD1 1 
ATOM   565  C CD2 . LEU A 1 74  ? -5.305  -6.732  -3.579  1.00 19.37 ? 74  LEU A CD2 1 
ATOM   566  N N   . SER A 1 75  ? -2.293  -2.538  -2.514  1.00 15.08 ? 75  SER A N   1 
ATOM   567  C CA  . SER A 1 75  ? -0.887  -2.394  -2.862  1.00 15.02 ? 75  SER A CA  1 
ATOM   568  C C   . SER A 1 75  ? 0.069   -2.738  -1.730  1.00 14.52 ? 75  SER A C   1 
ATOM   569  O O   . SER A 1 75  ? -0.336  -2.659  -0.557  1.00 15.60 ? 75  SER A O   1 
ATOM   570  C CB  . SER A 1 75  ? -0.661  -0.877  -3.111  1.00 18.23 ? 75  SER A CB  1 
ATOM   571  O OG  . SER A 1 75  ? -1.036  -0.136  -1.993  1.00 31.89 ? 75  SER A OG  1 
ATOM   572  N N   . VAL A 1 76  ? 1.300   -3.078  -2.127  1.00 12.30 ? 76  VAL A N   1 
ATOM   573  C CA  . VAL A 1 76  ? 2.371   -3.141  -1.118  1.00 12.37 ? 76  VAL A CA  1 
ATOM   574  C C   . VAL A 1 76  ? 2.727   -1.696  -0.815  1.00 14.47 ? 76  VAL A C   1 
ATOM   575  O O   . VAL A 1 76  ? 2.910   -0.914  -1.763  1.00 15.13 ? 76  VAL A O   1 
ATOM   576  C CB  . VAL A 1 76  ? 3.586   -3.899  -1.676  1.00 12.22 ? 76  VAL A CB  1 
ATOM   577  C CG1 . VAL A 1 76  ? 4.688   -3.868  -0.597  1.00 15.36 ? 76  VAL A CG1 1 
ATOM   578  C CG2 . VAL A 1 76  ? 3.158   -5.332  -1.962  1.00 13.59 ? 76  VAL A CG2 1 
ATOM   579  N N   . TYR A 1 77  ? 2.664   -1.304  0.432   1.00 12.80 ? 77  TYR A N   1 
ATOM   580  C CA  . TYR A 1 77  ? 2.705   0.106   0.848   1.00 13.32 ? 77  TYR A CA  1 
ATOM   581  C C   . TYR A 1 77  ? 3.605   0.274   2.030   1.00 14.63 ? 77  TYR A C   1 
ATOM   582  O O   . TYR A 1 77  ? 3.610   -0.541  2.969   1.00 13.78 ? 77  TYR A O   1 
ATOM   583  C CB  . TYR A 1 77  ? 1.246   0.507   1.217   1.00 12.50 ? 77  TYR A CB  1 
ATOM   584  C CG  . TYR A 1 77  ? 1.077   1.845   1.892   1.00 16.14 ? 77  TYR A CG  1 
ATOM   585  C CD1 . TYR A 1 77  ? 1.177   2.999   1.079   1.00 15.64 ? 77  TYR A CD1 1 
ATOM   586  C CD2 . TYR A 1 77  ? 0.829   1.992   3.253   1.00 16.92 ? 77  TYR A CD2 1 
ATOM   587  C CE1 . TYR A 1 77  ? 1.031   4.238   1.684   1.00 17.51 ? 77  TYR A CE1 1 
ATOM   588  C CE2 . TYR A 1 77  ? 0.758   3.251   3.839   1.00 18.02 ? 77  TYR A CE2 1 
ATOM   589  C CZ  . TYR A 1 77  ? 0.876   4.364   3.039   1.00 18.51 ? 77  TYR A CZ  1 
ATOM   590  O OH  . TYR A 1 77  ? 0.736   5.630   3.614   1.00 19.26 ? 77  TYR A OH  1 
ATOM   591  N N   . GLY A 1 78  ? 4.382   1.388   2.070   1.00 13.56 ? 78  GLY A N   1 
ATOM   592  C CA  . GLY A 1 78  ? 5.205   1.608   3.247   1.00 12.51 ? 78  GLY A CA  1 
ATOM   593  C C   . GLY A 1 78  ? 5.967   2.926   3.203   1.00 13.47 ? 78  GLY A C   1 
ATOM   594  O O   . GLY A 1 78  ? 5.732   3.706   2.274   1.00 14.65 ? 78  GLY A O   1 
ATOM   595  N N   . TRP A 1 79  ? 6.875   3.114   4.116   1.00 12.33 ? 79  TRP A N   1 
ATOM   596  C CA  . TRP A 1 79  ? 7.597   4.398   4.212   1.00 13.19 ? 79  TRP A CA  1 
ATOM   597  C C   . TRP A 1 79  ? 9.073   4.105   4.488   1.00 14.68 ? 79  TRP A C   1 
ATOM   598  O O   . TRP A 1 79  ? 9.440   3.141   5.183   1.00 15.88 ? 79  TRP A O   1 
ATOM   599  C CB  . TRP A 1 79  ? 7.063   5.161   5.455   1.00 13.94 ? 79  TRP A CB  1 
ATOM   600  C CG  . TRP A 1 79  ? 5.685   5.740   5.315   1.00 16.75 ? 79  TRP A CG  1 
ATOM   601  C CD1 . TRP A 1 79  ? 4.475   5.063   5.479   1.00 17.87 ? 79  TRP A CD1 1 
ATOM   602  C CD2 . TRP A 1 79  ? 5.334   7.089   5.007   1.00 17.54 ? 79  TRP A CD2 1 
ATOM   603  N NE1 . TRP A 1 79  ? 3.427   5.941   5.245   1.00 18.12 ? 79  TRP A NE1 1 
ATOM   604  C CE2 . TRP A 1 79  ? 3.940   7.200   4.977   1.00 18.59 ? 79  TRP A CE2 1 
ATOM   605  C CE3 . TRP A 1 79  ? 6.108   8.224   4.724   1.00 18.90 ? 79  TRP A CE3 1 
ATOM   606  C CZ2 . TRP A 1 79  ? 3.277   8.392   4.680   1.00 19.92 ? 79  TRP A CZ2 1 
ATOM   607  C CZ3 . TRP A 1 79  ? 5.446   9.426   4.454   1.00 20.03 ? 79  TRP A CZ3 1 
ATOM   608  C CH2 . TRP A 1 79  ? 4.040   9.493   4.420   1.00 20.74 ? 79  TRP A CH2 1 
ATOM   609  N N   . THR A 1 80  ? 9.885   5.074   4.026   1.00 14.92 ? 80  THR A N   1 
ATOM   610  C CA  . THR A 1 80  ? 11.256  5.154   4.562   1.00 14.71 ? 80  THR A CA  1 
ATOM   611  C C   . THR A 1 80  ? 11.429  6.566   5.139   1.00 15.25 ? 80  THR A C   1 
ATOM   612  O O   . THR A 1 80  ? 10.668  7.482   4.858   1.00 14.62 ? 80  THR A O   1 
ATOM   613  C CB  . THR A 1 80  ? 12.412  4.930   3.569   1.00 15.70 ? 80  THR A CB  1 
ATOM   614  O OG1 . THR A 1 80  ? 12.413  5.974   2.535   1.00 16.68 ? 80  THR A OG1 1 
ATOM   615  C CG2 . THR A 1 80  ? 12.204  3.622   2.823   1.00 17.03 ? 80  THR A CG2 1 
ATOM   616  N N   . ARG A 1 81  ? 12.460  6.748   5.963   1.00 16.45 ? 81  ARG A N   1 
ATOM   617  C CA  . ARG A 1 81  ? 12.921  7.997   6.528   1.00 17.19 ? 81  ARG A CA  1 
ATOM   618  C C   . ARG A 1 81  ? 14.375  8.215   6.098   1.00 16.48 ? 81  ARG A C   1 
ATOM   619  O O   . ARG A 1 81  ? 15.107  7.276   5.796   1.00 16.63 ? 81  ARG A O   1 
ATOM   620  C CB  . ARG A 1 81  ? 12.901  8.066   8.073   1.00 20.73 ? 81  ARG A CB  1 
ATOM   621  C CG  . ARG A 1 81  ? 11.476  7.936   8.651   1.00 23.76 ? 81  ARG A CG  1 
ATOM   622  C CD  . ARG A 1 81  ? 11.543  8.180   10.151  1.00 27.49 ? 81  ARG A CD  1 
ATOM   623  N NE  . ARG A 1 81  ? 10.245  8.269   10.831  1.00 28.76 ? 81  ARG A NE  1 
ATOM   624  C CZ  . ARG A 1 81  ? 9.729   7.241   11.522  1.00 31.84 ? 81  ARG A CZ  1 
ATOM   625  N NH1 . ARG A 1 81  ? 10.315  6.042   11.629  1.00 30.19 ? 81  ARG A NH1 1 
ATOM   626  N NH2 . ARG A 1 81  ? 8.540   7.436   12.117  1.00 32.27 ? 81  ARG A NH2 1 
ATOM   627  N N   . ASN A 1 82  ? 14.769  9.490   5.883   1.00 15.63 ? 82  ASN A N   1 
ATOM   628  C CA  . ASN A 1 82  ? 16.112  9.820   5.416   1.00 19.60 ? 82  ASN A CA  1 
ATOM   629  C C   . ASN A 1 82  ? 16.576  9.138   4.137   1.00 18.74 ? 82  ASN A C   1 
ATOM   630  O O   . ASN A 1 82  ? 17.562  8.371   4.136   1.00 18.49 ? 82  ASN A O   1 
ATOM   631  C CB  . ASN A 1 82  ? 17.158  9.484   6.497   1.00 23.84 ? 82  ASN A CB  1 
ATOM   632  C CG  . ASN A 1 82  ? 17.085  10.424  7.682   1.00 27.80 ? 82  ASN A CG  1 
ATOM   633  O OD1 . ASN A 1 82  ? 16.790  9.952   8.776   1.00 30.67 ? 82  ASN A OD1 1 
ATOM   634  N ND2 . ASN A 1 82  ? 17.308  11.722  7.457   1.00 29.48 ? 82  ASN A ND2 1 
ATOM   635  N N   . PRO A 1 83  ? 15.854  9.330   3.041   1.00 17.55 ? 83  PRO A N   1 
ATOM   636  C CA  . PRO A 1 83  ? 14.847  10.369  2.975   1.00 16.13 ? 83  PRO A CA  1 
ATOM   637  C C   . PRO A 1 83  ? 13.369  9.974   3.214   1.00 16.48 ? 83  PRO A C   1 
ATOM   638  O O   . PRO A 1 83  ? 13.093  8.779   3.194   1.00 16.90 ? 83  PRO A O   1 
ATOM   639  C CB  . PRO A 1 83  ? 14.988  10.806  1.526   1.00 17.32 ? 83  PRO A CB  1 
ATOM   640  C CG  . PRO A 1 83  ? 15.301  9.537   0.777   1.00 17.37 ? 83  PRO A CG  1 
ATOM   641  C CD  . PRO A 1 83  ? 16.284  8.860   1.700   1.00 17.37 ? 83  PRO A CD  1 
ATOM   642  N N   . LEU A 1 84  ? 12.530  10.946  3.503   1.00 15.29 ? 84  LEU A N   1 
ATOM   643  C CA  . LEU A 1 84  ? 11.082  10.610  3.768   1.00 14.61 ? 84  LEU A CA  1 
ATOM   644  C C   . LEU A 1 84  ? 10.373  10.321  2.464   1.00 13.39 ? 84  LEU A C   1 
ATOM   645  O O   . LEU A 1 84  ? 10.211  11.132  1.496   1.00 15.73 ? 84  LEU A O   1 
ATOM   646  C CB  . LEU A 1 84  ? 10.435  11.802  4.490   1.00 16.60 ? 84  LEU A CB  1 
ATOM   647  C CG  . LEU A 1 84  ? 9.042   11.504  5.117   1.00 18.14 ? 84  LEU A CG  1 
ATOM   648  C CD1 . LEU A 1 84  ? 9.191   10.362  6.134   1.00 18.37 ? 84  LEU A CD1 1 
ATOM   649  C CD2 . LEU A 1 84  ? 8.517   12.742  5.849   1.00 17.71 ? 84  LEU A CD2 1 
ATOM   650  N N   . VAL A 1 85  ? 9.937   9.055   2.312   1.00 14.30 ? 85  VAL A N   1 
ATOM   651  C CA  . VAL A 1 85  ? 9.345   8.501   1.109   1.00 15.57 ? 85  VAL A CA  1 
ATOM   652  C C   . VAL A 1 85  ? 8.125   7.643   1.482   1.00 13.48 ? 85  VAL A C   1 
ATOM   653  O O   . VAL A 1 85  ? 8.262   6.848   2.441   1.00 15.40 ? 85  VAL A O   1 
ATOM   654  C CB  . VAL A 1 85  ? 10.324  7.601   0.311   1.00 16.86 ? 85  VAL A CB  1 
ATOM   655  C CG1 . VAL A 1 85  ? 9.663   6.927   -0.914  1.00 18.35 ? 85  VAL A CG1 1 
ATOM   656  C CG2 . VAL A 1 85  ? 11.487  8.456   -0.232  1.00 19.36 ? 85  VAL A CG2 1 
ATOM   657  N N   . GLU A 1 86  ? 7.021   7.824   0.782   1.00 14.27 ? 86  GLU A N   1 
ATOM   658  C CA  . GLU A 1 86  ? 5.835   6.933   0.885   1.00 13.75 ? 86  GLU A CA  1 
ATOM   659  C C   . GLU A 1 86  ? 5.775   6.170   -0.415  1.00 14.83 ? 86  GLU A C   1 
ATOM   660  O O   . GLU A 1 86  ? 5.848   6.802   -1.504  1.00 15.22 ? 86  GLU A O   1 
ATOM   661  C CB  . GLU A 1 86  ? 4.565   7.809   1.085   1.00 16.48 ? 86  GLU A CB  1 
ATOM   662  C CG  . GLU A 1 86  ? 3.259   6.974   1.109   1.00 17.73 ? 86  GLU A CG  1 
ATOM   663  C CD  . GLU A 1 86  ? 2.028   7.854   1.234   1.00 18.97 ? 86  GLU A CD  1 
ATOM   664  O OE1 . GLU A 1 86  ? 1.891   8.742   0.355   1.00 19.90 ? 86  GLU A OE1 1 
ATOM   665  O OE2 . GLU A 1 86  ? 1.134   7.679   2.081   1.00 19.65 ? 86  GLU A OE2 1 
ATOM   666  N N   . TYR A 1 87  ? 5.796   4.824   -0.481  1.00 13.44 ? 87  TYR A N   1 
ATOM   667  C CA  . TYR A 1 87  ? 5.914   4.084   -1.716  1.00 13.77 ? 87  TYR A CA  1 
ATOM   668  C C   . TYR A 1 87  ? 4.732   3.105   -1.895  1.00 14.26 ? 87  TYR A C   1 
ATOM   669  O O   . TYR A 1 87  ? 4.170   2.704   -0.893  1.00 15.63 ? 87  TYR A O   1 
ATOM   670  C CB  . TYR A 1 87  ? 7.275   3.377   -1.829  1.00 11.49 ? 87  TYR A CB  1 
ATOM   671  C CG  . TYR A 1 87  ? 7.473   2.220   -0.872  1.00 14.04 ? 87  TYR A CG  1 
ATOM   672  C CD1 . TYR A 1 87  ? 6.978   0.948   -1.155  1.00 14.81 ? 87  TYR A CD1 1 
ATOM   673  C CD2 . TYR A 1 87  ? 8.129   2.444   0.348   1.00 15.88 ? 87  TYR A CD2 1 
ATOM   674  C CE1 . TYR A 1 87  ? 7.124   -0.082  -0.202  1.00 14.84 ? 87  TYR A CE1 1 
ATOM   675  C CE2 . TYR A 1 87  ? 8.346   1.407   1.272   1.00 15.32 ? 87  TYR A CE2 1 
ATOM   676  C CZ  . TYR A 1 87  ? 7.802   0.186   0.961   1.00 15.28 ? 87  TYR A CZ  1 
ATOM   677  O OH  . TYR A 1 87  ? 7.978   -0.911  1.821   1.00 16.18 ? 87  TYR A OH  1 
ATOM   678  N N   . TYR A 1 88  ? 4.442   2.868   -3.197  1.00 13.71 ? 88  TYR A N   1 
ATOM   679  C CA  . TYR A 1 88  ? 3.256   2.062   -3.502  1.00 13.08 ? 88  TYR A CA  1 
ATOM   680  C C   . TYR A 1 88  ? 3.599   1.102   -4.630  1.00 16.76 ? 88  TYR A C   1 
ATOM   681  O O   . TYR A 1 88  ? 4.079   1.549   -5.704  1.00 17.64 ? 88  TYR A O   1 
ATOM   682  C CB  . TYR A 1 88  ? 2.095   2.932   -4.062  1.00 15.96 ? 88  TYR A CB  1 
ATOM   683  C CG  . TYR A 1 88  ? 1.584   4.048   -3.204  1.00 16.42 ? 88  TYR A CG  1 
ATOM   684  C CD1 . TYR A 1 88  ? 2.245   5.269   -3.071  1.00 15.77 ? 88  TYR A CD1 1 
ATOM   685  C CD2 . TYR A 1 88  ? 0.381   3.906   -2.554  1.00 17.62 ? 88  TYR A CD2 1 
ATOM   686  C CE1 . TYR A 1 88  ? 1.698   6.310   -2.340  1.00 19.99 ? 88  TYR A CE1 1 
ATOM   687  C CE2 . TYR A 1 88  ? -0.197  4.936   -1.795  1.00 17.11 ? 88  TYR A CE2 1 
ATOM   688  C CZ  . TYR A 1 88  ? 0.501   6.122   -1.681  1.00 19.59 ? 88  TYR A CZ  1 
ATOM   689  O OH  . TYR A 1 88  ? -0.051  7.164   -0.958  1.00 23.73 ? 88  TYR A OH  1 
ATOM   690  N N   . ILE A 1 89  ? 3.321   -0.212  -4.438  1.00 14.11 ? 89  ILE A N   1 
ATOM   691  C CA  . ILE A 1 89  ? 3.453   -1.180  -5.522  1.00 14.61 ? 89  ILE A CA  1 
ATOM   692  C C   . ILE A 1 89  ? 2.006   -1.633  -5.717  1.00 17.07 ? 89  ILE A C   1 
ATOM   693  O O   . ILE A 1 89  ? 1.524   -2.433  -4.927  1.00 14.82 ? 89  ILE A O   1 
ATOM   694  C CB  . ILE A 1 89  ? 4.414   -2.352  -5.245  1.00 13.18 ? 89  ILE A CB  1 
ATOM   695  C CG1 . ILE A 1 89  ? 5.821   -1.823  -4.964  1.00 15.89 ? 89  ILE A CG1 1 
ATOM   696  C CG2 . ILE A 1 89  ? 4.435   -3.251  -6.492  1.00 16.76 ? 89  ILE A CG2 1 
ATOM   697  C CD1 . ILE A 1 89  ? 6.690   -2.854  -4.193  1.00 17.10 ? 89  ILE A CD1 1 
ATOM   698  N N   . VAL A 1 90  ? 1.291   -1.089  -6.713  1.00 14.67 ? 90  VAL A N   1 
ATOM   699  C CA  . VAL A 1 90  ? -0.168  -1.272  -6.808  1.00 13.88 ? 90  VAL A CA  1 
ATOM   700  C C   . VAL A 1 90  ? -0.529  -2.456  -7.691  1.00 15.08 ? 90  VAL A C   1 
ATOM   701  O O   . VAL A 1 90  ? -0.098  -2.536  -8.862  1.00 17.46 ? 90  VAL A O   1 
ATOM   702  C CB  . VAL A 1 90  ? -0.798  0.007   -7.411  1.00 13.80 ? 90  VAL A CB  1 
ATOM   703  C CG1 . VAL A 1 90  ? -2.348  -0.176  -7.366  1.00 17.51 ? 90  VAL A CG1 1 
ATOM   704  C CG2 . VAL A 1 90  ? -0.387  1.246   -6.640  1.00 15.35 ? 90  VAL A CG2 1 
ATOM   705  N N   . GLU A 1 91  ? -1.163  -3.463  -7.016  1.00 13.01 ? 91  GLU A N   1 
ATOM   706  C CA  . GLU A 1 91  ? -1.485  -4.691  -7.738  1.00 13.36 ? 91  GLU A CA  1 
ATOM   707  C C   . GLU A 1 91  ? -2.905  -4.679  -8.323  1.00 15.47 ? 91  GLU A C   1 
ATOM   708  O O   . GLU A 1 91  ? -3.135  -5.498  -9.233  1.00 17.04 ? 91  GLU A O   1 
ATOM   709  C CB  . GLU A 1 91  ? -1.372  -5.849  -6.715  1.00 16.17 ? 91  GLU A CB  1 
ATOM   710  C CG  . GLU A 1 91  ? 0.070   -6.044  -6.222  1.00 15.37 ? 91  GLU A CG  1 
ATOM   711  C CD  . GLU A 1 91  ? 0.974   -6.499  -7.373  1.00 17.01 ? 91  GLU A CD  1 
ATOM   712  O OE1 . GLU A 1 91  ? 0.824   -7.662  -7.804  1.00 17.74 ? 91  GLU A OE1 1 
ATOM   713  O OE2 . GLU A 1 91  ? 1.840   -5.720  -7.834  1.00 17.74 ? 91  GLU A OE2 1 
ATOM   714  N N   . ASN A 1 92  ? -3.796  -3.891  -7.738  1.00 16.68 ? 92  ASN A N   1 
ATOM   715  C CA  . ASN A 1 92  ? -5.180  -3.830  -8.241  1.00 16.97 ? 92  ASN A CA  1 
ATOM   716  C C   . ASN A 1 92  ? -5.790  -2.488  -7.819  1.00 19.72 ? 92  ASN A C   1 
ATOM   717  O O   . ASN A 1 92  ? -5.314  -1.833  -6.898  1.00 16.90 ? 92  ASN A O   1 
ATOM   718  C CB  . ASN A 1 92  ? -6.013  -4.986  -7.686  1.00 19.99 ? 92  ASN A CB  1 
ATOM   719  C CG  . ASN A 1 92  ? -7.248  -5.368  -8.498  1.00 22.15 ? 92  ASN A CG  1 
ATOM   720  O OD1 . ASN A 1 92  ? -7.735  -4.552  -9.263  1.00 20.59 ? 92  ASN A OD1 1 
ATOM   721  N ND2 . ASN A 1 92  ? -7.800  -6.567  -8.420  1.00 24.29 ? 92  ASN A ND2 1 
ATOM   722  N N   . PHE A 1 93  ? -6.800  -2.038  -8.593  1.00 19.10 ? 93  PHE A N   1 
ATOM   723  C CA  . PHE A 1 93  ? -7.429  -0.758  -8.237  1.00 20.77 ? 93  PHE A CA  1 
ATOM   724  C C   . PHE A 1 93  ? -8.827  -0.648  -8.859  1.00 23.24 ? 93  PHE A C   1 
ATOM   725  O O   . PHE A 1 93  ? -9.041  -1.472  -9.750  1.00 23.21 ? 93  PHE A O   1 
ATOM   726  C CB  . PHE A 1 93  ? -6.557  0.439   -8.559  1.00 23.34 ? 93  PHE A CB  1 
ATOM   727  C CG  . PHE A 1 93  ? -6.152  0.645   -9.999  1.00 26.03 ? 93  PHE A CG  1 
ATOM   728  C CD1 . PHE A 1 93  ? -6.986  1.367   -10.853 1.00 29.12 ? 93  PHE A CD1 1 
ATOM   729  C CD2 . PHE A 1 93  ? -4.966  0.169   -10.498 1.00 27.02 ? 93  PHE A CD2 1 
ATOM   730  C CE1 . PHE A 1 93  ? -6.622  1.596   -12.174 1.00 30.07 ? 93  PHE A CE1 1 
ATOM   731  C CE2 . PHE A 1 93  ? -4.605  0.358   -11.811 1.00 28.79 ? 93  PHE A CE2 1 
ATOM   732  C CZ  . PHE A 1 93  ? -5.442  1.081   -12.656 1.00 29.93 ? 93  PHE A CZ  1 
ATOM   733  N N   . GLY A 1 94  ? -9.643  0.239   -8.338  1.00 24.00 ? 94  GLY A N   1 
ATOM   734  C CA  . GLY A 1 94  ? -11.008 0.382   -8.812  1.00 29.91 ? 94  GLY A CA  1 
ATOM   735  C C   . GLY A 1 94  ? -11.064 1.285   -10.048 1.00 33.57 ? 94  GLY A C   1 
ATOM   736  O O   . GLY A 1 94  ? -10.351 1.152   -11.030 1.00 35.67 ? 94  GLY A O   1 
ATOM   737  N N   . SER A 1 95  ? -11.880 2.315   -9.938  1.00 36.22 ? 95  SER A N   1 
ATOM   738  C CA  . SER A 1 95  ? -12.208 3.183   -11.050 1.00 38.78 ? 95  SER A CA  1 
ATOM   739  C C   . SER A 1 95  ? -11.103 4.098   -11.495 1.00 39.64 ? 95  SER A C   1 
ATOM   740  O O   . SER A 1 95  ? -11.087 4.396   -12.700 1.00 41.63 ? 95  SER A O   1 
ATOM   741  C CB  . SER A 1 95  ? -13.508 3.941   -10.721 1.00 39.53 ? 95  SER A CB  1 
ATOM   742  O OG  . SER A 1 95  ? -13.319 4.808   -9.630  1.00 41.48 ? 95  SER A OG  1 
ATOM   743  N N   . SER A 1 96  ? -10.215 4.556   -10.614 1.00 38.20 ? 96  SER A N   1 
ATOM   744  C CA  . SER A 1 96  ? -9.147  5.446   -11.075 1.00 37.12 ? 96  SER A CA  1 
ATOM   745  C C   . SER A 1 96  ? -7.753  5.028   -10.644 1.00 34.94 ? 96  SER A C   1 
ATOM   746  O O   . SER A 1 96  ? -7.506  4.404   -9.606  1.00 31.82 ? 96  SER A O   1 
ATOM   747  C CB  . SER A 1 96  ? -9.541  6.850   -10.627 1.00 39.25 ? 96  SER A CB  1 
ATOM   748  O OG  . SER A 1 96  ? -8.426  7.605   -10.187 1.00 44.13 ? 96  SER A OG  1 
ATOM   749  N N   . ASN A 1 97  ? -6.769  5.314   -11.494 1.00 32.00 ? 97  ASN A N   1 
ATOM   750  C CA  . ASN A 1 97  ? -5.360  4.930   -11.227 1.00 30.61 ? 97  ASN A CA  1 
ATOM   751  C C   . ASN A 1 97  ? -4.832  5.909   -10.211 1.00 30.50 ? 97  ASN A C   1 
ATOM   752  O O   . ASN A 1 97  ? -4.867  7.128   -10.474 1.00 27.32 ? 97  ASN A O   1 
ATOM   753  C CB  . ASN A 1 97  ? -4.564  4.976   -12.515 1.00 30.64 ? 97  ASN A CB  1 
ATOM   754  C CG  . ASN A 1 97  ? -3.081  4.675   -12.381 1.00 32.01 ? 97  ASN A CG  1 
ATOM   755  O OD1 . ASN A 1 97  ? -2.481  4.730   -11.293 1.00 32.59 ? 97  ASN A OD1 1 
ATOM   756  N ND2 . ASN A 1 97  ? -2.426  4.341   -13.484 1.00 30.87 ? 97  ASN A ND2 1 
ATOM   757  N N   . PRO A 1 98  ? -4.378  5.471   -9.026  1.00 28.09 ? 98  PRO A N   1 
ATOM   758  C CA  . PRO A 1 98  ? -3.950  6.375   -7.988  1.00 28.00 ? 98  PRO A CA  1 
ATOM   759  C C   . PRO A 1 98  ? -2.702  7.161   -8.326  1.00 28.85 ? 98  PRO A C   1 
ATOM   760  O O   . PRO A 1 98  ? -2.472  8.191   -7.660  1.00 30.06 ? 98  PRO A O   1 
ATOM   761  C CB  . PRO A 1 98  ? -3.740  5.474   -6.756  1.00 27.95 ? 98  PRO A CB  1 
ATOM   762  C CG  . PRO A 1 98  ? -3.473  4.118   -7.346  1.00 27.49 ? 98  PRO A CG  1 
ATOM   763  C CD  . PRO A 1 98  ? -4.269  4.042   -8.646  1.00 27.64 ? 98  PRO A CD  1 
ATOM   764  N N   . SER A 1 99  ? -1.938  6.747   -9.335  1.00 27.12 ? 99  SER A N   1 
ATOM   765  C CA  . SER A 1 99  ? -0.720  7.431   -9.735  1.00 29.13 ? 99  SER A CA  1 
ATOM   766  C C   . SER A 1 99  ? -0.933  8.391   -10.904 1.00 31.86 ? 99  SER A C   1 
ATOM   767  O O   . SER A 1 99  ? 0.019   8.977   -11.422 1.00 30.94 ? 99  SER A O   1 
ATOM   768  C CB  . SER A 1 99  ? 0.289   6.386   -10.224 1.00 29.20 ? 99  SER A CB  1 
ATOM   769  O OG  . SER A 1 99  ? -0.016  5.902   -11.531 1.00 28.17 ? 99  SER A OG  1 
ATOM   770  N N   . SER A 1 100 ? -2.173  8.655   -11.296 1.00 33.64 ? 100 SER A N   1 
ATOM   771  C CA  . SER A 1 100 ? -2.411  9.454   -12.513 1.00 37.20 ? 100 SER A CA  1 
ATOM   772  C C   . SER A 1 100 ? -1.842  10.850  -12.427 1.00 38.32 ? 100 SER A C   1 
ATOM   773  O O   . SER A 1 100 ? -1.500  11.456  -13.451 1.00 40.73 ? 100 SER A O   1 
ATOM   774  C CB  . SER A 1 100 ? -3.919  9.499   -12.826 1.00 37.02 ? 100 SER A CB  1 
ATOM   775  O OG  . SER A 1 100 ? -4.440  10.366  -11.835 1.00 38.60 ? 100 SER A OG  1 
ATOM   776  N N   . GLY A 1 101 ? -1.697  11.412  -11.244 1.00 39.54 ? 101 GLY A N   1 
ATOM   777  C CA  . GLY A 1 101 ? -1.103  12.724  -11.057 1.00 40.89 ? 101 GLY A CA  1 
ATOM   778  C C   . GLY A 1 101 ? 0.382   12.644  -10.759 1.00 41.17 ? 101 GLY A C   1 
ATOM   779  O O   . GLY A 1 101 ? 0.874   13.522  -10.035 1.00 44.45 ? 101 GLY A O   1 
ATOM   780  N N   . SER A 1 102 ? 1.122   11.646  -11.257 1.00 39.10 ? 102 SER A N   1 
ATOM   781  C CA  . SER A 1 102 ? 2.564   11.651  -10.964 1.00 37.45 ? 102 SER A CA  1 
ATOM   782  C C   . SER A 1 102 ? 3.372   11.691  -12.251 1.00 35.64 ? 102 SER A C   1 
ATOM   783  O O   . SER A 1 102 ? 2.813   11.498  -13.335 1.00 34.47 ? 102 SER A O   1 
ATOM   784  C CB  . SER A 1 102 ? 2.935   10.511  -10.028 1.00 38.73 ? 102 SER A CB  1 
ATOM   785  O OG  . SER A 1 102 ? 3.343   9.365   -10.737 1.00 41.35 ? 102 SER A OG  1 
ATOM   786  N N   . THR A 1 103 ? 4.651   12.018  -12.149 1.00 34.76 ? 103 THR A N   1 
ATOM   787  C CA  . THR A 1 103 ? 5.565   12.103  -13.277 1.00 35.97 ? 103 THR A CA  1 
ATOM   788  C C   . THR A 1 103 ? 5.947   10.718  -13.770 1.00 35.87 ? 103 THR A C   1 
ATOM   789  O O   . THR A 1 103 ? 6.468   9.921   -12.980 1.00 34.61 ? 103 THR A O   1 
ATOM   790  C CB  . THR A 1 103 ? 6.847   12.879  -12.900 1.00 36.54 ? 103 THR A CB  1 
ATOM   791  O OG1 . THR A 1 103 ? 6.438   14.152  -12.392 1.00 37.09 ? 103 THR A OG1 1 
ATOM   792  C CG2 . THR A 1 103 ? 7.744   13.115  -14.098 1.00 38.59 ? 103 THR A CG2 1 
ATOM   793  N N   . ASP A 1 104 ? 5.726   10.437  -15.045 1.00 35.10 ? 104 ASP A N   1 
ATOM   794  C CA  . ASP A 1 104 ? 6.067   9.159   -15.650 1.00 36.82 ? 104 ASP A CA  1 
ATOM   795  C C   . ASP A 1 104 ? 7.560   8.897   -15.760 1.00 37.03 ? 104 ASP A C   1 
ATOM   796  O O   . ASP A 1 104 ? 8.375   9.645   -16.321 1.00 37.35 ? 104 ASP A O   1 
ATOM   797  C CB  . ASP A 1 104 ? 5.412   9.064   -17.024 1.00 40.19 ? 104 ASP A CB  1 
ATOM   798  C CG  . ASP A 1 104 ? 5.600   7.784   -17.795 1.00 42.91 ? 104 ASP A CG  1 
ATOM   799  O OD1 . ASP A 1 104 ? 6.302   6.845   -17.380 1.00 44.16 ? 104 ASP A OD1 1 
ATOM   800  O OD2 . ASP A 1 104 ? 5.015   7.704   -18.913 1.00 44.96 ? 104 ASP A OD2 1 
ATOM   801  N N   . LEU A 1 105 ? 7.969   7.741   -15.240 1.00 34.80 ? 105 LEU A N   1 
ATOM   802  C CA  . LEU A 1 105 ? 9.360   7.333   -15.237 1.00 33.97 ? 105 LEU A CA  1 
ATOM   803  C C   . LEU A 1 105 ? 9.596   6.080   -16.067 1.00 34.82 ? 105 LEU A C   1 
ATOM   804  O O   . LEU A 1 105 ? 10.669  5.504   -15.938 1.00 34.34 ? 105 LEU A O   1 
ATOM   805  C CB  . LEU A 1 105 ? 9.918   7.142   -13.816 1.00 34.32 ? 105 LEU A CB  1 
ATOM   806  C CG  . LEU A 1 105 ? 9.925   8.368   -12.900 1.00 35.26 ? 105 LEU A CG  1 
ATOM   807  C CD1 . LEU A 1 105 ? 10.345  7.985   -11.483 1.00 35.34 ? 105 LEU A CD1 1 
ATOM   808  C CD2 . LEU A 1 105 ? 10.834  9.470   -13.400 1.00 35.65 ? 105 LEU A CD2 1 
ATOM   809  N N   . GLY A 1 106 ? 8.657   5.646   -16.892 1.00 33.80 ? 106 GLY A N   1 
ATOM   810  C CA  . GLY A 1 106 ? 8.911   4.466   -17.708 1.00 34.09 ? 106 GLY A CA  1 
ATOM   811  C C   . GLY A 1 106 ? 8.245   3.207   -17.144 1.00 33.73 ? 106 GLY A C   1 
ATOM   812  O O   . GLY A 1 106 ? 7.307   3.313   -16.355 1.00 33.45 ? 106 GLY A O   1 
ATOM   813  N N   . THR A 1 107 ? 8.711   2.057   -17.599 1.00 32.75 ? 107 THR A N   1 
ATOM   814  C CA  . THR A 1 107 ? 8.153   0.775   -17.216 1.00 32.87 ? 107 THR A CA  1 
ATOM   815  C C   . THR A 1 107 ? 9.200   -0.202  -16.728 1.00 31.07 ? 107 THR A C   1 
ATOM   816  O O   . THR A 1 107 ? 10.388  -0.029  -17.029 1.00 32.53 ? 107 THR A O   1 
ATOM   817  C CB  . THR A 1 107 ? 7.402   0.101   -18.391 1.00 32.84 ? 107 THR A CB  1 
ATOM   818  O OG1 . THR A 1 107 ? 8.364   -0.109  -19.440 1.00 33.67 ? 107 THR A OG1 1 
ATOM   819  C CG2 . THR A 1 107 ? 6.239   0.923   -18.905 1.00 31.33 ? 107 THR A CG2 1 
ATOM   820  N N   . VAL A 1 108 ? 8.773   -1.274  -16.047 1.00 29.62 ? 108 VAL A N   1 
ATOM   821  C CA  . VAL A 1 108 ? 9.623   -2.369  -15.622 1.00 26.38 ? 108 VAL A CA  1 
ATOM   822  C C   . VAL A 1 108 ? 8.797   -3.669  -15.727 1.00 25.77 ? 108 VAL A C   1 
ATOM   823  O O   . VAL A 1 108 ? 7.568   -3.591  -15.620 1.00 25.24 ? 108 VAL A O   1 
ATOM   824  C CB  . VAL A 1 108 ? 10.256  -2.278  -14.225 1.00 25.82 ? 108 VAL A CB  1 
ATOM   825  C CG1 . VAL A 1 108 ? 9.183   -2.296  -13.140 1.00 24.44 ? 108 VAL A CG1 1 
ATOM   826  C CG2 . VAL A 1 108 ? 11.262  -3.390  -13.947 1.00 24.30 ? 108 VAL A CG2 1 
ATOM   827  N N   . SER A 1 109 ? 9.436   -4.798  -15.949 1.00 25.73 ? 109 SER A N   1 
ATOM   828  C CA  . SER A 1 109 ? 8.711   -6.072  -15.981 1.00 27.56 ? 109 SER A CA  1 
ATOM   829  C C   . SER A 1 109 ? 8.982   -6.810  -14.678 1.00 26.13 ? 109 SER A C   1 
ATOM   830  O O   . SER A 1 109 ? 10.145  -7.075  -14.369 1.00 26.31 ? 109 SER A O   1 
ATOM   831  C CB  . SER A 1 109 ? 9.144   -6.983  -17.133 1.00 31.18 ? 109 SER A CB  1 
ATOM   832  O OG  . SER A 1 109 ? 8.209   -6.841  -18.183 1.00 38.42 ? 109 SER A OG  1 
ATOM   833  N N   . CYS A 1 110 ? 7.931   -7.077  -13.922 1.00 22.88 ? 110 CYS A N   1 
ATOM   834  C CA  . CYS A 1 110 ? 8.104   -7.735  -12.621 1.00 23.13 ? 110 CYS A CA  1 
ATOM   835  C C   . CYS A 1 110 ? 6.980   -8.748  -12.390 1.00 21.45 ? 110 CYS A C   1 
ATOM   836  O O   . CYS A 1 110 ? 5.809   -8.440  -12.623 1.00 21.06 ? 110 CYS A O   1 
ATOM   837  C CB  . CYS A 1 110 ? 8.040   -6.742  -11.446 1.00 23.81 ? 110 CYS A CB  1 
ATOM   838  S SG  . CYS A 1 110 ? 9.366   -5.528  -11.334 1.00 22.92 ? 110 CYS A SG  1 
ATOM   839  N N   . ASP A 1 111 ? 7.288   -9.958  -11.967 1.00 22.73 ? 111 ASP A N   1 
ATOM   840  C CA  . ASP A 1 111 ? 6.295   -10.955 -11.613 1.00 24.55 ? 111 ASP A CA  1 
ATOM   841  C C   . ASP A 1 111 ? 5.170   -11.139 -12.610 1.00 26.19 ? 111 ASP A C   1 
ATOM   842  O O   . ASP A 1 111 ? 3.976   -11.133 -12.283 1.00 24.30 ? 111 ASP A O   1 
ATOM   843  C CB  . ASP A 1 111 ? 5.698   -10.555 -10.220 1.00 25.37 ? 111 ASP A CB  1 
ATOM   844  C CG  . ASP A 1 111 ? 6.828   -10.594 -9.202  1.00 28.49 ? 111 ASP A CG  1 
ATOM   845  O OD1 . ASP A 1 111 ? 7.499   -11.621 -9.079  1.00 29.02 ? 111 ASP A OD1 1 
ATOM   846  O OD2 . ASP A 1 111 ? 7.072   -9.595  -8.504  1.00 23.91 ? 111 ASP A OD2 1 
ATOM   847  N N   . GLY A 1 112 ? 5.568   -11.290 -13.888 1.00 26.39 ? 112 GLY A N   1 
ATOM   848  C CA  . GLY A 1 112 ? 4.562   -11.507 -14.917 1.00 28.07 ? 112 GLY A CA  1 
ATOM   849  C C   . GLY A 1 112 ? 3.777   -10.372 -15.481 1.00 29.45 ? 112 GLY A C   1 
ATOM   850  O O   . GLY A 1 112 ? 2.820   -10.621 -16.275 1.00 30.36 ? 112 GLY A O   1 
ATOM   851  N N   . SER A 1 113 ? 4.156   -9.118  -15.259 1.00 26.40 ? 113 SER A N   1 
ATOM   852  C CA  . SER A 1 113 ? 3.460   -8.000  -15.864 1.00 26.95 ? 113 SER A CA  1 
ATOM   853  C C   . SER A 1 113 ? 4.382   -6.807  -16.018 1.00 26.62 ? 113 SER A C   1 
ATOM   854  O O   . SER A 1 113 ? 5.410   -6.682  -15.332 1.00 27.30 ? 113 SER A O   1 
ATOM   855  C CB  . SER A 1 113 ? 2.256   -7.611  -14.984 1.00 25.09 ? 113 SER A CB  1 
ATOM   856  O OG  . SER A 1 113 ? 1.429   -6.606  -15.533 1.00 25.67 ? 113 SER A OG  1 
ATOM   857  N N   . THR A 1 114 ? 4.033   -5.924  -16.949 1.00 25.68 ? 114 THR A N   1 
ATOM   858  C CA  . THR A 1 114 ? 4.646   -4.627  -17.033 1.00 25.66 ? 114 THR A CA  1 
ATOM   859  C C   . THR A 1 114 ? 4.033   -3.783  -15.892 1.00 25.05 ? 114 THR A C   1 
ATOM   860  O O   . THR A 1 114 ? 2.824   -3.874  -15.616 1.00 26.57 ? 114 THR A O   1 
ATOM   861  C CB  . THR A 1 114 ? 4.256   -3.931  -18.355 1.00 28.92 ? 114 THR A CB  1 
ATOM   862  O OG1 . THR A 1 114 ? 4.710   -4.788  -19.411 1.00 30.58 ? 114 THR A OG1 1 
ATOM   863  C CG2 . THR A 1 114 ? 4.816   -2.534  -18.490 1.00 30.30 ? 114 THR A CG2 1 
ATOM   864  N N   . TYR A 1 115 ? 4.850   -2.944  -15.291 1.00 22.25 ? 115 TYR A N   1 
ATOM   865  C CA  . TYR A 1 115 ? 4.450   -1.985  -14.281 1.00 22.68 ? 115 TYR A CA  1 
ATOM   866  C C   . TYR A 1 115 ? 4.858   -0.588  -14.791 1.00 23.54 ? 115 TYR A C   1 
ATOM   867  O O   . TYR A 1 115 ? 5.994   -0.430  -15.271 1.00 25.95 ? 115 TYR A O   1 
ATOM   868  C CB  . TYR A 1 115 ? 5.142   -2.198  -12.927 1.00 21.05 ? 115 TYR A CB  1 
ATOM   869  C CG  . TYR A 1 115 ? 4.609   -3.339  -12.084 1.00 19.51 ? 115 TYR A CG  1 
ATOM   870  C CD1 . TYR A 1 115 ? 4.863   -4.670  -12.414 1.00 17.62 ? 115 TYR A CD1 1 
ATOM   871  C CD2 . TYR A 1 115 ? 3.873   -3.061  -10.929 1.00 19.26 ? 115 TYR A CD2 1 
ATOM   872  C CE1 . TYR A 1 115 ? 4.385   -5.720  -11.654 1.00 19.79 ? 115 TYR A CE1 1 
ATOM   873  C CE2 . TYR A 1 115 ? 3.390   -4.111  -10.155 1.00 18.69 ? 115 TYR A CE2 1 
ATOM   874  C CZ  . TYR A 1 115 ? 3.644   -5.406  -10.519 1.00 17.64 ? 115 TYR A CZ  1 
ATOM   875  O OH  . TYR A 1 115 ? 3.195   -6.436  -9.727  1.00 18.65 ? 115 TYR A OH  1 
ATOM   876  N N   . THR A 1 116 ? 3.978   0.354   -14.632 1.00 23.40 ? 116 THR A N   1 
ATOM   877  C CA  . THR A 1 116 ? 4.329   1.741   -14.920 1.00 27.90 ? 116 THR A CA  1 
ATOM   878  C C   . THR A 1 116 ? 4.848   2.447   -13.650 1.00 26.60 ? 116 THR A C   1 
ATOM   879  O O   . THR A 1 116 ? 4.217   2.494   -12.585 1.00 26.63 ? 116 THR A O   1 
ATOM   880  C CB  . THR A 1 116 ? 3.137   2.531   -15.460 1.00 29.10 ? 116 THR A CB  1 
ATOM   881  O OG1 . THR A 1 116 ? 2.865   1.969   -16.757 1.00 37.01 ? 116 THR A OG1 1 
ATOM   882  C CG2 . THR A 1 116 ? 3.543   3.974   -15.620 1.00 33.56 ? 116 THR A CG2 1 
ATOM   883  N N   . LEU A 1 117 ? 5.983   3.097   -13.812 1.00 22.95 ? 117 LEU A N   1 
ATOM   884  C CA  . LEU A 1 117 ? 6.670   3.804   -12.736 1.00 24.61 ? 117 LEU A CA  1 
ATOM   885  C C   . LEU A 1 117 ? 6.401   5.305   -12.702 1.00 23.73 ? 117 LEU A C   1 
ATOM   886  O O   . LEU A 1 117 ? 6.209   5.954   -13.766 1.00 24.11 ? 117 LEU A O   1 
ATOM   887  C CB  . LEU A 1 117 ? 8.184   3.610   -12.885 1.00 24.07 ? 117 LEU A CB  1 
ATOM   888  C CG  . LEU A 1 117 ? 8.628   2.152   -13.009 1.00 25.41 ? 117 LEU A CG  1 
ATOM   889  C CD1 . LEU A 1 117 ? 10.059  2.058   -13.535 1.00 26.93 ? 117 LEU A CD1 1 
ATOM   890  C CD2 . LEU A 1 117 ? 8.509   1.467   -11.644 1.00 26.84 ? 117 LEU A CD2 1 
ATOM   891  N N   . GLY A 1 118 ? 6.379   5.845   -11.488 1.00 21.73 ? 118 GLY A N   1 
ATOM   892  C CA  . GLY A 1 118 ? 6.055   7.261   -11.329 1.00 24.40 ? 118 GLY A CA  1 
ATOM   893  C C   . GLY A 1 118 ? 6.560   7.838   -10.022 1.00 25.00 ? 118 GLY A C   1 
ATOM   894  O O   . GLY A 1 118 ? 6.919   7.139   -9.057  1.00 22.91 ? 118 GLY A O   1 
ATOM   895  N N   . GLN A 1 119 ? 6.691   9.191   -10.008 1.00 22.62 ? 119 GLN A N   1 
ATOM   896  C CA  . GLN A 1 119 ? 7.136   9.879   -8.814  1.00 25.79 ? 119 GLN A CA  1 
ATOM   897  C C   . GLN A 1 119 ? 6.326   11.164  -8.638  1.00 25.10 ? 119 GLN A C   1 
ATOM   898  O O   . GLN A 1 119 ? 6.012   11.851  -9.631  1.00 26.22 ? 119 GLN A O   1 
ATOM   899  C CB  . GLN A 1 119 ? 8.618   10.253  -8.821  1.00 28.98 ? 119 GLN A CB  1 
ATOM   900  C CG  . GLN A 1 119 ? 9.092   11.074  -7.628  1.00 34.81 ? 119 GLN A CG  1 
ATOM   901  C CD  . GLN A 1 119 ? 10.398  11.782  -7.864  1.00 38.52 ? 119 GLN A CD  1 
ATOM   902  O OE1 . GLN A 1 119 ? 11.017  11.666  -8.928  1.00 42.73 ? 119 GLN A OE1 1 
ATOM   903  N NE2 . GLN A 1 119 ? 10.907  12.540  -6.884  1.00 42.18 ? 119 GLN A NE2 1 
ATOM   904  N N   . SER A 1 120 ? 5.957   11.471  -7.419  1.00 23.60 ? 120 SER A N   1 
ATOM   905  C CA  . SER A 1 120 ? 5.276   12.718  -7.094  1.00 23.65 ? 120 SER A CA  1 
ATOM   906  C C   . SER A 1 120 ? 5.798   13.261  -5.762  1.00 25.38 ? 120 SER A C   1 
ATOM   907  O O   . SER A 1 120 ? 6.528   12.570  -5.031  1.00 24.77 ? 120 SER A O   1 
ATOM   908  C CB  . SER A 1 120 ? 3.758   12.621  -7.023  1.00 25.34 ? 120 SER A CB  1 
ATOM   909  O OG  . SER A 1 120 ? 3.308   11.543  -6.207  1.00 30.63 ? 120 SER A OG  1 
ATOM   910  N N   . THR A 1 121 ? 5.464   14.509  -5.454  1.00 24.88 ? 121 THR A N   1 
ATOM   911  C CA  . THR A 1 121 ? 5.855   15.107  -4.174  1.00 25.08 ? 121 THR A CA  1 
ATOM   912  C C   . THR A 1 121 ? 4.629   15.692  -3.499  1.00 27.42 ? 121 THR A C   1 
ATOM   913  O O   . THR A 1 121 ? 3.771   16.315  -4.165  1.00 28.42 ? 121 THR A O   1 
ATOM   914  C CB  . THR A 1 121 ? 6.946   16.197  -4.331  1.00 23.61 ? 121 THR A CB  1 
ATOM   915  O OG1 . THR A 1 121 ? 8.137   15.667  -4.908  1.00 25.46 ? 121 THR A OG1 1 
ATOM   916  C CG2 . THR A 1 121 ? 7.305   16.816  -2.985  1.00 24.22 ? 121 THR A CG2 1 
ATOM   917  N N   . ARG A 1 122 ? 4.463   15.513  -2.217  1.00 25.42 ? 122 ARG A N   1 
ATOM   918  C CA  . ARG A 1 122 ? 3.417   16.099  -1.415  1.00 28.69 ? 122 ARG A CA  1 
ATOM   919  C C   . ARG A 1 122 ? 4.044   17.129  -0.470  1.00 29.42 ? 122 ARG A C   1 
ATOM   920  O O   . ARG A 1 122 ? 4.918   16.792  0.327   1.00 25.10 ? 122 ARG A O   1 
ATOM   921  C CB  . ARG A 1 122 ? 2.635   15.099  -0.532  1.00 30.51 ? 122 ARG A CB  1 
ATOM   922  C CG  . ARG A 1 122 ? 2.101   13.946  -1.360  1.00 34.49 ? 122 ARG A CG  1 
ATOM   923  C CD  . ARG A 1 122 ? 0.754   13.437  -0.884  1.00 38.69 ? 122 ARG A CD  1 
ATOM   924  N NE  . ARG A 1 122 ? -0.198  14.497  -0.554  1.00 41.15 ? 122 ARG A NE  1 
ATOM   925  C CZ  . ARG A 1 122 ? -1.299  14.264  0.150   1.00 43.09 ? 122 ARG A CZ  1 
ATOM   926  N NH1 . ARG A 1 122 ? -1.596  13.033  0.548   1.00 45.16 ? 122 ARG A NH1 1 
ATOM   927  N NH2 . ARG A 1 122 ? -2.123  15.261  0.430   1.00 44.48 ? 122 ARG A NH2 1 
ATOM   928  N N   . TYR A 1 123 ? 3.518   18.366  -0.498  1.00 31.41 ? 123 TYR A N   1 
ATOM   929  C CA  . TYR A 1 123 ? 4.034   19.408  0.387   1.00 33.96 ? 123 TYR A CA  1 
ATOM   930  C C   . TYR A 1 123 ? 3.171   19.659  1.604   1.00 35.51 ? 123 TYR A C   1 
ATOM   931  O O   . TYR A 1 123 ? 1.939   19.768  1.512   1.00 36.81 ? 123 TYR A O   1 
ATOM   932  C CB  . TYR A 1 123 ? 4.153   20.762  -0.364  1.00 35.49 ? 123 TYR A CB  1 
ATOM   933  C CG  . TYR A 1 123 ? 5.001   20.576  -1.599  1.00 36.82 ? 123 TYR A CG  1 
ATOM   934  C CD1 . TYR A 1 123 ? 4.417   20.185  -2.799  1.00 37.98 ? 123 TYR A CD1 1 
ATOM   935  C CD2 . TYR A 1 123 ? 6.370   20.733  -1.554  1.00 36.74 ? 123 TYR A CD2 1 
ATOM   936  C CE1 . TYR A 1 123 ? 5.198   19.975  -3.916  1.00 38.61 ? 123 TYR A CE1 1 
ATOM   937  C CE2 . TYR A 1 123 ? 7.159   20.540  -2.674  1.00 37.24 ? 123 TYR A CE2 1 
ATOM   938  C CZ  . TYR A 1 123 ? 6.568   20.169  -3.842  1.00 36.71 ? 123 TYR A CZ  1 
ATOM   939  O OH  . TYR A 1 123 ? 7.286   19.932  -4.993  1.00 37.31 ? 123 TYR A OH  1 
ATOM   940  N N   . ASN A 1 124 ? 3.781   19.751  2.781   1.00 36.74 ? 124 ASN A N   1 
ATOM   941  C CA  . ASN A 1 124 ? 3.093   20.043  4.026   1.00 37.27 ? 124 ASN A CA  1 
ATOM   942  C C   . ASN A 1 124 ? 1.825   19.226  4.221   1.00 37.54 ? 124 ASN A C   1 
ATOM   943  O O   . ASN A 1 124 ? 0.743   19.787  4.473   1.00 38.14 ? 124 ASN A O   1 
ATOM   944  C CB  . ASN A 1 124 ? 2.744   21.558  4.045   1.00 39.43 ? 124 ASN A CB  1 
ATOM   945  C CG  . ASN A 1 124 ? 3.970   22.416  3.799   1.00 41.07 ? 124 ASN A CG  1 
ATOM   946  O OD1 . ASN A 1 124 ? 4.793   22.659  4.695   1.00 42.18 ? 124 ASN A OD1 1 
ATOM   947  N ND2 . ASN A 1 124 ? 4.131   22.854  2.554   1.00 40.72 ? 124 ASN A ND2 1 
ATOM   948  N N   . ALA A 1 125 ? 1.915   17.909  4.164   1.00 36.03 ? 125 ALA A N   1 
ATOM   949  C CA  . ALA A 1 125 ? 0.791   17.004  4.325   1.00 35.02 ? 125 ALA A CA  1 
ATOM   950  C C   . ALA A 1 125 ? 0.985   15.966  5.417   1.00 35.17 ? 125 ALA A C   1 
ATOM   951  O O   . ALA A 1 125 ? 2.090   15.647  5.838   1.00 34.34 ? 125 ALA A O   1 
ATOM   952  C CB  . ALA A 1 125 ? 0.609   16.303  2.963   1.00 33.85 ? 125 ALA A CB  1 
ATOM   953  N N   . PRO A 1 126 ? -0.112  15.390  5.931   1.00 34.31 ? 126 PRO A N   1 
ATOM   954  C CA  . PRO A 1 126 ? -0.080  14.315  6.886   1.00 34.25 ? 126 PRO A CA  1 
ATOM   955  C C   . PRO A 1 126 ? 0.863   13.166  6.524   1.00 32.35 ? 126 PRO A C   1 
ATOM   956  O O   . PRO A 1 126 ? 0.852   12.646  5.414   1.00 33.91 ? 126 PRO A O   1 
ATOM   957  C CB  . PRO A 1 126 ? -1.524  13.782  6.877   1.00 35.44 ? 126 PRO A CB  1 
ATOM   958  C CG  . PRO A 1 126 ? -2.343  14.955  6.459   1.00 36.07 ? 126 PRO A CG  1 
ATOM   959  C CD  . PRO A 1 126 ? -1.496  15.722  5.477   1.00 35.57 ? 126 PRO A CD  1 
ATOM   960  N N   . SER A 1 127 ? 1.687   12.733  7.465   1.00 33.02 ? 127 SER A N   1 
ATOM   961  C CA  . SER A 1 127 ? 2.645   11.647  7.253   1.00 30.63 ? 127 SER A CA  1 
ATOM   962  C C   . SER A 1 127 ? 2.870   10.862  8.525   1.00 31.53 ? 127 SER A C   1 
ATOM   963  O O   . SER A 1 127 ? 2.457   11.266  9.632   1.00 31.98 ? 127 SER A O   1 
ATOM   964  C CB  . SER A 1 127 ? 3.999   12.266  6.799   1.00 29.03 ? 127 SER A CB  1 
ATOM   965  O OG  . SER A 1 127 ? 4.709   12.694  7.947   1.00 24.34 ? 127 SER A OG  1 
ATOM   966  N N   . ILE A 1 128 ? 3.768   9.870   8.495   1.00 31.37 ? 128 ILE A N   1 
ATOM   967  C CA  . ILE A 1 128 ? 4.144   9.176   9.729   1.00 32.72 ? 128 ILE A CA  1 
ATOM   968  C C   . ILE A 1 128 ? 4.807   10.060  10.773  1.00 34.66 ? 128 ILE A C   1 
ATOM   969  O O   . ILE A 1 128 ? 4.888   9.700   11.958  1.00 33.39 ? 128 ILE A O   1 
ATOM   970  C CB  . ILE A 1 128 ? 5.064   7.980   9.435   1.00 30.66 ? 128 ILE A CB  1 
ATOM   971  C CG1 . ILE A 1 128 ? 6.303   8.376   8.655   1.00 32.29 ? 128 ILE A CG1 1 
ATOM   972  C CG2 . ILE A 1 128 ? 4.227   6.961   8.651   1.00 31.43 ? 128 ILE A CG2 1 
ATOM   973  C CD1 . ILE A 1 128 ? 7.413   7.348   8.665   1.00 31.74 ? 128 ILE A CD1 1 
ATOM   974  N N   . ASP A 1 129 ? 5.360   11.209  10.367  1.00 35.82 ? 129 ASP A N   1 
ATOM   975  C CA  . ASP A 1 129 ? 6.024   12.130  11.283  1.00 36.57 ? 129 ASP A CA  1 
ATOM   976  C C   . ASP A 1 129 ? 5.300   13.473  11.350  1.00 36.20 ? 129 ASP A C   1 
ATOM   977  O O   . ASP A 1 129 ? 5.942   14.538  11.381  1.00 36.66 ? 129 ASP A O   1 
ATOM   978  C CB  . ASP A 1 129 ? 7.476   12.361  10.825  1.00 37.95 ? 129 ASP A CB  1 
ATOM   979  C CG  . ASP A 1 129 ? 8.350   11.144  11.055  1.00 39.95 ? 129 ASP A CG  1 
ATOM   980  O OD1 . ASP A 1 129 ? 8.082   10.436  12.055  1.00 41.88 ? 129 ASP A OD1 1 
ATOM   981  O OD2 . ASP A 1 129 ? 9.280   10.890  10.260  1.00 39.98 ? 129 ASP A OD2 1 
ATOM   982  N N   . GLY A 1 130 ? 3.972   13.472  11.335  1.00 35.03 ? 130 GLY A N   1 
ATOM   983  C CA  . GLY A 1 130 ? 3.212   14.727  11.400  1.00 33.43 ? 130 GLY A CA  1 
ATOM   984  C C   . GLY A 1 130 ? 3.174   15.428  10.052  1.00 34.21 ? 130 GLY A C   1 
ATOM   985  O O   . GLY A 1 130 ? 3.384   14.777  9.025   1.00 30.50 ? 130 GLY A O   1 
ATOM   986  N N   . THR A 1 131 ? 2.855   16.725  10.011  1.00 33.17 ? 131 THR A N   1 
ATOM   987  C CA  . THR A 1 131 ? 2.807   17.478  8.765   1.00 33.56 ? 131 THR A CA  1 
ATOM   988  C C   . THR A 1 131 ? 4.199   17.648  8.167   1.00 32.52 ? 131 THR A C   1 
ATOM   989  O O   . THR A 1 131 ? 5.080   18.245  8.777   1.00 33.64 ? 131 THR A O   1 
ATOM   990  C CB  . THR A 1 131 ? 2.146   18.853  8.982   1.00 35.89 ? 131 THR A CB  1 
ATOM   991  O OG1 . THR A 1 131 ? 0.721   18.665  9.166   1.00 38.65 ? 131 THR A OG1 1 
ATOM   992  C CG2 . THR A 1 131 ? 2.352   19.752  7.781   1.00 36.64 ? 131 THR A CG2 1 
ATOM   993  N N   . GLN A 1 132 ? 4.430   17.090  6.972   1.00 29.75 ? 132 GLN A N   1 
ATOM   994  C CA  . GLN A 1 132 ? 5.767   17.093  6.384   1.00 28.67 ? 132 GLN A CA  1 
ATOM   995  C C   . GLN A 1 132 ? 5.705   17.185  4.866   1.00 27.11 ? 132 GLN A C   1 
ATOM   996  O O   . GLN A 1 132 ? 4.630   17.034  4.256   1.00 28.53 ? 132 GLN A O   1 
ATOM   997  C CB  . GLN A 1 132 ? 6.449   15.765  6.715   1.00 26.86 ? 132 GLN A CB  1 
ATOM   998  C CG  . GLN A 1 132 ? 6.768   15.285  8.105   1.00 27.80 ? 132 GLN A CG  1 
ATOM   999  C CD  . GLN A 1 132 ? 8.083   15.859  8.620   1.00 30.82 ? 132 GLN A CD  1 
ATOM   1000 O OE1 . GLN A 1 132 ? 9.020   16.023  7.831   1.00 32.13 ? 132 GLN A OE1 1 
ATOM   1001 N NE2 . GLN A 1 132 ? 8.189   16.165  9.906   1.00 30.93 ? 132 GLN A NE2 1 
ATOM   1002 N N   . THR A 1 133 ? 6.862   17.354  4.234   1.00 24.19 ? 133 THR A N   1 
ATOM   1003 C CA  . THR A 1 133 ? 7.010   17.279  2.806   1.00 21.90 ? 133 THR A CA  1 
ATOM   1004 C C   . THR A 1 133 ? 7.717   15.946  2.471   1.00 19.61 ? 133 THR A C   1 
ATOM   1005 O O   . THR A 1 133 ? 8.624   15.515  3.211   1.00 19.65 ? 133 THR A O   1 
ATOM   1006 C CB  . THR A 1 133 ? 7.850   18.447  2.252   1.00 22.09 ? 133 THR A CB  1 
ATOM   1007 O OG1 . THR A 1 133 ? 7.114   19.659  2.549   1.00 25.51 ? 133 THR A OG1 1 
ATOM   1008 C CG2 . THR A 1 133 ? 8.050   18.373  0.762   1.00 21.90 ? 133 THR A CG2 1 
ATOM   1009 N N   . PHE A 1 134 ? 7.192   15.196  1.484   1.00 20.07 ? 134 PHE A N   1 
ATOM   1010 C CA  . PHE A 1 134 ? 7.762   13.887  1.175   1.00 18.20 ? 134 PHE A CA  1 
ATOM   1011 C C   . PHE A 1 134 ? 7.541   13.519  -0.279  1.00 18.99 ? 134 PHE A C   1 
ATOM   1012 O O   . PHE A 1 134 ? 6.651   14.028  -1.013  1.00 19.64 ? 134 PHE A O   1 
ATOM   1013 C CB  . PHE A 1 134 ? 7.114   12.784  2.027   1.00 19.56 ? 134 PHE A CB  1 
ATOM   1014 C CG  . PHE A 1 134 ? 5.612   12.698  2.103   1.00 19.48 ? 134 PHE A CG  1 
ATOM   1015 C CD1 . PHE A 1 134 ? 4.880   13.401  3.037   1.00 22.73 ? 134 PHE A CD1 1 
ATOM   1016 C CD2 . PHE A 1 134 ? 4.961   11.834  1.232   1.00 21.17 ? 134 PHE A CD2 1 
ATOM   1017 C CE1 . PHE A 1 134 ? 3.483   13.270  3.066   1.00 22.01 ? 134 PHE A CE1 1 
ATOM   1018 C CE2 . PHE A 1 134 ? 3.564   11.707  1.262   1.00 21.67 ? 134 PHE A CE2 1 
ATOM   1019 C CZ  . PHE A 1 134 ? 2.848   12.421  2.203   1.00 21.31 ? 134 PHE A CZ  1 
ATOM   1020 N N   . ASN A 1 135 ? 8.352   12.610  -0.810  1.00 16.90 ? 135 ASN A N   1 
ATOM   1021 C CA  . ASN A 1 135 ? 8.210   12.085  -2.144  1.00 17.94 ? 135 ASN A CA  1 
ATOM   1022 C C   . ASN A 1 135 ? 7.356   10.785  -2.098  1.00 19.29 ? 135 ASN A C   1 
ATOM   1023 O O   . ASN A 1 135 ? 7.304   10.141  -1.046  1.00 19.06 ? 135 ASN A O   1 
ATOM   1024 C CB  . ASN A 1 135 ? 9.572   11.727  -2.739  1.00 17.22 ? 135 ASN A CB  1 
ATOM   1025 C CG  . ASN A 1 135 ? 10.313  13.019  -3.156  1.00 22.18 ? 135 ASN A CG  1 
ATOM   1026 O OD1 . ASN A 1 135 ? 9.735   14.054  -3.432  1.00 22.70 ? 135 ASN A OD1 1 
ATOM   1027 N ND2 . ASN A 1 135 ? 11.612  12.882  -3.175  1.00 20.68 ? 135 ASN A ND2 1 
ATOM   1028 N N   . GLN A 1 136 ? 6.674   10.528  -3.200  1.00 18.66 ? 136 GLN A N   1 
ATOM   1029 C CA  . GLN A 1 136 ? 5.878   9.300   -3.282  1.00 18.35 ? 136 GLN A CA  1 
ATOM   1030 C C   . GLN A 1 136 ? 6.452   8.549   -4.461  1.00 19.81 ? 136 GLN A C   1 
ATOM   1031 O O   . GLN A 1 136 ? 6.603   9.138   -5.536  1.00 20.53 ? 136 GLN A O   1 
ATOM   1032 C CB  . GLN A 1 136 ? 4.405   9.636   -3.582  1.00 19.75 ? 136 GLN A CB  1 
ATOM   1033 C CG  . GLN A 1 136 ? 3.690   10.385  -2.446  1.00 20.57 ? 136 GLN A CG  1 
ATOM   1034 C CD  . GLN A 1 136 ? 2.236   10.652  -2.793  1.00 26.22 ? 136 GLN A CD  1 
ATOM   1035 O OE1 . GLN A 1 136 ? 1.280   10.277  -2.111  1.00 25.70 ? 136 GLN A OE1 1 
ATOM   1036 N NE2 . GLN A 1 136 ? 2.047   11.317  -3.928  1.00 23.25 ? 136 GLN A NE2 1 
ATOM   1037 N N   . TYR A 1 137 ? 6.734   7.243   -4.341  1.00 14.84 ? 137 TYR A N   1 
ATOM   1038 C CA  . TYR A 1 137 ? 7.244   6.458   -5.445  1.00 16.92 ? 137 TYR A CA  1 
ATOM   1039 C C   . TYR A 1 137 ? 6.092   5.517   -5.867  1.00 18.09 ? 137 TYR A C   1 
ATOM   1040 O O   . TYR A 1 137 ? 5.509   4.929   -4.975  1.00 16.39 ? 137 TYR A O   1 
ATOM   1041 C CB  . TYR A 1 137 ? 8.473   5.642   -5.122  1.00 16.40 ? 137 TYR A CB  1 
ATOM   1042 C CG  . TYR A 1 137 ? 9.747   6.341   -4.663  1.00 18.57 ? 137 TYR A CG  1 
ATOM   1043 C CD1 . TYR A 1 137 ? 9.901   7.716   -4.786  1.00 20.21 ? 137 TYR A CD1 1 
ATOM   1044 C CD2 . TYR A 1 137 ? 10.812  5.605   -4.130  1.00 19.07 ? 137 TYR A CD2 1 
ATOM   1045 C CE1 . TYR A 1 137 ? 11.044  8.366   -4.328  1.00 19.51 ? 137 TYR A CE1 1 
ATOM   1046 C CE2 . TYR A 1 137 ? 11.971  6.255   -3.708  1.00 17.70 ? 137 TYR A CE2 1 
ATOM   1047 C CZ  . TYR A 1 137 ? 12.081  7.618   -3.814  1.00 19.25 ? 137 TYR A CZ  1 
ATOM   1048 O OH  . TYR A 1 137 ? 13.210  8.306   -3.412  1.00 19.35 ? 137 TYR A OH  1 
ATOM   1049 N N   . TRP A 1 138 ? 5.874   5.381   -7.175  1.00 16.52 ? 138 TRP A N   1 
ATOM   1050 C CA  . TRP A 1 138 ? 4.766   4.560   -7.638  1.00 18.24 ? 138 TRP A CA  1 
ATOM   1051 C C   . TRP A 1 138 ? 5.206   3.484   -8.586  1.00 18.54 ? 138 TRP A C   1 
ATOM   1052 O O   . TRP A 1 138 ? 6.073   3.717   -9.443  1.00 18.26 ? 138 TRP A O   1 
ATOM   1053 C CB  . TRP A 1 138 ? 3.712   5.412   -8.407  1.00 18.47 ? 138 TRP A CB  1 
ATOM   1054 C CG  . TRP A 1 138 ? 3.084   6.499   -7.604  1.00 19.56 ? 138 TRP A CG  1 
ATOM   1055 C CD1 . TRP A 1 138 ? 3.556   7.787   -7.494  1.00 19.90 ? 138 TRP A CD1 1 
ATOM   1056 C CD2 . TRP A 1 138 ? 1.892   6.427   -6.830  1.00 19.77 ? 138 TRP A CD2 1 
ATOM   1057 N NE1 . TRP A 1 138 ? 2.694   8.501   -6.673  1.00 22.10 ? 138 TRP A NE1 1 
ATOM   1058 C CE2 . TRP A 1 138 ? 1.661   7.694   -6.261  1.00 20.67 ? 138 TRP A CE2 1 
ATOM   1059 C CE3 . TRP A 1 138 ? 0.952   5.409   -6.582  1.00 20.94 ? 138 TRP A CE3 1 
ATOM   1060 C CZ2 . TRP A 1 138 ? 0.599   8.006   -5.414  1.00 21.69 ? 138 TRP A CZ2 1 
ATOM   1061 C CZ3 . TRP A 1 138 ? -0.120  5.696   -5.726  1.00 21.03 ? 138 TRP A CZ3 1 
ATOM   1062 C CH2 . TRP A 1 138 ? -0.278  6.980   -5.158  1.00 22.42 ? 138 TRP A CH2 1 
ATOM   1063 N N   . SER A 1 139 ? 4.671   2.265   -8.468  1.00 15.68 ? 139 SER A N   1 
ATOM   1064 C CA  . SER A 1 139 ? 4.868   1.222   -9.477  1.00 18.70 ? 139 SER A CA  1 
ATOM   1065 C C   . SER A 1 139 ? 3.552   0.524   -9.724  1.00 19.49 ? 139 SER A C   1 
ATOM   1066 O O   . SER A 1 139 ? 3.053   -0.038  -8.718  1.00 18.33 ? 139 SER A O   1 
ATOM   1067 C CB  . SER A 1 139 ? 6.035   0.314   -9.086  1.00 18.56 ? 139 SER A CB  1 
ATOM   1068 O OG  . SER A 1 139 ? 6.181   -0.691  -10.086 1.00 20.24 ? 139 SER A OG  1 
ATOM   1069 N N   . VAL A 1 140 ? 2.869   0.673   -10.856 1.00 18.43 ? 140 VAL A N   1 
ATOM   1070 C CA  . VAL A 1 140 ? 1.462   0.246   -10.985 1.00 18.83 ? 140 VAL A CA  1 
ATOM   1071 C C   . VAL A 1 140 ? 1.292   -0.881  -11.990 1.00 22.47 ? 140 VAL A C   1 
ATOM   1072 O O   . VAL A 1 140 ? 1.761   -0.776  -13.130 1.00 21.54 ? 140 VAL A O   1 
ATOM   1073 C CB  . VAL A 1 140 ? 0.581   1.452   -11.375 1.00 19.77 ? 140 VAL A CB  1 
ATOM   1074 C CG1 . VAL A 1 140 ? -0.863  1.104   -11.620 1.00 19.83 ? 140 VAL A CG1 1 
ATOM   1075 C CG2 . VAL A 1 140 ? 0.652   2.574   -10.302 1.00 19.60 ? 140 VAL A CG2 1 
ATOM   1076 N N   . ARG A 1 141 ? 0.779   -2.027  -11.563 1.00 19.69 ? 141 ARG A N   1 
ATOM   1077 C CA  . ARG A 1 141 ? 0.648   -3.219  -12.383 1.00 20.50 ? 141 ARG A CA  1 
ATOM   1078 C C   . ARG A 1 141 ? -0.376  -2.983  -13.505 1.00 20.83 ? 141 ARG A C   1 
ATOM   1079 O O   . ARG A 1 141 ? -1.467  -2.528  -13.273 1.00 18.74 ? 141 ARG A O   1 
ATOM   1080 C CB  . ARG A 1 141 ? 0.155   -4.407  -11.547 1.00 20.87 ? 141 ARG A CB  1 
ATOM   1081 C CG  . ARG A 1 141 ? 0.420   -5.780  -12.140 1.00 18.85 ? 141 ARG A CG  1 
ATOM   1082 C CD  . ARG A 1 141 ? -0.006  -6.916  -11.220 1.00 18.60 ? 141 ARG A CD  1 
ATOM   1083 N NE  . ARG A 1 141 ? 0.130   -8.196  -11.945 1.00 19.91 ? 141 ARG A NE  1 
ATOM   1084 C CZ  . ARG A 1 141 ? 1.213   -8.973  -11.948 1.00 18.78 ? 141 ARG A CZ  1 
ATOM   1085 N NH1 . ARG A 1 141 ? 2.351   -8.700  -11.324 1.00 18.96 ? 141 ARG A NH1 1 
ATOM   1086 N NH2 . ARG A 1 141 ? 1.118   -10.126 -12.657 1.00 22.44 ? 141 ARG A NH2 1 
ATOM   1087 N N   . GLN A 1 142 ? 0.053   -3.369  -14.722 1.00 24.24 ? 142 GLN A N   1 
ATOM   1088 C CA  . GLN A 1 142 ? -0.880  -3.179  -15.862 1.00 27.44 ? 142 GLN A CA  1 
ATOM   1089 C C   . GLN A 1 142 ? -1.938  -4.272  -15.932 1.00 27.72 ? 142 GLN A C   1 
ATOM   1090 O O   . GLN A 1 142 ? -3.063  -3.981  -16.343 1.00 29.15 ? 142 GLN A O   1 
ATOM   1091 C CB  . GLN A 1 142 ? -0.045  -3.103  -17.161 1.00 29.07 ? 142 GLN A CB  1 
ATOM   1092 C CG  . GLN A 1 142 ? 0.938   -1.932  -17.011 1.00 33.15 ? 142 GLN A CG  1 
ATOM   1093 C CD  . GLN A 1 142 ? 0.310   -0.583  -16.770 1.00 37.31 ? 142 GLN A CD  1 
ATOM   1094 O OE1 . GLN A 1 142 ? -0.181  0.025   -17.751 1.00 39.81 ? 142 GLN A OE1 1 
ATOM   1095 N NE2 . GLN A 1 142 ? 0.253   -0.032  -15.551 1.00 35.53 ? 142 GLN A NE2 1 
ATOM   1096 N N   . ASP A 1 143 ? -1.591  -5.461  -15.487 1.00 26.42 ? 143 ASP A N   1 
ATOM   1097 C CA  . ASP A 1 143 ? -2.554  -6.568  -15.477 1.00 28.35 ? 143 ASP A CA  1 
ATOM   1098 C C   . ASP A 1 143 ? -2.969  -6.794  -14.017 1.00 25.56 ? 143 ASP A C   1 
ATOM   1099 O O   . ASP A 1 143 ? -2.253  -7.480  -13.288 1.00 27.89 ? 143 ASP A O   1 
ATOM   1100 C CB  . ASP A 1 143 ? -2.001  -7.821  -16.152 1.00 31.67 ? 143 ASP A CB  1 
ATOM   1101 C CG  . ASP A 1 143 ? -1.496  -7.541  -17.559 1.00 35.89 ? 143 ASP A CG  1 
ATOM   1102 O OD1 . ASP A 1 143 ? -2.273  -7.129  -18.454 1.00 38.76 ? 143 ASP A OD1 1 
ATOM   1103 O OD2 . ASP A 1 143 ? -0.285  -7.685  -17.814 1.00 37.42 ? 143 ASP A OD2 1 
ATOM   1104 N N   . LYS A 1 144 ? -4.079  -6.210  -13.623 1.00 24.58 ? 144 LYS A N   1 
ATOM   1105 C CA  . LYS A 1 144 ? -4.612  -6.242  -12.269 1.00 23.81 ? 144 LYS A CA  1 
ATOM   1106 C C   . LYS A 1 144 ? -4.854  -7.648  -11.748 1.00 23.94 ? 144 LYS A C   1 
ATOM   1107 O O   . LYS A 1 144 ? -5.268  -8.542  -12.494 1.00 24.20 ? 144 LYS A O   1 
ATOM   1108 C CB  . LYS A 1 144 ? -5.954  -5.460  -12.155 1.00 25.67 ? 144 LYS A CB  1 
ATOM   1109 C CG  . LYS A 1 144 ? -5.854  -3.994  -12.587 1.00 28.48 ? 144 LYS A CG  1 
ATOM   1110 C CD  . LYS A 1 144 ? -7.232  -3.335  -12.520 1.00 29.96 ? 144 LYS A CD  1 
ATOM   1111 C CE  . LYS A 1 144 ? -7.234  -1.899  -13.038 1.00 31.05 ? 144 LYS A CE  1 
ATOM   1112 N NZ  . LYS A 1 144 ? -8.642  -1.347  -12.953 1.00 34.08 ? 144 LYS A NZ  1 
ATOM   1113 N N   . ARG A 1 145 ? -4.567  -7.876  -10.456 1.00 21.92 ? 145 ARG A N   1 
ATOM   1114 C CA  . ARG A 1 145 ? -4.794  -9.212  -9.884  1.00 19.35 ? 145 ARG A CA  1 
ATOM   1115 C C   . ARG A 1 145 ? -5.095  -9.087  -8.378  1.00 20.76 ? 145 ARG A C   1 
ATOM   1116 O O   . ARG A 1 145 ? -4.714  -8.068  -7.812  1.00 19.97 ? 145 ARG A O   1 
ATOM   1117 C CB  . ARG A 1 145 ? -3.547  -10.049 -10.117 1.00 20.52 ? 145 ARG A CB  1 
ATOM   1118 C CG  . ARG A 1 145 ? -2.278  -9.599  -9.420  1.00 17.71 ? 145 ARG A CG  1 
ATOM   1119 C CD  . ARG A 1 145 ? -1.094  -10.529 -9.660  1.00 18.41 ? 145 ARG A CD  1 
ATOM   1120 N NE  . ARG A 1 145 ? 0.103   -9.997  -8.998  1.00 17.67 ? 145 ARG A NE  1 
ATOM   1121 C CZ  . ARG A 1 145 ? 1.238   -10.693 -8.862  1.00 18.41 ? 145 ARG A CZ  1 
ATOM   1122 N NH1 . ARG A 1 145 ? 1.370   -11.933 -9.363  1.00 19.78 ? 145 ARG A NH1 1 
ATOM   1123 N NH2 . ARG A 1 145 ? 2.257   -10.106 -8.241  1.00 18.57 ? 145 ARG A NH2 1 
ATOM   1124 N N   . SER A 1 146 ? -5.659  -10.141 -7.811  1.00 19.20 ? 146 SER A N   1 
ATOM   1125 C CA  . SER A 1 146 ? -5.987  -10.159 -6.391  1.00 20.59 ? 146 SER A CA  1 
ATOM   1126 C C   . SER A 1 146 ? -5.226  -11.197 -5.587  1.00 22.00 ? 146 SER A C   1 
ATOM   1127 O O   . SER A 1 146 ? -5.559  -11.424 -4.413  1.00 22.52 ? 146 SER A O   1 
ATOM   1128 C CB  . SER A 1 146 ? -7.499  -10.403 -6.247  1.00 25.52 ? 146 SER A CB  1 
ATOM   1129 O OG  . SER A 1 146 ? -8.116  -9.174  -6.652  1.00 28.37 ? 146 SER A OG  1 
ATOM   1130 N N   . SER A 1 147 ? -4.293  -11.910 -6.226  1.00 19.22 ? 147 SER A N   1 
ATOM   1131 C CA  . SER A 1 147 ? -3.472  -12.892 -5.529  1.00 19.68 ? 147 SER A CA  1 
ATOM   1132 C C   . SER A 1 147 ? -2.140  -13.078 -6.252  1.00 18.91 ? 147 SER A C   1 
ATOM   1133 O O   . SER A 1 147 ? -2.085  -12.885 -7.482  1.00 19.50 ? 147 SER A O   1 
ATOM   1134 C CB  . SER A 1 147 ? -4.132  -14.274 -5.426  1.00 23.54 ? 147 SER A CB  1 
ATOM   1135 O OG  . SER A 1 147 ? -4.243  -14.852 -6.738  1.00 25.20 ? 147 SER A OG  1 
ATOM   1136 N N   . GLY A 1 148 ? -1.073  -13.347 -5.495  1.00 16.92 ? 148 GLY A N   1 
ATOM   1137 C CA  . GLY A 1 148 ? 0.198   -13.638 -6.199  1.00 17.93 ? 148 GLY A CA  1 
ATOM   1138 C C   . GLY A 1 148 ? 1.398   -13.292 -5.309  1.00 17.25 ? 148 GLY A C   1 
ATOM   1139 O O   . GLY A 1 148 ? 1.198   -12.985 -4.149  1.00 15.50 ? 148 GLY A O   1 
ATOM   1140 N N   . THR A 1 149 ? 2.597   -13.292 -5.934  1.00 16.78 ? 149 THR A N   1 
ATOM   1141 C CA  . THR A 1 149 ? 3.785   -12.957 -5.159  1.00 18.77 ? 149 THR A CA  1 
ATOM   1142 C C   . THR A 1 149 ? 4.400   -11.691 -5.741  1.00 17.88 ? 149 THR A C   1 
ATOM   1143 O O   . THR A 1 149 ? 4.458   -11.620 -6.976  1.00 19.51 ? 149 THR A O   1 
ATOM   1144 C CB  . THR A 1 149 ? 4.839   -14.104 -5.145  1.00 22.22 ? 149 THR A CB  1 
ATOM   1145 O OG1 . THR A 1 149 ? 4.191   -15.273 -4.613  1.00 24.30 ? 149 THR A OG1 1 
ATOM   1146 C CG2 . THR A 1 149 ? 6.022   -13.721 -4.272  1.00 23.72 ? 149 THR A CG2 1 
ATOM   1147 N N   . VAL A 1 150 ? 4.790   -10.789 -4.866  1.00 18.33 ? 150 VAL A N   1 
ATOM   1148 C CA  . VAL A 1 150 ? 5.472   -9.537  -5.254  1.00 17.37 ? 150 VAL A CA  1 
ATOM   1149 C C   . VAL A 1 150 ? 6.925   -9.620  -4.779  1.00 16.14 ? 150 VAL A C   1 
ATOM   1150 O O   . VAL A 1 150 ? 7.100   -9.790  -3.546  1.00 19.38 ? 150 VAL A O   1 
ATOM   1151 C CB  . VAL A 1 150 ? 4.820   -8.289  -4.662  1.00 17.77 ? 150 VAL A CB  1 
ATOM   1152 C CG1 . VAL A 1 150 ? 5.642   -6.994  -4.834  1.00 19.25 ? 150 VAL A CG1 1 
ATOM   1153 C CG2 . VAL A 1 150 ? 3.409   -8.053  -5.245  1.00 20.57 ? 150 VAL A CG2 1 
ATOM   1154 N N   . GLN A 1 151 ? 7.917   -9.575  -5.650  1.00 17.23 ? 151 GLN A N   1 
ATOM   1155 C CA  . GLN A 1 151 ? 9.326   -9.486  -5.261  1.00 18.79 ? 151 GLN A CA  1 
ATOM   1156 C C   . GLN A 1 151 ? 9.626   -7.993  -5.198  1.00 18.08 ? 151 GLN A C   1 
ATOM   1157 O O   . GLN A 1 151 ? 9.773   -7.342  -6.236  1.00 18.50 ? 151 GLN A O   1 
ATOM   1158 C CB  . GLN A 1 151 ? 10.231  -10.152 -6.317  1.00 20.31 ? 151 GLN A CB  1 
ATOM   1159 C CG  . GLN A 1 151 ? 9.932   -11.655 -6.329  1.00 26.29 ? 151 GLN A CG  1 
ATOM   1160 C CD  . GLN A 1 151 ? 10.743  -12.391 -7.371  1.00 32.01 ? 151 GLN A CD  1 
ATOM   1161 O OE1 . GLN A 1 151 ? 11.921  -12.698 -7.136  1.00 36.27 ? 151 GLN A OE1 1 
ATOM   1162 N NE2 . GLN A 1 151 ? 10.121  -12.651 -8.512  1.00 34.32 ? 151 GLN A NE2 1 
ATOM   1163 N N   . THR A 1 152 ? 9.586   -7.424  -3.991  1.00 16.14 ? 152 THR A N   1 
ATOM   1164 C CA  . THR A 1 152 ? 9.723   -5.965  -3.875  1.00 14.73 ? 152 THR A CA  1 
ATOM   1165 C C   . THR A 1 152 ? 11.056  -5.482  -4.468  1.00 16.64 ? 152 THR A C   1 
ATOM   1166 O O   . THR A 1 152 ? 11.078  -4.317  -4.916  1.00 16.99 ? 152 THR A O   1 
ATOM   1167 C CB  . THR A 1 152 ? 9.586   -5.410  -2.470  1.00 13.90 ? 152 THR A CB  1 
ATOM   1168 O OG1 . THR A 1 152 ? 10.692  -5.911  -1.673  1.00 17.02 ? 152 THR A OG1 1 
ATOM   1169 C CG2 . THR A 1 152 ? 8.287   -5.852  -1.736  1.00 15.82 ? 152 THR A CG2 1 
ATOM   1170 N N   . GLY A 1 153 ? 12.077  -6.342  -4.424  1.00 19.34 ? 153 GLY A N   1 
ATOM   1171 C CA  . GLY A 1 153 ? 13.388  -5.872  -4.951  1.00 18.43 ? 153 GLY A CA  1 
ATOM   1172 C C   . GLY A 1 153 ? 13.337  -5.593  -6.445  1.00 19.47 ? 153 GLY A C   1 
ATOM   1173 O O   . GLY A 1 153 ? 14.108  -4.712  -6.885  1.00 21.33 ? 153 GLY A O   1 
ATOM   1174 N N   . CYS A 1 154 ? 12.367  -6.095  -7.192  1.00 18.91 ? 154 CYS A N   1 
ATOM   1175 C CA  . CYS A 1 154 ? 12.264  -5.765  -8.633  1.00 19.93 ? 154 CYS A CA  1 
ATOM   1176 C C   . CYS A 1 154 ? 11.886  -4.319  -8.815  1.00 21.95 ? 154 CYS A C   1 
ATOM   1177 O O   . CYS A 1 154 ? 12.378  -3.582  -9.670  1.00 23.25 ? 154 CYS A O   1 
ATOM   1178 C CB  . CYS A 1 154 ? 11.249  -6.710  -9.268  1.00 20.14 ? 154 CYS A CB  1 
ATOM   1179 S SG  . CYS A 1 154 ? 11.091  -6.559  -11.080 1.00 23.95 ? 154 CYS A SG  1 
ATOM   1180 N N   . HIS A 1 155 ? 11.016  -3.825  -7.928  1.00 19.74 ? 155 HIS A N   1 
ATOM   1181 C CA  . HIS A 1 155 ? 10.529  -2.457  -7.927  1.00 19.52 ? 155 HIS A CA  1 
ATOM   1182 C C   . HIS A 1 155 ? 11.565  -1.493  -7.333  1.00 19.09 ? 155 HIS A C   1 
ATOM   1183 O O   . HIS A 1 155 ? 11.792  -0.446  -7.927  1.00 18.99 ? 155 HIS A O   1 
ATOM   1184 C CB  . HIS A 1 155 ? 9.161   -2.356  -7.202  1.00 18.12 ? 155 HIS A CB  1 
ATOM   1185 C CG  . HIS A 1 155 ? 8.191   -3.310  -7.841  1.00 16.64 ? 155 HIS A CG  1 
ATOM   1186 N ND1 . HIS A 1 155 ? 7.416   -2.948  -8.935  1.00 18.56 ? 155 HIS A ND1 1 
ATOM   1187 C CD2 . HIS A 1 155 ? 7.911   -4.605  -7.522  1.00 18.19 ? 155 HIS A CD2 1 
ATOM   1188 C CE1 . HIS A 1 155 ? 6.682   -4.025  -9.272  1.00 19.02 ? 155 HIS A CE1 1 
ATOM   1189 N NE2 . HIS A 1 155 ? 6.982   -5.034  -8.431  1.00 17.28 ? 155 HIS A NE2 1 
ATOM   1190 N N   . PHE A 1 156 ? 12.212  -1.797  -6.212  1.00 17.93 ? 156 PHE A N   1 
ATOM   1191 C CA  . PHE A 1 156 ? 13.225  -0.881  -5.655  1.00 18.36 ? 156 PHE A CA  1 
ATOM   1192 C C   . PHE A 1 156 ? 14.451  -0.702  -6.590  1.00 21.37 ? 156 PHE A C   1 
ATOM   1193 O O   . PHE A 1 156 ? 14.940  0.420   -6.784  1.00 20.30 ? 156 PHE A O   1 
ATOM   1194 C CB  . PHE A 1 156 ? 13.644  -1.314  -4.238  1.00 19.29 ? 156 PHE A CB  1 
ATOM   1195 C CG  . PHE A 1 156 ? 12.684  -0.869  -3.143  1.00 21.05 ? 156 PHE A CG  1 
ATOM   1196 C CD1 . PHE A 1 156 ? 11.595  -1.655  -2.809  1.00 21.36 ? 156 PHE A CD1 1 
ATOM   1197 C CD2 . PHE A 1 156 ? 12.816  0.331   -2.506  1.00 22.66 ? 156 PHE A CD2 1 
ATOM   1198 C CE1 . PHE A 1 156 ? 10.707  -1.265  -1.805  1.00 21.07 ? 156 PHE A CE1 1 
ATOM   1199 C CE2 . PHE A 1 156 ? 11.922  0.763   -1.525  1.00 23.01 ? 156 PHE A CE2 1 
ATOM   1200 C CZ  . PHE A 1 156 ? 10.876  -0.068  -1.170  1.00 20.89 ? 156 PHE A CZ  1 
ATOM   1201 N N   . ASP A 1 157 ? 14.795  -1.755  -7.324  1.00 21.32 ? 157 ASP A N   1 
ATOM   1202 C CA  . ASP A 1 157 ? 15.915  -1.623  -8.294  1.00 24.28 ? 157 ASP A CA  1 
ATOM   1203 C C   . ASP A 1 157 ? 15.501  -0.774  -9.475  1.00 24.88 ? 157 ASP A C   1 
ATOM   1204 O O   . ASP A 1 157 ? 16.316  0.011   -10.023 1.00 25.87 ? 157 ASP A O   1 
ATOM   1205 C CB  . ASP A 1 157 ? 16.343  -3.022  -8.731  1.00 25.80 ? 157 ASP A CB  1 
ATOM   1206 C CG  . ASP A 1 157 ? 17.148  -3.762  -7.691  1.00 29.46 ? 157 ASP A CG  1 
ATOM   1207 O OD1 . ASP A 1 157 ? 17.545  -3.277  -6.619  1.00 31.44 ? 157 ASP A OD1 1 
ATOM   1208 O OD2 . ASP A 1 157 ? 17.441  -4.956  -7.981  1.00 33.17 ? 157 ASP A OD2 1 
ATOM   1209 N N   . ALA A 1 158 ? 14.242  -0.886  -9.928  1.00 23.15 ? 158 ALA A N   1 
ATOM   1210 C CA  . ALA A 1 158 ? 13.730  -0.067  -11.022 1.00 23.89 ? 158 ALA A CA  1 
ATOM   1211 C C   . ALA A 1 158 ? 13.695  1.411   -10.635 1.00 25.17 ? 158 ALA A C   1 
ATOM   1212 O O   . ALA A 1 158 ? 14.022  2.341   -11.413 1.00 25.86 ? 158 ALA A O   1 
ATOM   1213 C CB  . ALA A 1 158 ? 12.319  -0.479  -11.455 1.00 26.23 ? 158 ALA A CB  1 
ATOM   1214 N N   . TRP A 1 159 ? 13.214  1.713   -9.425  1.00 22.68 ? 159 TRP A N   1 
ATOM   1215 C CA  . TRP A 1 159 ? 13.204  3.072   -8.911  1.00 21.52 ? 159 TRP A CA  1 
ATOM   1216 C C   . TRP A 1 159 ? 14.648  3.590   -8.821  1.00 23.52 ? 159 TRP A C   1 
ATOM   1217 O O   . TRP A 1 159 ? 14.825  4.788   -9.126  1.00 25.46 ? 159 TRP A O   1 
ATOM   1218 C CB  . TRP A 1 159 ? 12.533  3.183   -7.513  1.00 21.95 ? 159 TRP A CB  1 
ATOM   1219 C CG  . TRP A 1 159 ? 11.033  2.997   -7.581  1.00 20.22 ? 159 TRP A CG  1 
ATOM   1220 C CD1 . TRP A 1 159 ? 10.196  3.395   -8.573  1.00 21.29 ? 159 TRP A CD1 1 
ATOM   1221 C CD2 . TRP A 1 159 ? 10.184  2.453   -6.541  1.00 20.28 ? 159 TRP A CD2 1 
ATOM   1222 N NE1 . TRP A 1 159 ? 8.887   3.093   -8.258  1.00 21.21 ? 159 TRP A NE1 1 
ATOM   1223 C CE2 . TRP A 1 159 ? 8.871   2.499   -7.010  1.00 20.37 ? 159 TRP A CE2 1 
ATOM   1224 C CE3 . TRP A 1 159 ? 10.442  1.907   -5.300  1.00 19.52 ? 159 TRP A CE3 1 
ATOM   1225 C CZ2 . TRP A 1 159 ? 7.736   2.039   -6.305  1.00 18.33 ? 159 TRP A CZ2 1 
ATOM   1226 C CZ3 . TRP A 1 159 ? 9.350   1.435   -4.553  1.00 17.24 ? 159 TRP A CZ3 1 
ATOM   1227 C CH2 . TRP A 1 159 ? 8.045   1.502   -5.056  1.00 17.80 ? 159 TRP A CH2 1 
ATOM   1228 N N   . ALA A 1 160 ? 15.607  2.782   -8.418  1.00 22.30 ? 160 ALA A N   1 
ATOM   1229 C CA  . ALA A 1 160 ? 17.007  3.208   -8.257  1.00 25.32 ? 160 ALA A CA  1 
ATOM   1230 C C   . ALA A 1 160 ? 17.660  3.510   -9.618  1.00 27.79 ? 160 ALA A C   1 
ATOM   1231 O O   . ALA A 1 160 ? 18.345  4.529   -9.789  1.00 27.72 ? 160 ALA A O   1 
ATOM   1232 C CB  . ALA A 1 160 ? 17.852  2.156   -7.566  1.00 24.58 ? 160 ALA A CB  1 
ATOM   1233 N N   . SER A 1 161 ? 17.294  2.694   -10.586 1.00 29.07 ? 161 SER A N   1 
ATOM   1234 C CA  . SER A 1 161 ? 17.764  2.848   -11.957 1.00 32.83 ? 161 SER A CA  1 
ATOM   1235 C C   . SER A 1 161 ? 17.158  4.080   -12.599 1.00 33.11 ? 161 SER A C   1 
ATOM   1236 O O   . SER A 1 161 ? 17.804  4.659   -13.490 1.00 33.29 ? 161 SER A O   1 
ATOM   1237 C CB  . SER A 1 161 ? 17.451  1.610   -12.786 1.00 34.98 ? 161 SER A CB  1 
ATOM   1238 O OG  . SER A 1 161 ? 18.388  0.573   -12.483 1.00 40.55 ? 161 SER A OG  1 
ATOM   1239 N N   . ALA A 1 162 ? 15.997  4.558   -12.144 1.00 31.52 ? 162 ALA A N   1 
ATOM   1240 C CA  . ALA A 1 162 ? 15.357  5.753   -12.619 1.00 32.51 ? 162 ALA A CA  1 
ATOM   1241 C C   . ALA A 1 162 ? 15.886  7.021   -11.959 1.00 32.58 ? 162 ALA A C   1 
ATOM   1242 O O   . ALA A 1 162 ? 15.315  8.094   -12.206 1.00 34.61 ? 162 ALA A O   1 
ATOM   1243 C CB  . ALA A 1 162 ? 13.843  5.738   -12.321 1.00 32.32 ? 162 ALA A CB  1 
ATOM   1244 N N   . GLY A 1 163 ? 16.823  6.897   -11.054 1.00 32.05 ? 163 GLY A N   1 
ATOM   1245 C CA  . GLY A 1 163 ? 17.436  8.010   -10.343 1.00 29.90 ? 163 GLY A CA  1 
ATOM   1246 C C   . GLY A 1 163 ? 16.933  8.274   -8.939  1.00 31.08 ? 163 GLY A C   1 
ATOM   1247 O O   . GLY A 1 163 ? 17.461  9.168   -8.261  1.00 30.78 ? 163 GLY A O   1 
ATOM   1248 N N   . LEU A 1 164 ? 15.972  7.488   -8.433  1.00 25.38 ? 164 LEU A N   1 
ATOM   1249 C CA  . LEU A 1 164 ? 15.390  7.766   -7.117  1.00 26.08 ? 164 LEU A CA  1 
ATOM   1250 C C   . LEU A 1 164 ? 16.222  7.175   -5.995  1.00 24.70 ? 164 LEU A C   1 
ATOM   1251 O O   . LEU A 1 164 ? 16.892  6.154   -6.185  1.00 25.38 ? 164 LEU A O   1 
ATOM   1252 C CB  . LEU A 1 164 ? 13.947  7.203   -7.024  1.00 23.59 ? 164 LEU A CB  1 
ATOM   1253 C CG  . LEU A 1 164 ? 12.988  7.550   -8.169  1.00 25.33 ? 164 LEU A CG  1 
ATOM   1254 C CD1 . LEU A 1 164 ? 11.563  6.988   -8.066  1.00 25.51 ? 164 LEU A CD1 1 
ATOM   1255 C CD2 . LEU A 1 164 ? 12.875  9.070   -8.300  1.00 25.97 ? 164 LEU A CD2 1 
ATOM   1256 N N   . ASN A 1 165 ? 16.153  7.763   -4.803  1.00 23.22 ? 165 ASN A N   1 
ATOM   1257 C CA  . ASN A 1 165 ? 16.971  7.240   -3.715  1.00 24.35 ? 165 ASN A CA  1 
ATOM   1258 C C   . ASN A 1 165 ? 16.215  6.147   -2.979  1.00 22.96 ? 165 ASN A C   1 
ATOM   1259 O O   . ASN A 1 165 ? 15.121  6.408   -2.476  1.00 22.51 ? 165 ASN A O   1 
ATOM   1260 C CB  . ASN A 1 165 ? 17.369  8.353   -2.737  1.00 28.22 ? 165 ASN A CB  1 
ATOM   1261 C CG  . ASN A 1 165 ? 18.427  7.908   -1.739  1.00 31.94 ? 165 ASN A CG  1 
ATOM   1262 O OD1 . ASN A 1 165 ? 18.154  7.253   -0.755  1.00 32.07 ? 165 ASN A OD1 1 
ATOM   1263 N ND2 . ASN A 1 165 ? 19.709  8.236   -1.958  1.00 35.97 ? 165 ASN A ND2 1 
ATOM   1264 N N   . VAL A 1 166 ? 16.865  5.020   -2.793  1.00 22.82 ? 166 VAL A N   1 
ATOM   1265 C CA  . VAL A 1 166 ? 16.194  3.895   -2.110  1.00 24.14 ? 166 VAL A CA  1 
ATOM   1266 C C   . VAL A 1 166 ? 17.035  3.417   -0.940  1.00 23.34 ? 166 VAL A C   1 
ATOM   1267 O O   . VAL A 1 166 ? 16.957  2.257   -0.499  1.00 24.83 ? 166 VAL A O   1 
ATOM   1268 C CB  . VAL A 1 166 ? 15.878  2.762   -3.091  1.00 25.41 ? 166 VAL A CB  1 
ATOM   1269 C CG1 . VAL A 1 166 ? 14.961  3.153   -4.246  1.00 26.32 ? 166 VAL A CG1 1 
ATOM   1270 C CG2 . VAL A 1 166 ? 17.138  2.247   -3.807  1.00 26.93 ? 166 VAL A CG2 1 
ATOM   1271 N N   . THR A 1 167 ? 17.844  4.298   -0.342  1.00 23.31 ? 167 THR A N   1 
ATOM   1272 C CA  . THR A 1 167 ? 18.637  3.855   0.812   1.00 24.02 ? 167 THR A CA  1 
ATOM   1273 C C   . THR A 1 167 ? 18.194  4.378   2.149   1.00 23.18 ? 167 THR A C   1 
ATOM   1274 O O   . THR A 1 167 ? 18.930  4.359   3.149   1.00 24.72 ? 167 THR A O   1 
ATOM   1275 C CB  . THR A 1 167 ? 20.119  4.220   0.560   1.00 28.72 ? 167 THR A CB  1 
ATOM   1276 O OG1 . THR A 1 167 ? 20.018  5.582   0.179   1.00 31.82 ? 167 THR A OG1 1 
ATOM   1277 C CG2 . THR A 1 167 ? 20.646  3.226   -0.489  1.00 28.96 ? 167 THR A CG2 1 
ATOM   1278 N N   . GLY A 1 168 ? 16.913  4.812   2.203   1.00 20.68 ? 168 GLY A N   1 
ATOM   1279 C CA  . GLY A 1 168 ? 16.323  5.271   3.432   1.00 19.71 ? 168 GLY A CA  1 
ATOM   1280 C C   . GLY A 1 168 ? 16.194  4.168   4.464   1.00 19.46 ? 168 GLY A C   1 
ATOM   1281 O O   . GLY A 1 168 ? 16.332  2.934   4.237   1.00 21.64 ? 168 GLY A O   1 
ATOM   1282 N N   . ASP A 1 169 ? 15.983  4.570   5.708   1.00 18.67 ? 169 ASP A N   1 
ATOM   1283 C CA  . ASP A 1 169 ? 15.728  3.692   6.836   1.00 21.37 ? 169 ASP A CA  1 
ATOM   1284 C C   . ASP A 1 169 ? 14.234  3.302   6.832   1.00 18.18 ? 169 ASP A C   1 
ATOM   1285 O O   . ASP A 1 169 ? 13.306  4.110   6.970   1.00 16.98 ? 169 ASP A O   1 
ATOM   1286 C CB  . ASP A 1 169 ? 16.076  4.386   8.150   1.00 24.12 ? 169 ASP A CB  1 
ATOM   1287 C CG  . ASP A 1 169 ? 17.595  4.681   8.168   1.00 30.74 ? 169 ASP A CG  1 
ATOM   1288 O OD1 . ASP A 1 169 ? 18.377  3.742   7.874   1.00 33.82 ? 169 ASP A OD1 1 
ATOM   1289 O OD2 . ASP A 1 169 ? 17.925  5.827   8.464   1.00 32.85 ? 169 ASP A OD2 1 
ATOM   1290 N N   . HIS A 1 170 ? 13.949  2.028   6.651   1.00 18.14 ? 170 HIS A N   1 
ATOM   1291 C CA  . HIS A 1 170 ? 12.550  1.579   6.565   1.00 17.66 ? 170 HIS A CA  1 
ATOM   1292 C C   . HIS A 1 170 ? 11.745  1.634   7.837   1.00 18.03 ? 170 HIS A C   1 
ATOM   1293 O O   . HIS A 1 170 ? 12.150  1.314   8.970   1.00 18.74 ? 170 HIS A O   1 
ATOM   1294 C CB  . HIS A 1 170 ? 12.577  0.084   6.114   1.00 17.26 ? 170 HIS A CB  1 
ATOM   1295 C CG  . HIS A 1 170 ? 12.654  -0.083  4.623   1.00 17.93 ? 170 HIS A CG  1 
ATOM   1296 N ND1 . HIS A 1 170 ? 13.872  -0.168  3.945   1.00 22.46 ? 170 HIS A ND1 1 
ATOM   1297 C CD2 . HIS A 1 170 ? 11.722  -0.209  3.678   1.00 16.89 ? 170 HIS A CD2 1 
ATOM   1298 C CE1 . HIS A 1 170 ? 13.667  -0.287  2.658   1.00 16.91 ? 170 HIS A CE1 1 
ATOM   1299 N NE2 . HIS A 1 170 ? 12.351  -0.332  2.467   1.00 22.31 ? 170 HIS A NE2 1 
ATOM   1300 N N   . TYR A 1 171 ? 10.482  2.075   7.624   1.00 16.50 ? 171 TYR A N   1 
ATOM   1301 C CA  . TYR A 1 171 ? 9.474   1.927   8.689   1.00 16.00 ? 171 TYR A CA  1 
ATOM   1302 C C   . TYR A 1 171 ? 8.607   0.709   8.316   1.00 16.14 ? 171 TYR A C   1 
ATOM   1303 O O   . TYR A 1 171 ? 9.220   -0.279  7.852   1.00 15.36 ? 171 TYR A O   1 
ATOM   1304 C CB  . TYR A 1 171 ? 8.653   3.209   8.793   1.00 18.52 ? 171 TYR A CB  1 
ATOM   1305 C CG  . TYR A 1 171 ? 7.759   3.323   10.008  1.00 22.19 ? 171 TYR A CG  1 
ATOM   1306 C CD1 . TYR A 1 171 ? 8.182   2.880   11.265  1.00 26.83 ? 171 TYR A CD1 1 
ATOM   1307 C CD2 . TYR A 1 171 ? 6.518   3.915   9.926   1.00 25.12 ? 171 TYR A CD2 1 
ATOM   1308 C CE1 . TYR A 1 171 ? 7.374   2.989   12.379  1.00 28.94 ? 171 TYR A CE1 1 
ATOM   1309 C CE2 . TYR A 1 171 ? 5.696   4.031   11.044  1.00 27.16 ? 171 TYR A CE2 1 
ATOM   1310 C CZ  . TYR A 1 171 ? 6.124   3.566   12.258  1.00 29.59 ? 171 TYR A CZ  1 
ATOM   1311 O OH  . TYR A 1 171 ? 5.316   3.674   13.385  1.00 32.68 ? 171 TYR A OH  1 
ATOM   1312 N N   . TYR A 1 172 ? 7.262   0.735   8.441   1.00 12.83 ? 172 TYR A N   1 
ATOM   1313 C CA  . TYR A 1 172 ? 6.507   -0.507  8.106   1.00 13.51 ? 172 TYR A CA  1 
ATOM   1314 C C   . TYR A 1 172 ? 6.357   -0.690  6.580   1.00 13.07 ? 172 TYR A C   1 
ATOM   1315 O O   . TYR A 1 172 ? 6.591   0.183   5.764   1.00 14.11 ? 172 TYR A O   1 
ATOM   1316 C CB  . TYR A 1 172 ? 5.103   -0.458  8.722   1.00 13.75 ? 172 TYR A CB  1 
ATOM   1317 C CG  . TYR A 1 172 ? 4.171   0.687   8.364   1.00 14.25 ? 172 TYR A CG  1 
ATOM   1318 C CD1 . TYR A 1 172 ? 3.576   0.755   7.106   1.00 13.18 ? 172 TYR A CD1 1 
ATOM   1319 C CD2 . TYR A 1 172 ? 3.843   1.649   9.297   1.00 17.50 ? 172 TYR A CD2 1 
ATOM   1320 C CE1 . TYR A 1 172 ? 2.708   1.810   6.809   1.00 16.14 ? 172 TYR A CE1 1 
ATOM   1321 C CE2 . TYR A 1 172 ? 2.989   2.709   9.008   1.00 18.18 ? 172 TYR A CE2 1 
ATOM   1322 C CZ  . TYR A 1 172 ? 2.410   2.753   7.770   1.00 16.50 ? 172 TYR A CZ  1 
ATOM   1323 O OH  . TYR A 1 172 ? 1.577   3.798   7.358   1.00 19.03 ? 172 TYR A OH  1 
ATOM   1324 N N   . GLN A 1 173 ? 5.927   -1.924  6.256   1.00 11.11 ? 173 GLN A N   1 
ATOM   1325 C CA  . GLN A 1 173 ? 5.796   -2.460  4.883   1.00 11.01 ? 173 GLN A CA  1 
ATOM   1326 C C   . GLN A 1 173 ? 4.603   -3.409  4.922   1.00 12.92 ? 173 GLN A C   1 
ATOM   1327 O O   . GLN A 1 173 ? 4.700   -4.441  5.583   1.00 12.00 ? 173 GLN A O   1 
ATOM   1328 C CB  . GLN A 1 173 ? 7.086   -3.194  4.511   1.00 13.10 ? 173 GLN A CB  1 
ATOM   1329 C CG  . GLN A 1 173 ? 6.985   -3.896  3.117   1.00 14.07 ? 173 GLN A CG  1 
ATOM   1330 C CD  . GLN A 1 173 ? 8.404   -4.355  2.733   1.00 16.48 ? 173 GLN A CD  1 
ATOM   1331 O OE1 . GLN A 1 173 ? 8.925   -5.297  3.371   1.00 15.87 ? 173 GLN A OE1 1 
ATOM   1332 N NE2 . GLN A 1 173 ? 8.955   -3.698  1.713   1.00 15.80 ? 173 GLN A NE2 1 
ATOM   1333 N N   . ILE A 1 174 ? 3.459   -2.962  4.403   1.00 12.14 ? 174 ILE A N   1 
ATOM   1334 C CA  . ILE A 1 174 ? 2.227   -3.788  4.581   1.00 12.53 ? 174 ILE A CA  1 
ATOM   1335 C C   . ILE A 1 174 ? 1.548   -3.969  3.216   1.00 12.20 ? 174 ILE A C   1 
ATOM   1336 O O   . ILE A 1 174 ? 1.842   -3.309  2.219   1.00 13.57 ? 174 ILE A O   1 
ATOM   1337 C CB  . ILE A 1 174 ? 1.186   -3.091  5.508   1.00 13.21 ? 174 ILE A CB  1 
ATOM   1338 C CG1 . ILE A 1 174 ? 0.814   -1.657  5.049   1.00 12.73 ? 174 ILE A CG1 1 
ATOM   1339 C CG2 . ILE A 1 174 ? 1.792   -2.973  6.938   1.00 14.84 ? 174 ILE A CG2 1 
ATOM   1340 C CD1 . ILE A 1 174 ? -0.369  -1.050  5.808   1.00 16.17 ? 174 ILE A CD1 1 
ATOM   1341 N N   . VAL A 1 175 ? 0.638   -4.934  3.153   1.00 11.21 ? 175 VAL A N   1 
ATOM   1342 C CA  . VAL A 1 175 ? -0.209  -5.127  1.980   1.00 11.91 ? 175 VAL A CA  1 
ATOM   1343 C C   . VAL A 1 175 ? -1.507  -4.421  2.349   1.00 12.57 ? 175 VAL A C   1 
ATOM   1344 O O   . VAL A 1 175 ? -2.285  -4.886  3.193   1.00 14.98 ? 175 VAL A O   1 
ATOM   1345 C CB  . VAL A 1 175 ? -0.514  -6.586  1.575   1.00 12.63 ? 175 VAL A CB  1 
ATOM   1346 C CG1 . VAL A 1 175 ? -1.430  -6.678  0.393   1.00 13.46 ? 175 VAL A CG1 1 
ATOM   1347 C CG2 . VAL A 1 175 ? 0.811   -7.344  1.382   1.00 17.20 ? 175 VAL A CG2 1 
ATOM   1348 N N   . ALA A 1 176 ? -1.729  -3.211  1.801   1.00 11.58 ? 176 ALA A N   1 
ATOM   1349 C CA  . ALA A 1 176 ? -2.810  -2.366  2.261   1.00 11.94 ? 176 ALA A CA  1 
ATOM   1350 C C   . ALA A 1 176 ? -3.989  -2.269  1.303   1.00 12.05 ? 176 ALA A C   1 
ATOM   1351 O O   . ALA A 1 176 ? -3.772  -2.355  0.079   1.00 12.75 ? 176 ALA A O   1 
ATOM   1352 C CB  . ALA A 1 176 ? -2.221  -0.913  2.211   1.00 13.22 ? 176 ALA A CB  1 
ATOM   1353 N N   . THR A 1 177 ? -5.166  -2.178  1.883   1.00 11.61 ? 177 THR A N   1 
ATOM   1354 C CA  . THR A 1 177 ? -6.405  -1.910  1.110   1.00 12.31 ? 177 THR A CA  1 
ATOM   1355 C C   . THR A 1 177 ? -6.804  -0.475  1.401   1.00 14.25 ? 177 THR A C   1 
ATOM   1356 O O   . THR A 1 177 ? -6.855  -0.088  2.575   1.00 14.44 ? 177 THR A O   1 
ATOM   1357 C CB  . THR A 1 177 ? -7.496  -2.889  1.585   1.00 14.87 ? 177 THR A CB  1 
ATOM   1358 O OG1 . THR A 1 177 ? -7.158  -4.216  1.211   1.00 14.27 ? 177 THR A OG1 1 
ATOM   1359 C CG2 . THR A 1 177 ? -8.817  -2.504  0.861   1.00 14.22 ? 177 THR A CG2 1 
ATOM   1360 N N   . GLU A 1 178 ? -7.080  0.338   0.377   1.00 13.35 ? 178 GLU A N   1 
ATOM   1361 C CA  . GLU A 1 178 ? -7.486  1.715   0.600   1.00 14.73 ? 178 GLU A CA  1 
ATOM   1362 C C   . GLU A 1 178 ? -8.835  2.008   -0.095  1.00 16.06 ? 178 GLU A C   1 
ATOM   1363 O O   . GLU A 1 178 ? -9.096  1.309   -1.068  1.00 16.12 ? 178 GLU A O   1 
ATOM   1364 C CB  . GLU A 1 178 ? -6.432  2.642   -0.048  1.00 14.56 ? 178 GLU A CB  1 
ATOM   1365 C CG  . GLU A 1 178 ? -6.746  4.155   0.100   1.00 16.98 ? 178 GLU A CG  1 
ATOM   1366 C CD  . GLU A 1 178 ? -7.364  4.816   -1.116  1.00 23.43 ? 178 GLU A CD  1 
ATOM   1367 O OE1 . GLU A 1 178 ? -7.902  4.150   -2.005  1.00 21.70 ? 178 GLU A OE1 1 
ATOM   1368 O OE2 . GLU A 1 178 ? -7.360  6.086   -1.193  1.00 26.64 ? 178 GLU A OE2 1 
ATOM   1369 N N   . GLY A 1 179 ? -9.629  2.819   0.575   1.00 17.08 ? 179 GLY A N   1 
ATOM   1370 C CA  . GLY A 1 179 ? -10.940 3.208   -0.074  1.00 18.49 ? 179 GLY A CA  1 
ATOM   1371 C C   . GLY A 1 179 ? -10.988 4.745   -0.096  1.00 18.77 ? 179 GLY A C   1 
ATOM   1372 O O   . GLY A 1 179 ? -10.496 5.369   0.847   1.00 19.83 ? 179 GLY A O   1 
ATOM   1373 N N   . TYR A 1 180 ? -11.561 5.332   -1.182  1.00 19.87 ? 180 TYR A N   1 
ATOM   1374 C CA  . TYR A 1 180 ? -11.551 6.812   -1.211  1.00 21.00 ? 180 TYR A CA  1 
ATOM   1375 C C   . TYR A 1 180 ? -12.955 7.304   -1.669  1.00 21.44 ? 180 TYR A C   1 
ATOM   1376 O O   . TYR A 1 180 ? -13.260 7.168   -2.832  1.00 21.82 ? 180 TYR A O   1 
ATOM   1377 C CB  . TYR A 1 180 ? -10.477 7.263   -2.207  1.00 23.58 ? 180 TYR A CB  1 
ATOM   1378 C CG  . TYR A 1 180 ? -10.305 8.773   -2.235  1.00 27.32 ? 180 TYR A CG  1 
ATOM   1379 C CD1 . TYR A 1 180 ? -9.614  9.412   -1.222  1.00 30.53 ? 180 TYR A CD1 1 
ATOM   1380 C CD2 . TYR A 1 180 ? -10.845 9.518   -3.276  1.00 31.40 ? 180 TYR A CD2 1 
ATOM   1381 C CE1 . TYR A 1 180 ? -9.436  10.793  -1.223  1.00 33.15 ? 180 TYR A CE1 1 
ATOM   1382 C CE2 . TYR A 1 180 ? -10.681 10.907  -3.288  1.00 33.26 ? 180 TYR A CE2 1 
ATOM   1383 C CZ  . TYR A 1 180 ? -9.977  11.503  -2.268  1.00 34.83 ? 180 TYR A CZ  1 
ATOM   1384 O OH  . TYR A 1 180 ? -9.849  12.884  -2.279  1.00 40.52 ? 180 TYR A OH  1 
ATOM   1385 N N   . PHE A 1 181 ? -13.755 7.705   -0.704  1.00 20.51 ? 181 PHE A N   1 
ATOM   1386 C CA  . PHE A 1 181 ? -15.110 8.188   -0.947  1.00 23.18 ? 181 PHE A CA  1 
ATOM   1387 C C   . PHE A 1 181 ? -15.899 7.245   -1.817  1.00 23.81 ? 181 PHE A C   1 
ATOM   1388 O O   . PHE A 1 181 ? -16.494 7.596   -2.851  1.00 22.09 ? 181 PHE A O   1 
ATOM   1389 C CB  . PHE A 1 181 ? -15.030 9.597   -1.597  1.00 25.31 ? 181 PHE A CB  1 
ATOM   1390 C CG  . PHE A 1 181 ? -14.441 10.571  -0.592  1.00 26.90 ? 181 PHE A CG  1 
ATOM   1391 C CD1 . PHE A 1 181 ? -15.228 11.208  0.331   1.00 27.27 ? 181 PHE A CD1 1 
ATOM   1392 C CD2 . PHE A 1 181 ? -13.058 10.773  -0.565  1.00 27.55 ? 181 PHE A CD2 1 
ATOM   1393 C CE1 . PHE A 1 181 ? -14.662 12.083  1.234   1.00 29.37 ? 181 PHE A CE1 1 
ATOM   1394 C CE2 . PHE A 1 181 ? -12.488 11.638  0.345   1.00 29.41 ? 181 PHE A CE2 1 
ATOM   1395 C CZ  . PHE A 1 181 ? -13.298 12.302  1.254   1.00 31.18 ? 181 PHE A CZ  1 
ATOM   1396 N N   . SER A 1 182 ? -15.952 5.952   -1.386  1.00 20.91 ? 182 SER A N   1 
ATOM   1397 C CA  . SER A 1 182 ? -16.718 4.937   -2.082  1.00 21.57 ? 182 SER A CA  1 
ATOM   1398 C C   . SER A 1 182 ? -16.785 3.724   -1.166  1.00 22.39 ? 182 SER A C   1 
ATOM   1399 O O   . SER A 1 182 ? -15.959 3.727   -0.215  1.00 24.72 ? 182 SER A O   1 
ATOM   1400 C CB  . SER A 1 182 ? -16.215 4.560   -3.467  1.00 26.63 ? 182 SER A CB  1 
ATOM   1401 O OG  . SER A 1 182 ? -14.807 4.485   -3.341  1.00 32.26 ? 182 SER A OG  1 
ATOM   1402 N N   . SER A 1 183 ? -17.680 2.777   -1.384  1.00 17.96 ? 183 SER A N   1 
ATOM   1403 C CA  . SER A 1 183 ? -17.789 1.656   -0.448  1.00 18.83 ? 183 SER A CA  1 
ATOM   1404 C C   . SER A 1 183 ? -17.064 0.422   -0.941  1.00 18.97 ? 183 SER A C   1 
ATOM   1405 O O   . SER A 1 183 ? -16.546 0.417   -2.054  1.00 19.77 ? 183 SER A O   1 
ATOM   1406 C CB  . SER A 1 183 ? -19.311 1.425   -0.249  1.00 20.38 ? 183 SER A CB  1 
ATOM   1407 O OG  . SER A 1 183 ? -19.927 0.813   -1.370  1.00 21.91 ? 183 SER A OG  1 
ATOM   1408 N N   . GLY A 1 184 ? -16.906 -0.595  -0.054  1.00 19.00 ? 184 GLY A N   1 
ATOM   1409 C CA  . GLY A 1 184 ? -16.185 -1.802  -0.571  1.00 16.82 ? 184 GLY A CA  1 
ATOM   1410 C C   . GLY A 1 184 ? -16.098 -2.857  0.544   1.00 16.01 ? 184 GLY A C   1 
ATOM   1411 O O   . GLY A 1 184 ? -16.497 -2.670  1.686   1.00 16.56 ? 184 GLY A O   1 
ATOM   1412 N N   . TYR A 1 185 ? -15.425 -3.953  0.172   1.00 15.24 ? 185 TYR A N   1 
ATOM   1413 C CA  . TYR A 1 185 ? -15.141 -5.020  1.122   1.00 15.07 ? 185 TYR A CA  1 
ATOM   1414 C C   . TYR A 1 185 ? -13.823 -5.728  0.723   1.00 14.81 ? 185 TYR A C   1 
ATOM   1415 O O   . TYR A 1 185 ? -13.547 -5.842  -0.474  1.00 16.76 ? 185 TYR A O   1 
ATOM   1416 C CB  . TYR A 1 185 ? -16.270 -6.105  1.077   1.00 16.82 ? 185 TYR A CB  1 
ATOM   1417 C CG  . TYR A 1 185 ? -15.956 -7.338  1.919   1.00 15.82 ? 185 TYR A CG  1 
ATOM   1418 C CD1 . TYR A 1 185 ? -16.076 -7.281  3.295   1.00 14.92 ? 185 TYR A CD1 1 
ATOM   1419 C CD2 . TYR A 1 185 ? -15.577 -8.545  1.319   1.00 16.99 ? 185 TYR A CD2 1 
ATOM   1420 C CE1 . TYR A 1 185 ? -15.765 -8.377  4.079   1.00 16.86 ? 185 TYR A CE1 1 
ATOM   1421 C CE2 . TYR A 1 185 ? -15.273 -9.663  2.102   1.00 18.04 ? 185 TYR A CE2 1 
ATOM   1422 C CZ  . TYR A 1 185 ? -15.358 -9.549  3.490   1.00 17.32 ? 185 TYR A CZ  1 
ATOM   1423 O OH  . TYR A 1 185 ? -15.071 -10.614 4.307   1.00 19.46 ? 185 TYR A OH  1 
ATOM   1424 N N   . ALA A 1 186 ? -13.036 -6.146  1.713   1.00 14.42 ? 186 ALA A N   1 
ATOM   1425 C CA  . ALA A 1 186 ? -11.836 -6.929  1.354   1.00 14.60 ? 186 ALA A CA  1 
ATOM   1426 C C   . ALA A 1 186 ? -11.477 -7.840  2.521   1.00 14.49 ? 186 ALA A C   1 
ATOM   1427 O O   . ALA A 1 186 ? -11.729 -7.540  3.698   1.00 14.80 ? 186 ALA A O   1 
ATOM   1428 C CB  . ALA A 1 186 ? -10.653 -5.988  1.101   1.00 16.58 ? 186 ALA A CB  1 
ATOM   1429 N N   . ARG A 1 187 ? -10.973 -9.020  2.224   1.00 12.89 ? 187 ARG A N   1 
ATOM   1430 C CA  . ARG A 1 187 ? -10.455 -9.973  3.221   1.00 13.51 ? 187 ARG A CA  1 
ATOM   1431 C C   . ARG A 1 187 ? -9.144  -10.511 2.632   1.00 13.13 ? 187 ARG A C   1 
ATOM   1432 O O   . ARG A 1 187 ? -9.171  -11.258 1.669   1.00 15.56 ? 187 ARG A O   1 
ATOM   1433 C CB  A ARG A 1 187 ? -11.522 -11.037 3.506   0.60 13.27 ? 187 ARG A CB  1 
ATOM   1434 C CB  B ARG A 1 187 ? -11.435 -11.135 3.461   0.40 14.93 ? 187 ARG A CB  1 
ATOM   1435 C CG  A ARG A 1 187 ? -11.181 -11.872 4.766   0.60 15.50 ? 187 ARG A CG  1 
ATOM   1436 C CG  B ARG A 1 187 ? -10.914 -12.115 4.528   0.40 17.58 ? 187 ARG A CG  1 
ATOM   1437 C CD  A ARG A 1 187 ? -12.150 -13.068 4.813   0.60 17.20 ? 187 ARG A CD  1 
ATOM   1438 C CD  B ARG A 1 187 ? -11.830 -13.322 4.702   0.40 20.48 ? 187 ARG A CD  1 
ATOM   1439 N NE  A ARG A 1 187 ? -11.785 -14.005 5.844   0.60 17.26 ? 187 ARG A NE  1 
ATOM   1440 N NE  B ARG A 1 187 ? -12.826 -13.167 5.735   0.40 21.59 ? 187 ARG A NE  1 
ATOM   1441 C CZ  A ARG A 1 187 ? -10.895 -14.985 5.925   0.60 18.38 ? 187 ARG A CZ  1 
ATOM   1442 C CZ  B ARG A 1 187 ? -13.139 -13.878 6.798   0.40 23.07 ? 187 ARG A CZ  1 
ATOM   1443 N NH1 A ARG A 1 187 ? -10.057 -15.349 4.960   0.60 19.51 ? 187 ARG A NH1 1 
ATOM   1444 N NH1 B ARG A 1 187 ? -12.529 -14.995 7.173   0.40 22.41 ? 187 ARG A NH1 1 
ATOM   1445 N NH2 A ARG A 1 187 ? -10.851 -15.642 7.104   0.60 22.70 ? 187 ARG A NH2 1 
ATOM   1446 N NH2 B ARG A 1 187 ? -14.146 -13.449 7.570   0.40 22.41 ? 187 ARG A NH2 1 
ATOM   1447 N N   . ILE A 1 188 ? -7.997  -10.123 3.203   1.00 10.80 ? 188 ILE A N   1 
ATOM   1448 C CA  . ILE A 1 188 ? -6.691  -10.445 2.565   1.00 13.03 ? 188 ILE A CA  1 
ATOM   1449 C C   . ILE A 1 188 ? -5.777  -11.160 3.561   1.00 10.81 ? 188 ILE A C   1 
ATOM   1450 O O   . ILE A 1 188 ? -5.739  -10.814 4.747   1.00 12.97 ? 188 ILE A O   1 
ATOM   1451 C CB  . ILE A 1 188 ? -6.044  -9.079  2.229   1.00 14.14 ? 188 ILE A CB  1 
ATOM   1452 C CG1 . ILE A 1 188 ? -6.923  -8.185  1.287   1.00 16.21 ? 188 ILE A CG1 1 
ATOM   1453 C CG2 . ILE A 1 188 ? -4.634  -9.255  1.631   1.00 14.48 ? 188 ILE A CG2 1 
ATOM   1454 C CD1 . ILE A 1 188 ? -7.113  -8.802  -0.056  1.00 20.02 ? 188 ILE A CD1 1 
ATOM   1455 N N   . THR A 1 189 ? -5.023  -12.149 3.042   1.00 12.87 ? 189 THR A N   1 
ATOM   1456 C CA  . THR A 1 189 ? -4.009  -12.866 3.897   1.00 13.54 ? 189 THR A CA  1 
ATOM   1457 C C   . THR A 1 189 ? -2.629  -12.670 3.262   1.00 10.76 ? 189 THR A C   1 
ATOM   1458 O O   . THR A 1 189 ? -2.444  -12.901 2.055   1.00 13.70 ? 189 THR A O   1 
ATOM   1459 C CB  . THR A 1 189 ? -4.326  -14.364 3.878   1.00 13.97 ? 189 THR A CB  1 
ATOM   1460 O OG1 . THR A 1 189 ? -5.668  -14.561 4.411   1.00 16.70 ? 189 THR A OG1 1 
ATOM   1461 C CG2 . THR A 1 189 ? -3.397  -15.130 4.830   1.00 15.48 ? 189 THR A CG2 1 
ATOM   1462 N N   . VAL A 1 190 ? -1.618  -12.259 4.067   1.00 12.17 ? 190 VAL A N   1 
ATOM   1463 C CA  . VAL A 1 190 ? -0.274  -12.020 3.557   1.00 10.93 ? 190 VAL A CA  1 
ATOM   1464 C C   . VAL A 1 190 ? 0.722   -13.017 4.189   1.00 14.99 ? 190 VAL A C   1 
ATOM   1465 O O   . VAL A 1 190 ? 0.434   -13.634 5.240   1.00 14.23 ? 190 VAL A O   1 
ATOM   1466 C CB  . VAL A 1 190 ? 0.164   -10.591 3.990   1.00 14.82 ? 190 VAL A CB  1 
ATOM   1467 C CG1 . VAL A 1 190 ? -0.919  -9.536  3.686   1.00 15.55 ? 190 VAL A CG1 1 
ATOM   1468 C CG2 . VAL A 1 190 ? 0.582   -10.398 5.430   1.00 15.88 ? 190 VAL A CG2 1 
ATOM   1469 N N   . ALA A 1 191 ? 1.851   -13.146 3.491   1.00 13.48 ? 191 ALA A N   1 
ATOM   1470 C CA  . ALA A 1 191 ? 2.907   -14.050 3.997   1.00 13.09 ? 191 ALA A CA  1 
ATOM   1471 C C   . ALA A 1 191 ? 4.236   -13.647 3.390   1.00 14.46 ? 191 ALA A C   1 
ATOM   1472 O O   . ALA A 1 191 ? 4.318   -13.127 2.276   1.00 16.07 ? 191 ALA A O   1 
ATOM   1473 C CB  . ALA A 1 191 ? 2.602   -15.512 3.638   1.00 16.13 ? 191 ALA A CB  1 
ATOM   1474 N N   . ASP A 1 192 ? 5.310   -13.933 4.152   1.00 14.72 ? 192 ASP A N   1 
ATOM   1475 C CA  . ASP A 1 192 ? 6.688   -13.717 3.624   1.00 15.36 ? 192 ASP A CA  1 
ATOM   1476 C C   . ASP A 1 192 ? 7.179   -15.057 3.084   1.00 16.26 ? 192 ASP A C   1 
ATOM   1477 O O   . ASP A 1 192 ? 7.327   -16.017 3.893   1.00 17.29 ? 192 ASP A O   1 
ATOM   1478 C CB  . ASP A 1 192 ? 7.560   -13.206 4.794   1.00 17.49 ? 192 ASP A CB  1 
ATOM   1479 C CG  . ASP A 1 192 ? 8.991   -12.962 4.380   1.00 17.15 ? 192 ASP A CG  1 
ATOM   1480 O OD1 . ASP A 1 192 ? 9.505   -13.412 3.359   1.00 18.20 ? 192 ASP A OD1 1 
ATOM   1481 O OD2 . ASP A 1 192 ? 9.682   -12.182 5.071   1.00 18.62 ? 192 ASP A OD2 1 
ATOM   1482 N N   . VAL A 1 193 ? 7.361   -15.180 1.773   1.00 15.01 ? 193 VAL A N   1 
ATOM   1483 C CA  . VAL A 1 193 ? 7.798   -16.455 1.196   1.00 17.10 ? 193 VAL A CA  1 
ATOM   1484 C C   . VAL A 1 193 ? 9.258   -16.453 0.767   1.00 20.40 ? 193 VAL A C   1 
ATOM   1485 O O   . VAL A 1 193 ? 9.670   -17.379 0.042   1.00 23.32 ? 193 VAL A O   1 
ATOM   1486 C CB  . VAL A 1 193 ? 6.912   -16.887 0.019   1.00 16.99 ? 193 VAL A CB  1 
ATOM   1487 C CG1 . VAL A 1 193 ? 5.457   -17.127 0.465   1.00 17.05 ? 193 VAL A CG1 1 
ATOM   1488 C CG2 . VAL A 1 193 ? 6.877   -15.830 -1.081  1.00 19.45 ? 193 VAL A CG2 1 
ATOM   1489 N N   . GLY A 1 194 ? 10.060  -15.532 1.263   1.00 17.71 ? 194 GLY A N   1 
ATOM   1490 C CA  . GLY A 1 194 ? 11.500  -15.526 0.909   1.00 19.58 ? 194 GLY A CA  1 
ATOM   1491 C C   . GLY A 1 194 ? 12.360  -16.171 2.010   1.00 22.19 ? 194 GLY A C   1 
ATOM   1492 O O   . GLY A 1 194 ? 11.813  -16.734 2.981   1.00 22.77 ? 194 GLY A O   1 
ATOM   1493 O OXT . GLY A 1 194 ? 13.628  -16.043 1.840   1.00 21.51 ? 194 GLY A OXT 1 
HETATM 1494 O O   . HOH B 2 .   ? 12.281  12.426  0.283   1.00 17.98 ? 201 HOH A O   1 
HETATM 1495 O O   . HOH B 2 .   ? 12.505  -9.174  -3.844  1.00 25.59 ? 202 HOH A O   1 
HETATM 1496 O O   . HOH B 2 .   ? 8.238   -7.698  11.074  1.00 23.05 ? 203 HOH A O   1 
HETATM 1497 O O   . HOH B 2 .   ? 14.589  5.544   0.535   1.00 22.00 ? 204 HOH A O   1 
HETATM 1498 O O   . HOH B 2 .   ? -19.391 -9.431  -0.683  1.00 23.48 ? 205 HOH A O   1 
HETATM 1499 O O   . HOH B 2 .   ? 13.678  12.132  6.358   1.00 21.42 ? 206 HOH A O   1 
HETATM 1500 O O   . HOH B 2 .   ? -15.522 6.101   1.698   1.00 23.54 ? 207 HOH A O   1 
HETATM 1501 O O   . HOH B 2 .   ? -14.082 -6.012  9.414   1.00 25.60 ? 208 HOH A O   1 
HETATM 1502 O O   . HOH B 2 .   ? -21.461 7.270   -3.931  1.00 22.86 ? 209 HOH A O   1 
HETATM 1503 O O   . HOH B 2 .   ? 9.840   16.642  5.443   1.00 24.07 ? 210 HOH A O   1 
HETATM 1504 O O   . HOH B 2 .   ? -2.841  2.909   7.730   1.00 28.18 ? 211 HOH A O   1 
HETATM 1505 O O   . HOH B 2 .   ? 13.809  -6.714  -13.422 1.00 44.39 ? 212 HOH A O   1 
HETATM 1506 O O   . HOH B 2 .   ? -9.238  -6.510  15.339  1.00 30.98 ? 213 HOH A O   1 
HETATM 1507 O O   . HOH B 2 .   ? 4.945   -14.893 6.913   1.00 24.34 ? 214 HOH A O   1 
HETATM 1508 O O   . HOH B 2 .   ? 16.857  0.956   2.322   1.00 29.07 ? 215 HOH A O   1 
HETATM 1509 O O   . HOH B 2 .   ? -14.321 1.394   -3.360  1.00 30.29 ? 216 HOH A O   1 
HETATM 1510 O O   . HOH B 2 .   ? -9.388  3.718   -7.978  1.00 28.54 ? 217 HOH A O   1 
HETATM 1511 O O   . HOH B 2 .   ? 16.495  -6.498  1.327   1.00 34.18 ? 218 HOH A O   1 
HETATM 1512 O O   . HOH B 2 .   ? -3.376  4.648   12.579  1.00 33.72 ? 219 HOH A O   1 
HETATM 1513 O O   . HOH B 2 .   ? -18.271 -4.468  -3.056  1.00 35.80 ? 220 HOH A O   1 
HETATM 1514 O O   . HOH B 2 .   ? 6.472   -13.185 8.387   1.00 26.29 ? 221 HOH A O   1 
HETATM 1515 O O   . HOH B 2 .   ? 12.230  4.690   9.866   1.00 33.76 ? 222 HOH A O   1 
HETATM 1516 O O   . HOH B 2 .   ? 16.051  0.110   6.841   1.00 26.37 ? 223 HOH A O   1 
HETATM 1517 O O   . HOH B 2 .   ? 15.471  -2.589  6.431   1.00 29.22 ? 224 HOH A O   1 
HETATM 1518 O O   . HOH B 2 .   ? 16.559  -3.290  3.108   1.00 31.25 ? 225 HOH A O   1 
HETATM 1519 O O   . HOH B 2 .   ? 1.921   -6.635  -19.153 1.00 39.63 ? 226 HOH A O   1 
HETATM 1520 O O   . HOH B 2 .   ? -9.676  6.880   15.970  1.00 31.97 ? 227 HOH A O   1 
HETATM 1521 O O   . HOH B 2 .   ? 13.958  1.978   -14.057 1.00 33.48 ? 228 HOH A O   1 
HETATM 1522 O O   . HOH B 2 .   ? -11.210 -10.866 -5.294  1.00 35.51 ? 229 HOH A O   1 
HETATM 1523 O O   . HOH B 2 .   ? -7.725  5.507   -4.392  1.00 34.96 ? 230 HOH A O   1 
HETATM 1524 O O   . HOH B 2 .   ? 11.952  -7.183  9.054   1.00 33.28 ? 231 HOH A O   1 
HETATM 1525 O O   . HOH B 2 .   ? 0.803   18.594  -1.904  1.00 45.21 ? 232 HOH A O   1 
HETATM 1526 O O   . HOH B 2 .   ? 3.190   -14.335 -8.614  1.00 34.01 ? 233 HOH A O   1 
HETATM 1527 O O   . HOH B 2 .   ? 14.005  -11.083 1.880   1.00 29.92 ? 234 HOH A O   1 
HETATM 1528 O O   . HOH B 2 .   ? -18.501 -6.491  -1.528  1.00 31.18 ? 235 HOH A O   1 
HETATM 1529 O O   . HOH B 2 .   ? 8.319   -11.304 -15.100 1.00 44.90 ? 236 HOH A O   1 
HETATM 1530 O O   . HOH B 2 .   ? -3.985  -10.253 -14.095 1.00 42.38 ? 237 HOH A O   1 
HETATM 1531 O O   . HOH B 2 .   ? 9.015   -0.362  4.200   1.00 17.51 ? 238 HOH A O   1 
HETATM 1532 O O   . HOH B 2 .   ? 5.956   -9.562  10.772  1.00 31.11 ? 239 HOH A O   1 
HETATM 1533 O O   . HOH B 2 .   ? 19.749  4.947   -3.652  1.00 38.38 ? 240 HOH A O   1 
HETATM 1534 O O   . HOH B 2 .   ? 14.650  0.531   9.805   1.00 33.58 ? 241 HOH A O   1 
HETATM 1535 O O   . HOH B 2 .   ? -0.226  10.444  0.802   1.00 40.90 ? 242 HOH A O   1 
HETATM 1536 O O   . HOH B 2 .   ? 13.146  10.970  -2.310  1.00 32.95 ? 243 HOH A O   1 
HETATM 1537 O O   . HOH B 2 .   ? 9.759   -16.917 4.777   1.00 32.72 ? 244 HOH A O   1 
HETATM 1538 O O   . HOH B 2 .   ? 15.468  -2.593  -13.375 1.00 45.86 ? 245 HOH A O   1 
HETATM 1539 O O   . HOH B 2 .   ? -6.477  -12.408 -9.506  1.00 49.41 ? 246 HOH A O   1 
HETATM 1540 O O   . HOH B 2 .   ? -0.149  3.549   -14.797 1.00 47.98 ? 247 HOH A O   1 
HETATM 1541 O O   . HOH B 2 .   ? -20.342 5.433   5.499   1.00 33.19 ? 248 HOH A O   1 
HETATM 1542 O O   . HOH B 2 .   ? -7.348  -15.712 1.839   1.00 39.69 ? 249 HOH A O   1 
HETATM 1543 O O   . HOH B 2 .   ? 16.418  -4.344  8.831   1.00 36.81 ? 250 HOH A O   1 
HETATM 1544 O O   . HOH B 2 .   ? 7.045   -16.863 6.596   1.00 43.93 ? 251 HOH A O   1 
HETATM 1545 O O   . HOH B 2 .   ? -10.669 -15.593 -3.217  1.00 54.55 ? 252 HOH A O   1 
HETATM 1546 O O   . HOH B 2 .   ? 2.890   4.807   -12.179 1.00 36.76 ? 253 HOH A O   1 
HETATM 1547 O O   . HOH B 2 .   ? 12.371  17.398  -7.671  1.00 54.63 ? 254 HOH A O   1 
HETATM 1548 O O   . HOH B 2 .   ? 10.984  14.301  8.206   1.00 33.15 ? 255 HOH A O   1 
HETATM 1549 O O   . HOH B 2 .   ? 4.326   16.134  -7.484  1.00 43.94 ? 256 HOH A O   1 
HETATM 1550 O O   . HOH B 2 .   ? -6.004  -14.331 16.469  1.00 48.00 ? 257 HOH A O   1 
HETATM 1551 O O   . HOH B 2 .   ? 11.601  11.956  8.978   1.00 45.81 ? 258 HOH A O   1 
HETATM 1552 O O   . HOH B 2 .   ? -1.538  -10.728 -13.726 1.00 30.34 ? 259 HOH A O   1 
HETATM 1553 O O   . HOH B 2 .   ? 2.471   5.816   11.848  1.00 39.30 ? 260 HOH A O   1 
HETATM 1554 O O   . HOH B 2 .   ? -18.118 12.693  4.134   1.00 42.81 ? 261 HOH A O   1 
HETATM 1555 O O   . HOH B 2 .   ? -12.051 -6.902  -7.860  1.00 49.63 ? 262 HOH A O   1 
HETATM 1556 O O   . HOH B 2 .   ? -9.150  10.214  12.113  1.00 48.59 ? 263 HOH A O   1 
HETATM 1557 O O   . HOH B 2 .   ? 0.592   5.530   9.018   1.00 41.77 ? 264 HOH A O   1 
HETATM 1558 O O   . HOH B 2 .   ? 8.769   21.957  2.268   1.00 40.06 ? 265 HOH A O   1 
HETATM 1559 O O   . HOH B 2 .   ? -6.176  -5.320  -15.805 1.00 45.05 ? 266 HOH A O   1 
HETATM 1560 O O   . HOH B 2 .   ? 20.064  -4.346  -5.908  1.00 56.84 ? 267 HOH A O   1 
HETATM 1561 O O   . HOH B 2 .   ? -2.255  -13.136 -12.318 1.00 50.22 ? 268 HOH A O   1 
HETATM 1562 O O   . HOH B 2 .   ? 14.419  -14.346 0.107   1.00 38.05 ? 269 HOH A O   1 
HETATM 1563 O O   . HOH B 2 .   ? -2.030  11.055  -1.608  1.00 53.50 ? 270 HOH A O   1 
HETATM 1564 O O   . HOH B 2 .   ? -8.246  -0.345  16.431  1.00 38.06 ? 271 HOH A O   1 
HETATM 1565 O O   . HOH B 2 .   ? 11.166  0.233   12.113  1.00 37.24 ? 272 HOH A O   1 
HETATM 1566 O O   . HOH B 2 .   ? 11.842  15.436  -4.937  1.00 41.79 ? 273 HOH A O   1 
HETATM 1567 O O   . HOH B 2 .   ? -1.774  -16.777 8.379   1.00 31.69 ? 274 HOH A O   1 
HETATM 1568 O O   . HOH B 2 .   ? 19.682  6.743   5.085   1.00 42.50 ? 275 HOH A O   1 
HETATM 1569 O O   . HOH B 2 .   ? 4.982   12.583  -16.818 1.00 52.55 ? 276 HOH A O   1 
HETATM 1570 O O   . HOH B 2 .   ? 10.810  -16.782 -2.411  1.00 50.45 ? 277 HOH A O   1 
HETATM 1571 O O   . HOH B 2 .   ? 5.706   -7.455  -8.548  1.00 20.69 ? 278 HOH A O   1 
HETATM 1572 O O   . HOH B 2 .   ? -0.587  -17.539 -5.542  1.00 43.76 ? 279 HOH A O   1 
HETATM 1573 O O   . HOH B 2 .   ? -3.487  9.104   -5.025  1.00 45.59 ? 280 HOH A O   1 
HETATM 1574 O O   . HOH B 2 .   ? -9.358  -16.097 11.937  1.00 45.73 ? 281 HOH A O   1 
HETATM 1575 O O   . HOH B 2 .   ? 18.113  -5.497  -1.617  1.00 56.56 ? 282 HOH A O   1 
HETATM 1576 O O   . HOH B 2 .   ? -9.637  -7.663  -10.689 1.00 49.23 ? 283 HOH A O   1 
HETATM 1577 O O   . HOH B 2 .   ? -1.429  -11.327 -16.510 1.00 49.13 ? 284 HOH A O   1 
HETATM 1578 O O   . HOH B 2 .   ? 12.089  -5.032  -17.038 1.00 37.88 ? 285 HOH A O   1 
HETATM 1579 O O   . HOH B 2 .   ? 16.662  -4.655  -4.399  1.00 52.46 ? 286 HOH A O   1 
HETATM 1580 O O   . HOH B 2 .   ? -22.240 3.579   1.560   1.00 40.97 ? 287 HOH A O   1 
HETATM 1581 O O   . HOH B 2 .   ? -13.629 -15.219 10.281  1.00 42.33 ? 288 HOH A O   1 
HETATM 1582 O O   . HOH B 2 .   ? 1.162   -16.030 13.348  1.00 43.33 ? 289 HOH A O   1 
HETATM 1583 O O   . HOH B 2 .   ? -3.554  14.412  -10.935 1.00 52.76 ? 290 HOH A O   1 
HETATM 1584 O O   . HOH B 2 .   ? 6.917   16.316  -14.329 1.00 52.52 ? 291 HOH A O   1 
HETATM 1585 O O   . HOH B 2 .   ? 22.192  9.936   -3.602  1.00 43.94 ? 292 HOH A O   1 
HETATM 1586 O O   . HOH B 2 .   ? -2.373  7.950   -2.195  1.00 55.33 ? 293 HOH A O   1 
HETATM 1587 O O   . HOH B 2 .   ? 0.494   -15.821 -9.218  1.00 53.68 ? 294 HOH A O   1 
HETATM 1588 O O   . HOH B 2 .   ? 2.494   -10.092 -19.776 1.00 53.85 ? 295 HOH A O   1 
HETATM 1589 O O   . HOH B 2 .   ? 12.779  -0.032  -15.466 1.00 58.05 ? 296 HOH A O   1 
HETATM 1590 O O   . HOH B 2 .   ? -3.026  -2.501  -10.724 1.00 33.87 ? 297 HOH A O   1 
HETATM 1591 O O   . HOH B 2 .   ? 12.195  -15.224 -3.975  1.00 49.57 ? 298 HOH A O   1 
HETATM 1592 O O   . HOH B 2 .   ? -8.636  -10.815 -9.680  1.00 57.48 ? 299 HOH A O   1 
HETATM 1593 O O   . HOH B 2 .   ? -5.843  -17.263 -5.609  1.00 58.32 ? 300 HOH A O   1 
HETATM 1594 O O   . HOH B 2 .   ? -2.470  17.193  -5.205  1.00 45.75 ? 301 HOH A O   1 
HETATM 1595 O O   . HOH B 2 .   ? -14.180 12.634  5.160   1.00 41.24 ? 302 HOH A O   1 
HETATM 1596 O O   . HOH B 2 .   ? 2.876   -14.728 16.752  1.00 52.64 ? 303 HOH A O   1 
HETATM 1597 O O   . HOH B 2 .   ? 14.989  -9.050  -5.798  1.00 45.91 ? 304 HOH A O   1 
HETATM 1598 O O   . HOH B 2 .   ? 3.393   -12.385 -18.334 1.00 50.82 ? 305 HOH A O   1 
HETATM 1599 O O   . HOH B 2 .   ? -14.491 -0.331  -8.480  1.00 43.29 ? 306 HOH A O   1 
HETATM 1600 O O   . HOH B 2 .   ? -2.802  -17.011 -6.888  1.00 52.10 ? 307 HOH A O   1 
HETATM 1601 O O   . HOH B 2 .   ? -6.882  -8.319  -15.083 1.00 54.41 ? 308 HOH A O   1 
HETATM 1602 O O   . HOH B 2 .   ? 9.214   -13.199 8.088   1.00 34.73 ? 309 HOH A O   1 
HETATM 1603 O O   . HOH B 2 .   ? -1.628  10.604  -8.255  1.00 40.86 ? 310 HOH A O   1 
HETATM 1604 O O   . HOH B 2 .   ? -3.099  -13.965 -9.807  1.00 41.68 ? 311 HOH A O   1 
HETATM 1605 O O   . HOH B 2 .   ? -3.169  -4.590  -19.984 1.00 55.51 ? 312 HOH A O   1 
HETATM 1606 O O   . HOH B 2 .   ? 14.284  -13.536 -10.799 1.00 49.29 ? 313 HOH A O   1 
HETATM 1607 O O   . HOH B 2 .   ? -10.879 5.165   12.236  1.00 28.01 ? 314 HOH A O   1 
HETATM 1608 O O   . HOH B 2 .   ? -8.289  -12.737 15.763  1.00 55.77 ? 315 HOH A O   1 
HETATM 1609 O O   . HOH B 2 .   ? 9.467   -19.756 4.432   1.00 45.09 ? 316 HOH A O   1 
HETATM 1610 O O   . HOH B 2 .   ? 3.466   7.487   -13.645 1.00 45.53 ? 317 HOH A O   1 
HETATM 1611 O O   . HOH B 2 .   ? 4.871   -13.648 10.801  1.00 49.28 ? 318 HOH A O   1 
HETATM 1612 O O   . HOH B 2 .   ? 22.810  6.914   -4.179  1.00 59.83 ? 319 HOH A O   1 
HETATM 1613 O O   . HOH B 2 .   ? -7.956  -13.698 3.095   1.00 42.49 ? 320 HOH A O   1 
HETATM 1614 O O   . HOH B 2 .   ? 8.325   3.203   -21.022 1.00 51.69 ? 321 HOH A O   1 
HETATM 1615 O O   . HOH B 2 .   ? 3.733   14.960  -10.135 1.00 51.64 ? 322 HOH A O   1 
HETATM 1616 O O   . HOH B 2 .   ? -0.194  6.082   14.104  1.00 49.70 ? 323 HOH A O   1 
HETATM 1617 O O   . HOH B 2 .   ? -14.106 6.741   8.637   1.00 43.08 ? 324 HOH A O   1 
HETATM 1618 O O   . HOH B 2 .   ? -10.187 -14.089 2.056   1.00 40.84 ? 325 HOH A O   1 
HETATM 1619 O O   . HOH B 2 .   ? 9.854   20.436  -5.002  1.00 36.16 ? 326 HOH A O   1 
HETATM 1620 O O   . HOH B 2 .   ? 19.475  7.519   2.673   1.00 36.20 ? 327 HOH A O   1 
HETATM 1621 O O   . HOH B 2 .   ? 22.341  5.342   -1.045  1.00 34.61 ? 328 HOH A O   1 
# 
